data_8F1E
#
_entry.id   8F1E
#
_cell.length_a   1.00
_cell.length_b   1.00
_cell.length_c   1.00
_cell.angle_alpha   90.00
_cell.angle_beta   90.00
_cell.angle_gamma   90.00
#
_symmetry.space_group_name_H-M   'P 1'
#
loop_
_entity.id
_entity.type
_entity.pdbx_description
1 polymer 'Importin subunit beta-5'
2 polymer 'Histone H2A.2'
3 polymer 'Histone H2B.2'
4 polymer 'GTP-binding nuclear protein GSP1/CNR1'
5 non-polymer 'MAGNESIUM ION'
6 non-polymer "GUANOSINE-5'-TRIPHOSPHATE"
#
loop_
_entity_poly.entity_id
_entity_poly.type
_entity_poly.pdbx_seq_one_letter_code
_entity_poly.pdbx_strand_id
1 'polypeptide(L)'
;MDINELIIGAQSADKHTREVAETQLLQWCDSDASQVFKALANVALQHEASLESRQFALLSLRKLITMYWSPGFESYRSTS
NVEIDVKDFIREVLLKLCLNDNENTKIKNGASYCIVQISAVDFPDQWPQLLTVIYDAISHQHSLNAMSLLNEIYDDVVSE
EMFFEGGIGLATMEIVFKVLNTETSTLIAKIAALKLLKACLLQMSSHNEYDEASRKSFVSQCLATSLQILGQLLTLNFGN
VDVISQLKFKSIIYENLVFIKNDFSRKHFSSELQKQFKIMAIQDLENVTHINANVETTESEPLLETVHDCSIYIVEFLTS
VCTLQFSVEEMNKIITSLTILCQLSSETREIWTSDFNTFVSKETGLAASYNVRDQANEFFTSLPNPQLSLIFKVVSNDIE
HSTCNYSTLESLLYLLQCILLNDDEITGENIDQSLQILIKTLENILVSQEIPELILARAILTIPRVLDKFIDALPDIKPL
TSAFLAKSLNLALKSDKELIKSATLIAFTYYCYFAELDSVLGPEVCSETQEKVIRIINQVSSDAEEDTNGALMEVLSQVI
SYNPKEPHSRKEILQAEFHLVFTISSEDPANVQVVVQSQECLEKLLDNINMDNYKNYIELCLPSFINVLDSNNANNYRYS
PLLSLVLEFITVFLKKKPNDGFLPDEINQYLFEPLAKVLAFSTEDETLQLATEAFSYLIFNTDTRAMEPRLMDIMKVLER
LLSLEVSDSAAMNVGPLVVAIFTRFSKEIQPLIGRILEAVVVRLIKTQNISTEQNLLSVLCFLTCNDPKQTVDFLSSFQI
DNTDALTLVMRKWIEAFEVIRGEKRIKENIVALSNLFFLNDKRLQKVVVNGNLIPYEGDLIITRSMAKKMPDRYVQVPLY
TKIIKLFVSELSFQSKQPNPEQLITSDIKQEVVNANKDDDNDDWEDVDDVLDYDKLKEYIDDDVDEEADDDSDDITGLMD
VKESVVQLLVRFFKEVASKDVSGFHCIYETLSDSERKVLSEALL
;
A
2 'polypeptide(L)'
;SGGKGGKAGSAAKASQSRSAKAGLTFPVGRVHRLLRRGNYAQRIGSGAPVYLTAVLEYLAAEILELAGNAARDNKKTRII
PRHLQLAIRNDDELNKLLGNVTIAQGGVLPNIHQNLLPKKSAKTAKASQEL
;
B
3 'polypeptide(L)'
;SSAAEKKPASKAPAEKKPAAKKTSTSVDGKKRSKVRKETYSSYIYKVLKQTHPDTGISQKSMSILNSFVNDIFERIATEA
SKLAAYNKKSTISAREIQTAVRLILPGELAKHAVSEGTRAVTKYSSSTQA
;
C
4 'polypeptide(L)'
;MSAPAANGEVPTFKLVLVGDGGTGKTTFVKRHLTGEFEKKYIATIGVEVHPLSFYTNFGEIKFDVWDTAGLEKFGGLRDG
YYINAQCAIIMFDVTSRITYKNVPNWHRDLVRVCENIPIVLCGNKVDVKERKVKAKTITFHRKKNLQYYDISAKSNYNFE
KPFLWLARKLAGNPQLEFV
;
D
#
loop_
_chem_comp.id
_chem_comp.type
_chem_comp.name
_chem_comp.formula
GTP non-polymer GUANOSINE-5'-TRIPHOSPHATE 'C10 H16 N5 O14 P3'
MG non-polymer 'MAGNESIUM ION' 'Mg 2'
#
# COMPACT_ATOMS: atom_id res chain seq x y z
N MET A 1 -3.05 32.95 33.38
CA MET A 1 -2.93 31.60 32.86
C MET A 1 -1.87 30.80 33.62
N ASP A 2 -2.06 29.48 33.68
CA ASP A 2 -1.14 28.59 34.36
C ASP A 2 -0.72 27.48 33.41
N ILE A 3 0.58 27.23 33.32
CA ILE A 3 1.08 26.18 32.44
C ILE A 3 0.68 24.80 32.98
N ASN A 4 0.68 24.63 34.30
CA ASN A 4 0.29 23.35 34.88
C ASN A 4 -1.17 23.04 34.59
N GLU A 5 -2.04 24.04 34.67
CA GLU A 5 -3.45 23.83 34.34
C GLU A 5 -3.64 23.59 32.86
N LEU A 6 -2.76 24.11 32.01
CA LEU A 6 -2.91 23.95 30.57
C LEU A 6 -2.53 22.54 30.13
N ILE A 7 -1.45 21.99 30.69
CA ILE A 7 -0.98 20.68 30.23
C ILE A 7 -1.94 19.57 30.64
N ILE A 8 -2.49 19.67 31.85
CA ILE A 8 -3.40 18.61 32.32
C ILE A 8 -4.66 18.58 31.46
N GLY A 9 -5.12 19.74 31.02
CA GLY A 9 -6.27 19.80 30.12
C GLY A 9 -5.94 19.54 28.67
N ALA A 10 -4.66 19.56 28.30
CA ALA A 10 -4.26 19.35 26.91
C ALA A 10 -4.22 17.88 26.53
N GLN A 11 -4.22 16.97 27.50
CA GLN A 11 -4.22 15.53 27.23
C GLN A 11 -5.56 14.88 27.52
N SER A 12 -6.60 15.68 27.74
CA SER A 12 -7.92 15.12 28.01
C SER A 12 -8.47 14.42 26.79
N ALA A 13 -9.25 13.37 27.02
CA ALA A 13 -9.82 12.59 25.94
C ALA A 13 -10.81 13.41 25.12
N ASP A 14 -11.58 14.27 25.77
CA ASP A 14 -12.61 15.03 25.08
C ASP A 14 -11.99 15.94 24.02
N LYS A 15 -12.65 16.00 22.86
CA LYS A 15 -12.12 16.80 21.75
C LYS A 15 -12.13 18.28 22.09
N HIS A 16 -13.20 18.77 22.73
CA HIS A 16 -13.34 20.20 22.96
C HIS A 16 -12.28 20.71 23.92
N THR A 17 -12.12 20.05 25.08
CA THR A 17 -11.15 20.51 26.07
C THR A 17 -9.73 20.40 25.53
N ARG A 18 -9.42 19.32 24.81
CA ARG A 18 -8.09 19.18 24.24
C ARG A 18 -7.82 20.26 23.19
N GLU A 19 -8.82 20.56 22.35
CA GLU A 19 -8.62 21.51 21.27
C GLU A 19 -8.35 22.91 21.82
N VAL A 20 -9.16 23.36 22.79
CA VAL A 20 -9.00 24.70 23.31
C VAL A 20 -7.68 24.83 24.07
N ALA A 21 -7.32 23.81 24.85
CA ALA A 21 -6.05 23.86 25.58
C ALA A 21 -4.86 23.85 24.62
N GLU A 22 -4.92 23.03 23.57
CA GLU A 22 -3.83 22.96 22.61
C GLU A 22 -3.68 24.28 21.86
N THR A 23 -4.80 24.85 21.41
CA THR A 23 -4.73 26.10 20.66
C THR A 23 -4.42 27.29 21.55
N GLN A 24 -4.70 27.20 22.86
CA GLN A 24 -4.35 28.29 23.76
C GLN A 24 -2.84 28.33 24.00
N LEU A 25 -2.23 27.16 24.23
CA LEU A 25 -0.79 27.10 24.47
C LEU A 25 -0.02 27.57 23.25
N LEU A 26 -0.42 27.11 22.06
CA LEU A 26 0.27 27.51 20.84
C LEU A 26 0.12 29.00 20.59
N GLN A 27 -1.08 29.53 20.79
CA GLN A 27 -1.28 30.97 20.64
C GLN A 27 -0.50 31.74 21.70
N TRP A 28 -0.50 31.25 22.95
CA TRP A 28 0.27 31.90 24.00
C TRP A 28 1.76 31.85 23.69
N CYS A 29 2.25 30.70 23.22
CA CYS A 29 3.65 30.58 22.86
C CYS A 29 4.01 31.37 21.62
N ASP A 30 3.01 31.78 20.82
CA ASP A 30 3.29 32.57 19.64
C ASP A 30 3.82 33.95 19.98
N SER A 31 3.47 34.47 21.15
CA SER A 31 3.95 35.76 21.62
C SER A 31 4.72 35.55 22.93
N ASP A 32 5.94 36.07 22.99
CA ASP A 32 6.83 35.89 24.14
C ASP A 32 7.05 34.41 24.43
N ALA A 33 7.62 33.72 23.43
CA ALA A 33 7.89 32.29 23.55
C ALA A 33 8.89 31.98 24.66
N SER A 34 9.71 32.96 25.05
CA SER A 34 10.66 32.73 26.14
C SER A 34 9.96 32.42 27.44
N GLN A 35 8.84 33.10 27.70
CA GLN A 35 8.09 32.85 28.94
C GLN A 35 7.58 31.41 29.00
N VAL A 36 7.04 30.91 27.89
CA VAL A 36 6.52 29.54 27.87
C VAL A 36 7.65 28.54 28.03
N PHE A 37 8.76 28.74 27.31
CA PHE A 37 9.86 27.79 27.35
C PHE A 37 10.45 27.66 28.76
N LYS A 38 10.63 28.80 29.44
CA LYS A 38 11.15 28.75 30.80
C LYS A 38 10.19 28.03 31.73
N ALA A 39 8.88 28.30 31.59
CA ALA A 39 7.90 27.63 32.42
C ALA A 39 7.81 26.14 32.08
N LEU A 40 7.87 25.80 30.80
CA LEU A 40 7.77 24.41 30.39
C LEU A 40 8.93 23.58 30.95
N ALA A 41 10.14 24.12 30.88
CA ALA A 41 11.29 23.41 31.43
C ALA A 41 11.20 23.29 32.95
N ASN A 42 10.59 24.27 33.61
CA ASN A 42 10.44 24.20 35.06
C ASN A 42 9.56 23.02 35.47
N VAL A 43 8.48 22.77 34.72
CA VAL A 43 7.58 21.68 35.05
C VAL A 43 8.32 20.34 34.95
N ALA A 44 9.10 20.16 33.88
CA ALA A 44 9.86 18.92 33.72
C ALA A 44 10.91 18.77 34.81
N LEU A 45 11.55 19.88 35.20
CA LEU A 45 12.62 19.82 36.20
C LEU A 45 12.08 19.46 37.58
N GLN A 46 10.83 19.83 37.87
CA GLN A 46 10.27 19.58 39.19
C GLN A 46 10.08 18.08 39.41
N HIS A 47 10.61 17.59 40.55
CA HIS A 47 10.45 16.17 40.88
C HIS A 47 9.07 15.85 41.41
N GLU A 48 8.44 16.79 42.13
CA GLU A 48 7.15 16.53 42.74
C GLU A 48 6.02 16.40 41.73
N ALA A 49 6.21 16.88 40.51
CA ALA A 49 5.18 16.77 39.49
C ALA A 49 5.00 15.32 39.06
N SER A 50 3.80 15.02 38.57
CA SER A 50 3.50 13.67 38.11
C SER A 50 4.34 13.31 36.90
N LEU A 51 4.62 12.01 36.75
CA LEU A 51 5.43 11.55 35.63
C LEU A 51 4.75 11.83 34.30
N GLU A 52 3.43 11.62 34.24
CA GLU A 52 2.71 11.91 33.00
C GLU A 52 2.77 13.38 32.64
N SER A 53 2.63 14.26 33.65
CA SER A 53 2.72 15.70 33.38
C SER A 53 4.10 16.08 32.89
N ARG A 54 5.16 15.54 33.51
CA ARG A 54 6.51 15.86 33.09
C ARG A 54 6.81 15.32 31.69
N GLN A 55 6.34 14.11 31.40
CA GLN A 55 6.60 13.51 30.10
C GLN A 55 5.97 14.34 28.98
N PHE A 56 4.76 14.86 29.21
CA PHE A 56 4.12 15.70 28.19
C PHE A 56 4.88 16.99 27.97
N ALA A 57 5.47 17.56 29.03
CA ALA A 57 6.18 18.82 28.90
C ALA A 57 7.37 18.69 27.96
N LEU A 58 8.16 17.62 28.12
CA LEU A 58 9.31 17.41 27.24
C LEU A 58 8.88 17.13 25.81
N LEU A 59 7.86 16.29 25.64
CA LEU A 59 7.39 15.95 24.30
C LEU A 59 6.79 17.18 23.61
N SER A 60 6.05 18.00 24.35
CA SER A 60 5.55 19.24 23.79
C SER A 60 6.68 20.21 23.50
N LEU A 61 7.73 20.21 24.33
CA LEU A 61 8.87 21.08 24.10
C LEU A 61 9.58 20.75 22.80
N ARG A 62 9.69 19.46 22.48
CA ARG A 62 10.39 19.05 21.26
C ARG A 62 9.70 19.61 20.03
N LYS A 63 8.37 19.55 19.98
CA LYS A 63 7.64 20.13 18.85
C LYS A 63 7.83 21.63 18.79
N LEU A 64 7.80 22.30 19.95
CA LEU A 64 7.98 23.75 19.98
C LEU A 64 9.41 24.15 19.60
N ILE A 65 10.38 23.26 19.74
CA ILE A 65 11.75 23.57 19.32
C ILE A 65 11.81 23.83 17.83
N THR A 66 11.12 23.00 17.04
CA THR A 66 11.09 23.20 15.60
C THR A 66 10.34 24.47 15.20
N MET A 67 9.63 25.12 16.13
CA MET A 67 8.81 26.28 15.82
C MET A 67 9.47 27.60 16.18
N TYR A 68 10.02 27.72 17.39
CA TYR A 68 10.47 29.01 17.90
C TYR A 68 11.92 29.05 18.35
N TRP A 69 12.66 27.94 18.27
CA TRP A 69 14.01 27.91 18.82
C TRP A 69 14.94 28.88 18.10
N SER A 70 15.01 28.79 16.78
CA SER A 70 15.94 29.60 15.99
C SER A 70 15.60 29.41 14.51
N PRO A 71 15.98 30.36 13.67
CA PRO A 71 15.80 30.18 12.22
C PRO A 71 16.62 29.00 11.71
N GLY A 72 16.30 28.58 10.50
CA GLY A 72 16.89 27.40 9.89
C GLY A 72 15.98 26.20 9.89
N PHE A 73 14.90 26.22 10.67
CA PHE A 73 13.90 25.17 10.67
C PHE A 73 12.84 25.47 9.62
N GLU A 74 12.35 24.42 8.96
CA GLU A 74 11.32 24.61 7.93
C GLU A 74 10.03 25.15 8.55
N SER A 75 9.74 24.79 9.79
CA SER A 75 8.54 25.25 10.48
C SER A 75 8.81 26.41 11.43
N TYR A 76 10.01 27.00 11.36
CA TYR A 76 10.34 28.11 12.24
C TYR A 76 9.46 29.31 11.95
N ARG A 77 9.09 30.03 13.00
CA ARG A 77 8.28 31.24 12.89
C ARG A 77 9.03 32.41 13.48
N SER A 78 8.97 33.56 12.80
CA SER A 78 9.66 34.76 13.22
C SER A 78 8.80 35.64 14.14
N THR A 79 7.63 35.15 14.54
CA THR A 79 6.74 35.94 15.39
C THR A 79 7.41 36.27 16.73
N SER A 80 8.06 35.28 17.34
CA SER A 80 8.78 35.47 18.58
C SER A 80 10.04 34.63 18.57
N ASN A 81 11.13 35.23 19.06
CA ASN A 81 12.43 34.57 19.10
C ASN A 81 12.84 34.35 20.55
N VAL A 82 13.30 33.13 20.85
CA VAL A 82 13.77 32.82 22.20
C VAL A 82 15.06 33.57 22.47
N GLU A 83 15.14 34.23 23.62
CA GLU A 83 16.34 34.97 23.99
C GLU A 83 17.50 34.00 24.22
N ILE A 84 18.71 34.52 24.05
CA ILE A 84 19.91 33.70 24.21
C ILE A 84 20.03 33.19 25.64
N ASP A 85 19.65 34.02 26.61
CA ASP A 85 19.72 33.61 28.01
C ASP A 85 18.78 32.43 28.28
N VAL A 86 17.57 32.50 27.73
CA VAL A 86 16.63 31.39 27.89
C VAL A 86 17.13 30.16 27.15
N LYS A 87 17.74 30.36 25.98
CA LYS A 87 18.25 29.24 25.21
C LYS A 87 19.32 28.46 25.99
N ASP A 88 20.22 29.18 26.67
CA ASP A 88 21.23 28.51 27.47
C ASP A 88 20.64 27.84 28.69
N PHE A 89 19.58 28.43 29.27
CA PHE A 89 18.93 27.82 30.43
C PHE A 89 18.32 26.48 30.08
N ILE A 90 17.68 26.39 28.91
CA ILE A 90 17.08 25.12 28.48
C ILE A 90 18.18 24.08 28.25
N ARG A 91 19.29 24.49 27.65
CA ARG A 91 20.37 23.56 27.36
C ARG A 91 20.93 22.95 28.64
N GLU A 92 21.11 23.77 29.68
CA GLU A 92 21.61 23.25 30.95
C GLU A 92 20.62 22.29 31.58
N VAL A 93 19.33 22.61 31.50
CA VAL A 93 18.30 21.75 32.10
C VAL A 93 18.23 20.42 31.37
N LEU A 94 18.24 20.46 30.04
CA LEU A 94 18.12 19.23 29.26
C LEU A 94 19.31 18.31 29.50
N LEU A 95 20.51 18.85 29.54
CA LEU A 95 21.69 18.03 29.81
C LEU A 95 21.63 17.44 31.22
N LYS A 96 21.23 18.24 32.21
CA LYS A 96 21.12 17.74 33.57
C LYS A 96 20.06 16.66 33.68
N LEU A 97 18.93 16.84 32.98
CA LEU A 97 17.84 15.88 33.08
C LEU A 97 18.17 14.57 32.39
N CYS A 98 19.02 14.60 31.37
CA CYS A 98 19.33 13.43 30.57
C CYS A 98 20.58 12.68 31.03
N LEU A 99 21.20 13.11 32.13
CA LEU A 99 22.44 12.49 32.60
C LEU A 99 22.31 11.84 33.98
N ASN A 100 21.54 12.43 34.88
CA ASN A 100 21.43 11.89 36.22
C ASN A 100 20.73 10.53 36.21
N ASP A 101 21.25 9.60 37.01
CA ASP A 101 20.70 8.25 37.04
C ASP A 101 19.44 8.14 37.88
N ASN A 102 19.14 9.14 38.70
CA ASN A 102 17.97 9.09 39.57
C ASN A 102 16.66 9.31 38.83
N GLU A 103 16.71 9.70 37.55
CA GLU A 103 15.51 10.00 36.80
C GLU A 103 14.96 8.76 36.13
N ASN A 104 13.65 8.78 35.87
CA ASN A 104 12.99 7.66 35.20
C ASN A 104 13.45 7.57 33.75
N THR A 105 13.38 6.36 33.19
CA THR A 105 13.77 6.15 31.81
C THR A 105 12.85 6.89 30.84
N LYS A 106 11.59 7.08 31.23
CA LYS A 106 10.67 7.83 30.38
C LYS A 106 11.12 9.28 30.22
N ILE A 107 11.60 9.88 31.31
CA ILE A 107 12.08 11.26 31.24
C ILE A 107 13.37 11.33 30.43
N LYS A 108 14.27 10.37 30.62
CA LYS A 108 15.54 10.38 29.90
C LYS A 108 15.31 10.27 28.39
N ASN A 109 14.40 9.41 27.96
CA ASN A 109 14.10 9.29 26.54
C ASN A 109 13.49 10.58 26.01
N GLY A 110 12.59 11.20 26.79
CA GLY A 110 12.04 12.48 26.37
C GLY A 110 13.09 13.58 26.32
N ALA A 111 13.97 13.62 27.31
CA ALA A 111 15.03 14.63 27.31
C ALA A 111 15.98 14.43 26.15
N SER A 112 16.33 13.16 25.85
CA SER A 112 17.21 12.89 24.73
C SER A 112 16.57 13.30 23.41
N TYR A 113 15.25 13.13 23.29
CA TYR A 113 14.56 13.55 22.08
C TYR A 113 14.66 15.06 21.89
N CYS A 114 14.50 15.82 22.98
CA CYS A 114 14.63 17.27 22.88
C CYS A 114 16.05 17.68 22.50
N ILE A 115 17.06 17.01 23.06
CA ILE A 115 18.45 17.35 22.76
C ILE A 115 18.75 17.09 21.30
N VAL A 116 18.23 15.98 20.75
CA VAL A 116 18.45 15.66 19.35
C VAL A 116 17.86 16.74 18.46
N GLN A 117 16.64 17.18 18.77
CA GLN A 117 16.01 18.24 18.00
C GLN A 117 16.80 19.54 18.08
N ILE A 118 17.29 19.87 19.27
CA ILE A 118 18.14 21.06 19.42
C ILE A 118 19.41 20.90 18.60
N SER A 119 20.01 19.71 18.62
CA SER A 119 21.26 19.45 17.92
C SER A 119 21.10 19.45 16.41
N ALA A 120 19.87 19.46 15.90
CA ALA A 120 19.66 19.44 14.45
C ALA A 120 20.22 20.67 13.77
N VAL A 121 20.37 21.78 14.50
CA VAL A 121 20.91 23.02 13.94
C VAL A 121 22.12 23.52 14.73
N ASP A 122 22.04 23.52 16.06
CA ASP A 122 23.12 24.10 16.85
C ASP A 122 24.36 23.22 16.85
N PHE A 123 24.19 21.91 16.88
CA PHE A 123 25.33 21.00 16.93
C PHE A 123 26.11 21.06 15.62
N PRO A 124 27.45 21.11 15.68
CA PRO A 124 28.27 21.18 16.89
C PRO A 124 28.85 22.58 17.14
N ASP A 125 28.70 23.50 16.19
CA ASP A 125 29.34 24.80 16.31
C ASP A 125 28.68 25.65 17.38
N GLN A 126 27.36 25.72 17.39
CA GLN A 126 26.67 26.60 18.33
C GLN A 126 26.60 26.05 19.73
N TRP A 127 26.86 24.75 19.91
CA TRP A 127 26.82 24.10 21.22
C TRP A 127 28.09 23.29 21.44
N PRO A 128 29.23 23.97 21.60
CA PRO A 128 30.48 23.22 21.84
C PRO A 128 30.49 22.43 23.13
N GLN A 129 29.77 22.90 24.16
CA GLN A 129 29.81 22.25 25.46
C GLN A 129 29.11 20.90 25.47
N LEU A 130 28.27 20.62 24.48
CA LEU A 130 27.51 19.37 24.47
C LEU A 130 28.44 18.17 24.39
N LEU A 131 29.35 18.17 23.40
CA LEU A 131 30.26 17.04 23.23
C LEU A 131 31.24 16.94 24.39
N THR A 132 31.75 18.08 24.87
CA THR A 132 32.73 18.06 25.96
C THR A 132 32.14 17.45 27.22
N VAL A 133 30.90 17.82 27.55
CA VAL A 133 30.24 17.25 28.72
C VAL A 133 30.01 15.75 28.53
N ILE A 134 29.56 15.35 27.34
CA ILE A 134 29.29 13.95 27.08
C ILE A 134 30.57 13.13 27.17
N TYR A 135 31.66 13.63 26.57
CA TYR A 135 32.92 12.89 26.57
C TYR A 135 33.45 12.71 27.98
N ASP A 136 33.33 13.73 28.82
CA ASP A 136 33.82 13.63 30.19
C ASP A 136 33.09 12.55 30.97
N ALA A 137 31.77 12.47 30.79
CA ALA A 137 31.00 11.45 31.50
C ALA A 137 31.39 10.04 31.06
N ILE A 138 31.57 9.83 29.76
CA ILE A 138 31.91 8.49 29.27
C ILE A 138 33.34 8.11 29.67
N SER A 139 34.28 9.05 29.51
CA SER A 139 35.68 8.74 29.72
C SER A 139 35.99 8.47 31.18
N HIS A 140 35.40 9.25 32.09
CA HIS A 140 35.75 9.18 33.50
C HIS A 140 34.72 8.50 34.39
N GLN A 141 33.46 8.41 33.95
CA GLN A 141 32.41 7.81 34.76
C GLN A 141 31.68 6.67 34.07
N HIS A 142 31.90 6.46 32.78
CA HIS A 142 31.21 5.41 32.02
C HIS A 142 29.69 5.54 32.15
N SER A 143 29.21 6.78 32.03
CA SER A 143 27.79 7.05 32.17
C SER A 143 27.01 6.43 31.02
N LEU A 144 26.18 5.42 31.33
CA LEU A 144 25.39 4.77 30.31
C LEU A 144 24.39 5.74 29.68
N ASN A 145 23.79 6.61 30.49
CA ASN A 145 22.87 7.60 29.96
C ASN A 145 23.57 8.53 28.96
N ALA A 146 24.77 8.99 29.31
CA ALA A 146 25.54 9.82 28.40
C ALA A 146 25.93 9.05 27.14
N MET A 147 26.36 7.79 27.33
CA MET A 147 26.73 6.97 26.18
C MET A 147 25.53 6.69 25.28
N SER A 148 24.37 6.44 25.89
CA SER A 148 23.16 6.22 25.10
C SER A 148 22.76 7.50 24.36
N LEU A 149 23.00 8.66 24.97
CA LEU A 149 22.71 9.93 24.30
C LEU A 149 23.55 10.09 23.05
N LEU A 150 24.83 9.70 23.13
CA LEU A 150 25.70 9.80 21.96
C LEU A 150 25.21 8.91 20.83
N ASN A 151 24.67 7.74 21.17
CA ASN A 151 24.14 6.84 20.15
C ASN A 151 22.97 7.48 19.40
N GLU A 152 22.07 8.15 20.13
CA GLU A 152 20.95 8.82 19.48
C GLU A 152 21.43 9.97 18.60
N ILE A 153 22.43 10.72 19.07
CA ILE A 153 22.98 11.81 18.27
C ILE A 153 23.60 11.27 16.99
N TYR A 154 24.34 10.17 17.10
CA TYR A 154 24.98 9.58 15.92
C TYR A 154 23.94 9.06 14.93
N ASP A 155 22.77 8.62 15.42
CA ASP A 155 21.78 8.03 14.55
C ASP A 155 21.02 9.06 13.74
N ASP A 156 20.85 10.28 14.26
CA ASP A 156 19.95 11.25 13.64
C ASP A 156 20.63 12.48 13.09
N VAL A 157 21.65 13.01 13.76
CA VAL A 157 22.20 14.31 13.37
C VAL A 157 23.64 14.23 12.88
N VAL A 158 24.35 13.11 13.05
CA VAL A 158 25.74 13.03 12.63
C VAL A 158 25.81 12.56 11.19
N SER A 159 26.51 13.31 10.34
CA SER A 159 26.72 12.96 8.95
C SER A 159 28.22 12.85 8.67
N GLU A 160 28.56 12.60 7.40
CA GLU A 160 29.95 12.37 7.03
C GLU A 160 30.80 13.62 7.23
N GLU A 161 30.24 14.80 6.93
CA GLU A 161 31.04 16.03 6.99
C GLU A 161 31.56 16.29 8.39
N MET A 162 30.73 16.14 9.41
CA MET A 162 31.19 16.31 10.78
C MET A 162 31.87 15.06 11.34
N PHE A 163 31.78 13.93 10.64
CA PHE A 163 32.45 12.72 11.10
C PHE A 163 33.91 12.69 10.68
N PHE A 164 34.16 12.75 9.37
CA PHE A 164 35.53 12.66 8.86
C PHE A 164 36.23 14.02 8.92
N GLU A 165 35.68 15.01 8.22
CA GLU A 165 36.27 16.34 8.24
C GLU A 165 36.22 16.93 9.63
N GLY A 166 35.09 16.77 10.32
CA GLY A 166 35.02 17.20 11.70
C GLY A 166 35.71 16.25 12.64
N GLY A 167 35.90 16.71 13.88
CA GLY A 167 36.57 15.91 14.88
C GLY A 167 35.71 14.90 15.60
N ILE A 168 34.42 14.80 15.23
CA ILE A 168 33.52 13.88 15.92
C ILE A 168 33.96 12.44 15.72
N GLY A 169 34.31 12.08 14.49
CA GLY A 169 34.66 10.71 14.18
C GLY A 169 35.89 10.21 14.91
N LEU A 170 36.96 11.00 14.92
CA LEU A 170 38.20 10.57 15.56
C LEU A 170 38.06 10.52 17.07
N ALA A 171 37.39 11.52 17.64
CA ALA A 171 37.25 11.59 19.10
C ALA A 171 36.43 10.43 19.64
N THR A 172 35.32 10.12 18.96
CA THR A 172 34.43 9.06 19.45
C THR A 172 35.12 7.70 19.42
N MET A 173 35.85 7.41 18.34
CA MET A 173 36.49 6.11 18.20
C MET A 173 37.53 5.89 19.29
N GLU A 174 38.30 6.94 19.60
CA GLU A 174 39.29 6.84 20.67
C GLU A 174 38.62 6.59 22.02
N ILE A 175 37.51 7.29 22.29
CA ILE A 175 36.80 7.11 23.55
C ILE A 175 36.21 5.70 23.64
N VAL A 176 35.62 5.23 22.54
CA VAL A 176 35.01 3.89 22.52
C VAL A 176 36.08 2.84 22.76
N PHE A 177 37.23 2.98 22.09
CA PHE A 177 38.32 2.02 22.28
C PHE A 177 38.83 2.03 23.70
N LYS A 178 38.90 3.21 24.31
CA LYS A 178 39.42 3.33 25.68
C LYS A 178 38.55 2.53 26.65
N VAL A 179 37.23 2.61 26.49
CA VAL A 179 36.30 1.88 27.35
C VAL A 179 36.50 0.39 27.17
N LEU A 180 36.62 -0.06 25.91
CA LEU A 180 36.74 -1.48 25.63
C LEU A 180 38.03 -2.05 26.21
N ASN A 181 39.14 -1.34 26.04
CA ASN A 181 40.43 -1.82 26.53
C ASN A 181 40.45 -1.89 28.04
N THR A 182 39.82 -0.93 28.71
CA THR A 182 39.83 -0.89 30.17
C THR A 182 39.04 -2.06 30.74
N GLU A 183 39.75 -3.04 31.30
CA GLU A 183 39.09 -4.19 31.91
C GLU A 183 38.39 -3.83 33.21
N THR A 184 38.76 -2.70 33.83
CA THR A 184 38.09 -2.27 35.05
C THR A 184 36.66 -1.83 34.81
N SER A 185 36.31 -1.50 33.56
CA SER A 185 34.95 -1.08 33.25
C SER A 185 33.98 -2.23 33.47
N THR A 186 32.77 -1.89 33.91
CA THR A 186 31.74 -2.91 34.13
C THR A 186 31.30 -3.52 32.81
N LEU A 187 30.79 -4.75 32.89
CA LEU A 187 30.37 -5.46 31.69
C LEU A 187 29.24 -4.73 30.98
N ILE A 188 28.25 -4.26 31.73
CA ILE A 188 27.06 -3.67 31.12
C ILE A 188 27.42 -2.45 30.27
N ALA A 189 28.42 -1.67 30.70
CA ALA A 189 28.85 -0.53 29.90
C ALA A 189 29.46 -0.98 28.57
N LYS A 190 30.05 -2.18 28.53
CA LYS A 190 30.67 -2.64 27.31
C LYS A 190 29.64 -2.92 26.21
N ILE A 191 28.47 -3.45 26.59
CA ILE A 191 27.41 -3.66 25.61
C ILE A 191 27.00 -2.33 24.98
N ALA A 192 26.83 -1.30 25.81
CA ALA A 192 26.52 0.02 25.28
C ALA A 192 27.68 0.57 24.44
N ALA A 193 28.91 0.28 24.84
CA ALA A 193 30.06 0.77 24.09
C ALA A 193 30.09 0.17 22.68
N LEU A 194 29.85 -1.13 22.57
CA LEU A 194 29.82 -1.76 21.25
C LEU A 194 28.64 -1.29 20.42
N LYS A 195 27.52 -0.95 21.08
CA LYS A 195 26.42 -0.34 20.36
C LYS A 195 26.82 1.00 19.76
N LEU A 196 27.62 1.77 20.50
CA LEU A 196 28.18 3.00 19.95
C LEU A 196 29.10 2.72 18.77
N LEU A 197 29.88 1.63 18.86
CA LEU A 197 30.77 1.27 17.77
C LEU A 197 29.98 0.92 16.51
N LYS A 198 28.82 0.28 16.68
CA LYS A 198 28.00 -0.05 15.52
C LYS A 198 27.53 1.20 14.79
N ALA A 199 27.14 2.23 15.55
CA ALA A 199 26.76 3.50 14.94
C ALA A 199 27.95 4.13 14.22
N CYS A 200 29.14 4.05 14.82
CA CYS A 200 30.33 4.59 14.18
C CYS A 200 30.65 3.85 12.89
N LEU A 201 30.50 2.52 12.90
CA LEU A 201 30.77 1.74 11.70
C LEU A 201 29.80 2.07 10.57
N LEU A 202 28.61 2.56 10.91
CA LEU A 202 27.65 2.95 9.88
C LEU A 202 28.17 4.09 9.03
N GLN A 203 28.83 5.07 9.65
CA GLN A 203 29.41 6.17 8.89
C GLN A 203 30.49 5.67 7.94
N MET A 204 31.34 4.76 8.41
CA MET A 204 32.37 4.20 7.55
C MET A 204 31.80 3.19 6.56
N SER A 205 30.60 2.66 6.82
CA SER A 205 30.02 1.67 5.92
C SER A 205 29.70 2.25 4.55
N SER A 206 29.49 3.56 4.47
CA SER A 206 29.17 4.22 3.22
C SER A 206 30.41 4.54 2.39
N HIS A 207 31.52 3.84 2.63
CA HIS A 207 32.77 4.15 1.97
C HIS A 207 32.68 4.05 0.45
N ASN A 208 32.50 2.83 -0.06
CA ASN A 208 32.46 2.60 -1.51
C ASN A 208 33.64 3.28 -2.20
N GLU A 209 34.82 3.13 -1.60
CA GLU A 209 36.08 3.68 -2.11
C GLU A 209 36.01 5.21 -2.20
N TYR A 210 35.94 5.82 -1.02
CA TYR A 210 36.17 7.26 -0.89
C TYR A 210 37.40 7.70 -1.68
N ASP A 211 37.25 8.81 -2.41
CA ASP A 211 38.36 9.40 -3.15
C ASP A 211 39.09 10.44 -2.29
N GLU A 212 39.52 9.99 -1.12
CA GLU A 212 40.19 10.86 -0.17
C GLU A 212 41.22 10.05 0.61
N ALA A 213 42.47 10.52 0.59
CA ALA A 213 43.52 9.84 1.32
C ALA A 213 43.29 9.88 2.82
N SER A 214 42.84 11.03 3.34
CA SER A 214 42.60 11.15 4.77
C SER A 214 41.48 10.23 5.22
N ARG A 215 40.38 10.18 4.46
CA ARG A 215 39.27 9.30 4.82
C ARG A 215 39.67 7.84 4.73
N LYS A 216 40.39 7.46 3.66
CA LYS A 216 40.79 6.07 3.49
C LYS A 216 41.76 5.63 4.58
N SER A 217 42.74 6.48 4.90
CA SER A 217 43.70 6.13 5.93
C SER A 217 43.04 6.00 7.30
N PHE A 218 42.13 6.92 7.63
CA PHE A 218 41.47 6.87 8.92
C PHE A 218 40.56 5.64 9.03
N VAL A 219 39.84 5.32 7.96
CA VAL A 219 38.92 4.18 8.00
C VAL A 219 39.69 2.88 8.18
N SER A 220 40.77 2.71 7.42
CA SER A 220 41.56 1.48 7.51
C SER A 220 42.21 1.34 8.88
N GLN A 221 42.70 2.44 9.44
CA GLN A 221 43.38 2.38 10.74
C GLN A 221 42.41 1.94 11.83
N CYS A 222 41.20 2.50 11.85
CA CYS A 222 40.25 2.15 12.90
C CYS A 222 39.73 0.74 12.75
N LEU A 223 39.48 0.29 11.51
CA LEU A 223 38.95 -1.05 11.30
C LEU A 223 39.92 -2.12 11.80
N ALA A 224 41.22 -1.94 11.51
CA ALA A 224 42.22 -2.88 12.02
C ALA A 224 42.29 -2.84 13.54
N THR A 225 42.22 -1.64 14.12
CA THR A 225 42.26 -1.53 15.58
C THR A 225 41.02 -2.16 16.21
N SER A 226 39.84 -1.95 15.63
CA SER A 226 38.63 -2.53 16.18
C SER A 226 38.65 -4.05 16.08
N LEU A 227 39.16 -4.59 14.97
CA LEU A 227 39.20 -6.03 14.80
C LEU A 227 40.09 -6.69 15.85
N GLN A 228 41.24 -6.09 16.13
CA GLN A 228 42.12 -6.61 17.17
C GLN A 228 41.43 -6.56 18.54
N ILE A 229 40.75 -5.44 18.83
CA ILE A 229 40.05 -5.32 20.10
C ILE A 229 38.88 -6.29 20.16
N LEU A 230 38.12 -6.41 19.07
CA LEU A 230 36.99 -7.34 19.06
C LEU A 230 37.45 -8.77 19.28
N GLY A 231 38.53 -9.18 18.63
CA GLY A 231 39.08 -10.50 18.87
C GLY A 231 39.57 -10.68 20.30
N GLN A 232 40.15 -9.62 20.86
CA GLN A 232 40.61 -9.69 22.25
C GLN A 232 39.44 -9.86 23.21
N LEU A 233 38.32 -9.20 22.94
CA LEU A 233 37.16 -9.26 23.83
C LEU A 233 36.61 -10.68 23.93
N LEU A 234 36.59 -11.40 22.81
CA LEU A 234 35.98 -12.73 22.80
C LEU A 234 36.74 -13.70 23.70
N THR A 235 38.06 -13.61 23.72
CA THR A 235 38.86 -14.52 24.52
C THR A 235 38.60 -14.40 26.01
N LEU A 236 38.25 -13.21 26.48
CA LEU A 236 38.01 -13.02 27.91
C LEU A 236 36.73 -13.74 28.33
N ASN A 237 36.77 -14.31 29.54
CA ASN A 237 35.65 -15.07 30.08
C ASN A 237 35.17 -14.43 31.39
N PHE A 238 33.86 -14.38 31.57
CA PHE A 238 33.26 -13.78 32.75
C PHE A 238 32.83 -14.80 33.80
N GLY A 239 32.52 -16.03 33.41
CA GLY A 239 32.05 -17.02 34.34
C GLY A 239 30.54 -17.17 34.31
N ASN A 240 29.99 -17.59 35.45
CA ASN A 240 28.56 -17.80 35.60
C ASN A 240 27.82 -16.61 36.17
N VAL A 241 28.51 -15.51 36.41
CA VAL A 241 27.88 -14.31 36.99
C VAL A 241 27.30 -13.46 35.87
N ASP A 242 26.02 -13.10 36.02
CA ASP A 242 25.30 -12.27 35.04
C ASP A 242 25.35 -12.91 33.66
N VAL A 243 24.75 -14.09 33.56
CA VAL A 243 24.77 -14.85 32.31
C VAL A 243 24.00 -14.11 31.22
N ILE A 244 22.91 -13.43 31.59
CA ILE A 244 22.10 -12.72 30.61
C ILE A 244 22.92 -11.62 29.94
N SER A 245 23.68 -10.85 30.72
CA SER A 245 24.51 -9.80 30.15
C SER A 245 25.60 -10.38 29.26
N GLN A 246 26.13 -11.55 29.63
CA GLN A 246 27.17 -12.17 28.83
C GLN A 246 26.66 -12.52 27.44
N LEU A 247 25.44 -13.07 27.35
CA LEU A 247 24.86 -13.40 26.05
C LEU A 247 24.65 -12.16 25.21
N LYS A 248 24.15 -11.08 25.83
CA LYS A 248 24.00 -9.82 25.11
C LYS A 248 25.36 -9.27 24.68
N PHE A 249 26.37 -9.44 25.53
CA PHE A 249 27.71 -8.98 25.18
C PHE A 249 28.25 -9.72 23.96
N LYS A 250 28.04 -11.03 23.90
CA LYS A 250 28.49 -11.79 22.74
C LYS A 250 27.64 -11.49 21.52
N SER A 251 26.33 -11.27 21.71
CA SER A 251 25.44 -11.04 20.58
C SER A 251 25.81 -9.76 19.83
N ILE A 252 26.08 -8.69 20.57
CA ILE A 252 26.42 -7.42 19.91
C ILE A 252 27.80 -7.50 19.26
N ILE A 253 28.72 -8.28 19.83
CA ILE A 253 30.05 -8.41 19.25
C ILE A 253 29.97 -9.03 17.86
N TYR A 254 29.20 -10.12 17.73
CA TYR A 254 29.10 -10.79 16.45
C TYR A 254 28.27 -10.01 15.45
N GLU A 255 27.33 -9.19 15.93
CA GLU A 255 26.57 -8.34 15.03
C GLU A 255 27.49 -7.32 14.34
N ASN A 256 28.46 -6.78 15.09
CA ASN A 256 29.45 -5.91 14.47
C ASN A 256 30.32 -6.67 13.49
N LEU A 257 30.68 -7.92 13.82
CA LEU A 257 31.59 -8.68 12.97
C LEU A 257 30.98 -8.95 11.60
N VAL A 258 29.70 -9.30 11.55
CA VAL A 258 29.05 -9.49 10.26
C VAL A 258 28.94 -8.18 9.51
N PHE A 259 28.85 -7.06 10.24
CA PHE A 259 28.77 -5.76 9.59
C PHE A 259 30.08 -5.41 8.89
N ILE A 260 31.21 -5.72 9.54
CA ILE A 260 32.51 -5.44 8.94
C ILE A 260 32.72 -6.28 7.69
N LYS A 261 32.38 -7.57 7.77
CA LYS A 261 32.60 -8.48 6.65
C LYS A 261 31.71 -8.14 5.46
N ASN A 262 30.44 -7.84 5.71
CA ASN A 262 29.47 -7.69 4.64
C ASN A 262 29.34 -6.28 4.11
N ASP A 263 29.99 -5.30 4.74
CA ASP A 263 29.83 -3.90 4.34
C ASP A 263 31.19 -3.22 4.15
N PHE A 264 32.22 -3.98 3.81
CA PHE A 264 33.55 -3.41 3.60
C PHE A 264 34.29 -4.25 2.58
N SER A 265 35.33 -3.66 2.00
CA SER A 265 36.15 -4.37 1.04
C SER A 265 36.94 -5.49 1.72
N ARG A 266 37.30 -6.50 0.92
CA ARG A 266 38.01 -7.66 1.46
C ARG A 266 39.39 -7.32 1.99
N LYS A 267 39.96 -6.18 1.60
CA LYS A 267 41.28 -5.82 2.09
C LYS A 267 41.28 -5.53 3.58
N HIS A 268 40.22 -4.88 4.09
CA HIS A 268 40.18 -4.54 5.50
C HIS A 268 40.07 -5.79 6.36
N PHE A 269 39.19 -6.72 6.00
CA PHE A 269 39.01 -7.96 6.74
C PHE A 269 39.93 -9.02 6.13
N SER A 270 41.07 -9.25 6.78
CA SER A 270 42.03 -10.20 6.26
C SER A 270 41.47 -11.62 6.25
N SER A 271 41.85 -12.39 5.23
CA SER A 271 41.41 -13.77 5.14
C SER A 271 41.93 -14.60 6.31
N GLU A 272 43.19 -14.35 6.72
CA GLU A 272 43.73 -15.04 7.88
C GLU A 272 42.96 -14.69 9.15
N LEU A 273 42.53 -13.43 9.26
CA LEU A 273 41.74 -13.03 10.42
C LEU A 273 40.42 -13.77 10.47
N GLN A 274 39.83 -14.04 9.30
CA GLN A 274 38.58 -14.82 9.26
C GLN A 274 38.78 -16.22 9.84
N LYS A 275 39.91 -16.85 9.51
CA LYS A 275 40.22 -18.16 10.09
C LYS A 275 40.34 -18.06 11.60
N GLN A 276 41.00 -17.00 12.10
CA GLN A 276 41.11 -16.80 13.53
C GLN A 276 39.74 -16.57 14.15
N PHE A 277 38.90 -15.75 13.51
CA PHE A 277 37.59 -15.46 14.07
C PHE A 277 36.64 -16.65 13.95
N LYS A 278 36.86 -17.51 12.97
CA LYS A 278 36.01 -18.69 12.81
C LYS A 278 36.21 -19.70 13.91
N ILE A 279 37.34 -19.65 14.63
CA ILE A 279 37.64 -20.67 15.63
C ILE A 279 36.76 -20.50 16.86
N MET A 280 36.86 -19.36 17.54
CA MET A 280 36.06 -19.18 18.74
C MET A 280 34.59 -18.92 18.43
N ALA A 281 34.26 -18.54 17.20
CA ALA A 281 32.86 -18.44 16.81
C ALA A 281 32.19 -19.81 16.88
N ILE A 282 32.87 -20.84 16.38
CA ILE A 282 32.37 -22.21 16.53
C ILE A 282 32.35 -22.60 18.01
N GLN A 283 33.42 -22.26 18.73
CA GLN A 283 33.49 -22.60 20.15
C GLN A 283 32.43 -21.85 20.95
N ASP A 284 32.03 -20.66 20.51
CA ASP A 284 30.98 -19.93 21.19
C ASP A 284 29.64 -20.66 21.11
N LEU A 285 29.40 -21.37 20.00
CA LEU A 285 28.18 -22.17 19.89
C LEU A 285 28.16 -23.27 20.96
N GLU A 286 29.30 -23.91 21.19
CA GLU A 286 29.38 -24.91 22.25
C GLU A 286 29.12 -24.27 23.62
N ASN A 287 29.69 -23.10 23.87
CA ASN A 287 29.46 -22.42 25.13
C ASN A 287 27.99 -22.03 25.29
N VAL A 288 27.38 -21.53 24.22
CA VAL A 288 25.96 -21.17 24.27
C VAL A 288 25.11 -22.40 24.52
N THR A 289 25.43 -23.50 23.83
CA THR A 289 24.66 -24.74 24.02
C THR A 289 24.78 -25.25 25.45
N HIS A 290 25.99 -25.23 26.02
CA HIS A 290 26.18 -25.68 27.39
C HIS A 290 25.53 -24.75 28.40
N ILE A 291 25.25 -23.51 28.02
CA ILE A 291 24.51 -22.61 28.90
C ILE A 291 23.09 -23.12 29.10
N ASN A 292 22.51 -23.75 28.07
CA ASN A 292 21.13 -24.23 28.14
C ASN A 292 20.91 -25.23 29.27
N ALA A 293 21.97 -25.88 29.76
CA ALA A 293 21.84 -26.74 30.93
C ALA A 293 21.39 -25.94 32.14
N ASN A 294 21.97 -24.75 32.34
CA ASN A 294 21.49 -23.86 33.39
C ASN A 294 20.11 -23.31 33.06
N VAL A 295 19.85 -23.03 31.78
CA VAL A 295 18.54 -22.55 31.37
C VAL A 295 17.46 -23.61 31.55
N GLU A 296 17.84 -24.89 31.61
CA GLU A 296 16.87 -25.96 31.84
C GLU A 296 16.16 -25.80 33.18
N THR A 297 16.76 -25.09 34.13
CA THR A 297 16.10 -24.78 35.39
C THR A 297 14.95 -23.80 35.23
N THR A 298 14.84 -23.15 34.06
CA THR A 298 13.77 -22.18 33.79
C THR A 298 13.75 -21.07 34.82
N GLU A 299 14.94 -20.57 35.17
CA GLU A 299 15.03 -19.48 36.13
C GLU A 299 14.35 -18.22 35.60
N SER A 300 14.56 -17.90 34.32
CA SER A 300 13.95 -16.74 33.70
C SER A 300 13.54 -17.08 32.28
N GLU A 301 12.33 -16.63 31.91
CA GLU A 301 11.86 -16.85 30.53
C GLU A 301 12.76 -16.20 29.49
N PRO A 302 13.19 -14.94 29.62
CA PRO A 302 14.06 -14.37 28.59
C PRO A 302 15.39 -15.07 28.45
N LEU A 303 15.83 -15.83 29.46
CA LEU A 303 17.11 -16.53 29.37
C LEU A 303 17.12 -17.52 28.21
N LEU A 304 16.04 -18.28 28.04
CA LEU A 304 15.92 -19.15 26.88
C LEU A 304 15.84 -18.35 25.60
N GLU A 305 15.07 -17.26 25.60
CA GLU A 305 14.94 -16.42 24.41
C GLU A 305 16.27 -15.76 24.06
N THR A 306 17.00 -15.28 25.08
CA THR A 306 18.28 -14.64 24.81
C THR A 306 19.30 -15.60 24.22
N VAL A 307 19.24 -16.88 24.60
CA VAL A 307 20.13 -17.88 24.02
C VAL A 307 19.89 -17.98 22.52
N HIS A 308 18.62 -18.05 22.11
CA HIS A 308 18.30 -18.12 20.69
C HIS A 308 18.69 -16.84 19.97
N ASP A 309 18.41 -15.68 20.58
CA ASP A 309 18.74 -14.41 19.94
C ASP A 309 20.24 -14.25 19.76
N CYS A 310 21.03 -14.61 20.77
CA CYS A 310 22.47 -14.52 20.65
C CYS A 310 23.01 -15.51 19.62
N SER A 311 22.44 -16.72 19.59
CA SER A 311 22.91 -17.74 18.67
C SER A 311 22.63 -17.38 17.22
N ILE A 312 21.59 -16.59 16.96
CA ILE A 312 21.26 -16.22 15.59
C ILE A 312 22.41 -15.42 14.96
N TYR A 313 22.95 -14.46 15.71
CA TYR A 313 24.07 -13.68 15.20
C TYR A 313 25.31 -14.54 15.02
N ILE A 314 25.54 -15.48 15.93
CA ILE A 314 26.70 -16.37 15.82
C ILE A 314 26.59 -17.20 14.54
N VAL A 315 25.40 -17.76 14.29
CA VAL A 315 25.19 -18.51 13.07
C VAL A 315 25.28 -17.60 11.85
N GLU A 316 24.81 -16.35 11.99
CA GLU A 316 24.88 -15.41 10.88
C GLU A 316 26.33 -15.12 10.50
N PHE A 317 27.22 -14.99 11.49
CA PHE A 317 28.63 -14.78 11.19
C PHE A 317 29.22 -15.96 10.44
N LEU A 318 28.85 -17.19 10.85
CA LEU A 318 29.33 -18.36 10.14
C LEU A 318 28.84 -18.39 8.70
N THR A 319 27.66 -17.83 8.44
CA THR A 319 27.16 -17.74 7.07
C THR A 319 28.06 -16.83 6.23
N SER A 320 28.53 -15.72 6.81
CA SER A 320 29.38 -14.79 6.07
C SER A 320 30.70 -15.45 5.70
N VAL A 321 31.28 -16.23 6.61
CA VAL A 321 32.57 -16.87 6.39
C VAL A 321 32.41 -18.33 6.00
N CYS A 322 31.24 -18.71 5.47
CA CYS A 322 31.00 -20.10 5.09
C CYS A 322 31.95 -20.57 3.99
N THR A 323 32.48 -19.65 3.18
CA THR A 323 33.38 -20.04 2.09
C THR A 323 34.70 -20.58 2.61
N LEU A 324 35.03 -20.33 3.87
CA LEU A 324 36.28 -20.83 4.44
C LEU A 324 36.22 -22.34 4.63
N GLN A 325 37.40 -22.95 4.65
CA GLN A 325 37.50 -24.40 4.85
C GLN A 325 37.14 -24.75 6.28
N PHE A 326 36.42 -25.86 6.44
CA PHE A 326 36.00 -26.37 7.74
C PHE A 326 36.68 -27.71 7.99
N SER A 327 37.40 -27.81 9.11
CA SER A 327 38.04 -29.06 9.48
C SER A 327 37.03 -30.07 9.98
N VAL A 328 37.39 -31.35 9.90
CA VAL A 328 36.49 -32.41 10.34
C VAL A 328 36.21 -32.32 11.83
N GLU A 329 37.20 -31.90 12.62
CA GLU A 329 36.99 -31.76 14.07
C GLU A 329 35.95 -30.70 14.36
N GLU A 330 36.04 -29.54 13.71
CA GLU A 330 35.02 -28.51 13.90
C GLU A 330 33.74 -28.80 13.12
N MET A 331 33.78 -29.77 12.21
CA MET A 331 32.57 -30.16 11.48
C MET A 331 31.51 -30.69 12.44
N ASN A 332 31.92 -31.53 13.39
CA ASN A 332 30.96 -32.10 14.33
C ASN A 332 30.50 -31.07 15.34
N LYS A 333 31.33 -30.08 15.66
CA LYS A 333 30.96 -29.08 16.65
C LYS A 333 29.76 -28.26 16.18
N ILE A 334 29.75 -27.86 14.91
CA ILE A 334 28.64 -27.09 14.38
C ILE A 334 27.35 -27.92 14.37
N ILE A 335 27.46 -29.17 13.92
CA ILE A 335 26.27 -30.02 13.82
C ILE A 335 25.71 -30.33 15.21
N THR A 336 26.60 -30.68 16.16
CA THR A 336 26.14 -30.98 17.51
C THR A 336 25.50 -29.76 18.16
N SER A 337 26.13 -28.59 18.00
CA SER A 337 25.56 -27.37 18.58
C SER A 337 24.25 -27.01 17.91
N LEU A 338 24.16 -27.15 16.59
CA LEU A 338 22.96 -26.75 15.87
C LEU A 338 21.78 -27.66 16.21
N THR A 339 22.04 -28.94 16.51
CA THR A 339 20.95 -29.84 16.85
C THR A 339 20.23 -29.39 18.12
N ILE A 340 21.00 -28.96 19.13
CA ILE A 340 20.39 -28.47 20.36
C ILE A 340 19.65 -27.16 20.11
N LEU A 341 20.26 -26.26 19.34
CA LEU A 341 19.64 -24.95 19.10
C LEU A 341 18.39 -25.07 18.24
N CYS A 342 18.40 -25.97 17.27
CA CYS A 342 17.25 -26.15 16.38
C CYS A 342 16.17 -27.03 16.99
N GLN A 343 16.38 -27.55 18.19
CA GLN A 343 15.37 -28.38 18.83
C GLN A 343 14.09 -27.59 19.08
N LEU A 344 12.96 -28.19 18.74
CA LEU A 344 11.68 -27.54 18.95
C LEU A 344 11.37 -27.43 20.44
N SER A 345 11.00 -26.24 20.88
CA SER A 345 10.67 -26.03 22.28
C SER A 345 9.35 -26.73 22.63
N SER A 346 9.14 -26.93 23.92
CA SER A 346 7.91 -27.56 24.38
C SER A 346 6.69 -26.73 24.01
N GLU A 347 6.80 -25.40 24.12
CA GLU A 347 5.69 -24.52 23.77
C GLU A 347 5.38 -24.61 22.28
N THR A 348 6.42 -24.56 21.44
CA THR A 348 6.20 -24.66 20.00
C THR A 348 5.63 -26.01 19.61
N ARG A 349 6.14 -27.09 20.22
CA ARG A 349 5.59 -28.41 19.95
C ARG A 349 4.15 -28.51 20.39
N GLU A 350 3.82 -27.91 21.54
CA GLU A 350 2.44 -27.93 22.02
C GLU A 350 1.52 -27.15 21.08
N ILE A 351 1.98 -26.00 20.59
CA ILE A 351 1.15 -25.17 19.73
C ILE A 351 0.88 -25.87 18.40
N TRP A 352 1.93 -26.43 17.79
CA TRP A 352 1.76 -27.08 16.50
C TRP A 352 0.84 -28.30 16.61
N THR A 353 1.02 -29.10 17.65
CA THR A 353 0.17 -30.27 17.82
C THR A 353 -1.29 -29.87 18.07
N SER A 354 -1.51 -28.84 18.87
CA SER A 354 -2.87 -28.41 19.17
C SER A 354 -3.53 -27.77 17.95
N ASP A 355 -2.81 -26.87 17.28
CA ASP A 355 -3.33 -26.14 16.12
C ASP A 355 -2.41 -26.41 14.93
N PHE A 356 -2.86 -27.28 14.02
CA PHE A 356 -2.07 -27.57 12.83
C PHE A 356 -2.03 -26.41 11.85
N ASN A 357 -2.95 -25.45 12.00
CA ASN A 357 -2.96 -24.30 11.10
C ASN A 357 -1.68 -23.47 11.23
N THR A 358 -1.19 -23.32 12.46
CA THR A 358 0.05 -22.57 12.67
C THR A 358 1.23 -23.29 12.02
N PHE A 359 1.24 -24.63 12.07
CA PHE A 359 2.33 -25.37 11.46
C PHE A 359 2.37 -25.16 9.95
N VAL A 360 1.20 -25.14 9.30
CA VAL A 360 1.15 -24.97 7.85
C VAL A 360 1.74 -23.63 7.46
N SER A 361 1.39 -22.56 8.18
CA SER A 361 1.93 -21.25 7.87
C SER A 361 3.45 -21.21 8.02
N LYS A 362 3.97 -21.86 9.06
CA LYS A 362 5.42 -21.88 9.25
C LYS A 362 6.10 -22.76 8.21
N GLU A 363 5.51 -23.94 7.93
CA GLU A 363 6.13 -24.85 6.96
C GLU A 363 6.14 -24.26 5.56
N THR A 364 5.04 -23.63 5.15
CA THR A 364 4.96 -23.07 3.80
C THR A 364 5.75 -21.76 3.66
N GLY A 365 6.24 -21.21 4.77
CA GLY A 365 7.02 -19.98 4.72
C GLY A 365 6.22 -18.70 4.82
N LEU A 366 4.88 -18.80 4.84
CA LEU A 366 4.06 -17.59 4.95
C LEU A 366 4.06 -17.01 6.35
N ALA A 367 4.55 -17.75 7.34
CA ALA A 367 4.58 -17.26 8.71
C ALA A 367 5.53 -16.07 8.83
N ALA A 368 5.20 -15.16 9.75
CA ALA A 368 5.98 -13.95 9.95
C ALA A 368 7.08 -14.12 10.99
N SER A 369 7.17 -15.26 11.65
CA SER A 369 8.19 -15.48 12.67
C SER A 369 9.55 -15.72 12.03
N TYR A 370 10.59 -15.57 12.84
CA TYR A 370 11.96 -15.79 12.38
C TYR A 370 12.80 -16.18 13.59
N ASN A 371 13.15 -17.45 13.68
CA ASN A 371 13.92 -17.99 14.79
C ASN A 371 15.25 -18.54 14.29
N VAL A 372 15.98 -19.21 15.18
CA VAL A 372 17.28 -19.76 14.83
C VAL A 372 17.15 -20.85 13.78
N ARG A 373 15.99 -21.52 13.72
CA ARG A 373 15.79 -22.54 12.70
C ARG A 373 15.85 -21.95 11.30
N ASP A 374 15.24 -20.79 11.10
CA ASP A 374 15.31 -20.12 9.80
C ASP A 374 16.73 -19.66 9.51
N GLN A 375 17.45 -19.18 10.54
CA GLN A 375 18.83 -18.76 10.34
C GLN A 375 19.72 -19.93 9.94
N ALA A 376 19.49 -21.10 10.55
CA ALA A 376 20.25 -22.29 10.17
C ALA A 376 20.01 -22.67 8.73
N ASN A 377 18.81 -22.38 8.20
CA ASN A 377 18.55 -22.62 6.78
C ASN A 377 19.46 -21.78 5.90
N GLU A 378 19.67 -20.51 6.27
CA GLU A 378 20.52 -19.63 5.48
C GLU A 378 21.96 -20.14 5.47
N PHE A 379 22.46 -20.60 6.62
CA PHE A 379 23.85 -21.04 6.71
C PHE A 379 24.11 -22.24 5.80
N PHE A 380 23.20 -23.21 5.81
CA PHE A 380 23.40 -24.41 4.99
C PHE A 380 23.15 -24.12 3.51
N THR A 381 22.23 -23.20 3.20
CA THR A 381 21.95 -22.88 1.81
C THR A 381 23.14 -22.20 1.14
N SER A 382 23.83 -21.33 1.86
CA SER A 382 24.93 -20.54 1.29
C SER A 382 26.25 -21.29 1.26
N LEU A 383 26.31 -22.52 1.77
CA LEU A 383 27.55 -23.27 1.76
C LEU A 383 27.97 -23.63 0.34
N PRO A 384 29.26 -23.63 0.06
CA PRO A 384 29.74 -24.01 -1.27
C PRO A 384 29.83 -25.52 -1.44
N ASN A 385 30.09 -25.94 -2.68
CA ASN A 385 30.11 -27.36 -3.01
C ASN A 385 31.15 -28.15 -2.23
N PRO A 386 32.42 -27.72 -2.13
CA PRO A 386 33.40 -28.56 -1.41
C PRO A 386 33.03 -28.84 0.03
N GLN A 387 32.41 -27.89 0.73
CA GLN A 387 32.02 -28.12 2.11
C GLN A 387 30.67 -28.82 2.22
N LEU A 388 29.84 -28.72 1.19
CA LEU A 388 28.51 -29.32 1.24
C LEU A 388 28.59 -30.83 1.32
N SER A 389 29.54 -31.44 0.62
CA SER A 389 29.68 -32.90 0.66
C SER A 389 30.02 -33.38 2.07
N LEU A 390 30.92 -32.69 2.76
CA LEU A 390 31.22 -33.03 4.14
C LEU A 390 30.04 -32.70 5.05
N ILE A 391 29.29 -31.65 4.71
CA ILE A 391 28.09 -31.29 5.48
C ILE A 391 27.09 -32.44 5.45
N PHE A 392 26.85 -33.00 4.27
CA PHE A 392 25.87 -34.08 4.15
C PHE A 392 26.36 -35.38 4.77
N LYS A 393 27.67 -35.63 4.73
CA LYS A 393 28.21 -36.89 5.22
C LYS A 393 28.00 -37.03 6.72
N VAL A 394 28.32 -35.99 7.49
CA VAL A 394 28.20 -36.08 8.94
C VAL A 394 26.74 -36.12 9.36
N VAL A 395 25.90 -35.30 8.72
CA VAL A 395 24.49 -35.23 9.11
C VAL A 395 23.80 -36.57 8.87
N SER A 396 24.06 -37.18 7.70
CA SER A 396 23.49 -38.49 7.42
C SER A 396 24.01 -39.54 8.40
N ASN A 397 25.30 -39.47 8.75
CA ASN A 397 25.86 -40.39 9.73
C ASN A 397 25.24 -40.17 11.10
N ASP A 398 25.02 -38.91 11.48
CA ASP A 398 24.42 -38.61 12.77
C ASP A 398 22.98 -39.13 12.86
N ILE A 399 22.24 -39.05 11.75
CA ILE A 399 20.87 -39.55 11.74
C ILE A 399 20.85 -41.05 12.00
N GLU A 400 21.77 -41.78 11.39
CA GLU A 400 21.81 -43.23 11.56
C GLU A 400 22.03 -43.61 13.03
N HIS A 401 22.93 -42.91 13.71
CA HIS A 401 23.23 -43.22 15.11
C HIS A 401 22.20 -42.66 16.07
N SER A 402 21.25 -41.86 15.59
CA SER A 402 20.24 -41.24 16.46
C SER A 402 18.84 -41.69 16.08
N THR A 403 18.71 -42.90 15.51
CA THR A 403 17.39 -43.40 15.14
C THR A 403 16.51 -43.63 16.37
N CYS A 404 17.09 -44.17 17.44
CA CYS A 404 16.33 -44.46 18.64
C CYS A 404 16.13 -43.25 19.54
N ASN A 405 16.81 -42.13 19.26
CA ASN A 405 16.72 -40.93 20.07
C ASN A 405 15.68 -40.00 19.44
N TYR A 406 14.42 -40.18 19.84
CA TYR A 406 13.34 -39.35 19.31
C TYR A 406 13.42 -37.91 19.81
N SER A 407 14.16 -37.66 20.88
CA SER A 407 14.25 -36.30 21.42
C SER A 407 14.96 -35.37 20.44
N THR A 408 16.02 -35.82 19.80
CA THR A 408 16.82 -35.00 18.92
C THR A 408 16.72 -35.40 17.45
N LEU A 409 15.87 -36.37 17.11
CA LEU A 409 15.76 -36.80 15.72
C LEU A 409 15.13 -35.73 14.84
N GLU A 410 14.20 -34.93 15.40
CA GLU A 410 13.53 -33.92 14.60
C GLU A 410 14.51 -32.87 14.09
N SER A 411 15.45 -32.44 14.94
CA SER A 411 16.43 -31.44 14.52
C SER A 411 17.30 -31.95 13.39
N LEU A 412 17.76 -33.20 13.50
CA LEU A 412 18.61 -33.76 12.46
C LEU A 412 17.88 -33.87 11.13
N LEU A 413 16.60 -34.27 11.17
CA LEU A 413 15.81 -34.33 9.94
C LEU A 413 15.63 -32.93 9.35
N TYR A 414 15.36 -31.93 10.19
CA TYR A 414 15.23 -30.58 9.68
C TYR A 414 16.54 -30.06 9.11
N LEU A 415 17.66 -30.38 9.76
CA LEU A 415 18.95 -29.98 9.24
C LEU A 415 19.20 -30.63 7.88
N LEU A 416 18.85 -31.91 7.73
CA LEU A 416 18.98 -32.57 6.44
C LEU A 416 18.12 -31.89 5.38
N GLN A 417 16.92 -31.44 5.76
CA GLN A 417 16.07 -30.72 4.82
C GLN A 417 16.72 -29.44 4.36
N CYS A 418 17.37 -28.71 5.27
CA CYS A 418 18.02 -27.46 4.89
C CYS A 418 19.16 -27.71 3.92
N ILE A 419 19.92 -28.78 4.14
CA ILE A 419 21.05 -29.08 3.26
C ILE A 419 20.57 -29.37 1.84
N LEU A 420 19.50 -30.16 1.71
CA LEU A 420 19.01 -30.53 0.38
C LEU A 420 18.43 -29.34 -0.37
N LEU A 421 18.12 -28.24 0.32
CA LEU A 421 17.64 -27.04 -0.36
C LEU A 421 18.75 -26.29 -1.06
N ASN A 422 20.01 -26.66 -0.84
CA ASN A 422 21.12 -26.00 -1.50
C ASN A 422 21.09 -26.31 -3.00
N ASP A 423 21.51 -25.32 -3.79
CA ASP A 423 21.47 -25.47 -5.24
C ASP A 423 22.59 -26.36 -5.76
N ASP A 424 23.77 -26.33 -5.12
CA ASP A 424 24.89 -27.12 -5.61
C ASP A 424 24.62 -28.61 -5.43
N GLU A 425 25.12 -29.39 -6.39
CA GLU A 425 24.98 -30.84 -6.33
C GLU A 425 25.90 -31.41 -5.25
N ILE A 426 25.51 -32.57 -4.73
CA ILE A 426 26.21 -33.22 -3.63
C ILE A 426 26.90 -34.46 -4.22
N THR A 427 28.21 -34.36 -4.44
CA THR A 427 29.02 -35.45 -4.93
C THR A 427 30.12 -35.77 -3.93
N GLY A 428 30.37 -37.06 -3.72
CA GLY A 428 31.34 -37.45 -2.72
C GLY A 428 31.83 -38.87 -2.97
N GLU A 429 32.78 -39.29 -2.13
CA GLU A 429 33.39 -40.60 -2.29
C GLU A 429 32.42 -41.72 -1.93
N ASN A 430 31.73 -41.59 -0.80
CA ASN A 430 30.88 -42.65 -0.29
C ASN A 430 29.43 -42.20 -0.11
N ILE A 431 28.96 -41.30 -0.98
CA ILE A 431 27.58 -40.86 -0.90
C ILE A 431 26.63 -42.00 -1.26
N ASP A 432 27.00 -42.80 -2.26
CA ASP A 432 26.13 -43.89 -2.70
C ASP A 432 25.84 -44.86 -1.56
N GLN A 433 26.86 -45.22 -0.80
CA GLN A 433 26.64 -46.04 0.39
C GLN A 433 25.84 -45.27 1.43
N SER A 434 26.16 -44.00 1.63
CA SER A 434 25.43 -43.19 2.61
C SER A 434 23.98 -42.99 2.18
N LEU A 435 23.74 -42.78 0.89
CA LEU A 435 22.37 -42.56 0.42
C LEU A 435 21.50 -43.78 0.65
N GLN A 436 22.06 -44.98 0.43
CA GLN A 436 21.28 -46.20 0.63
C GLN A 436 20.87 -46.35 2.10
N ILE A 437 21.77 -46.01 3.02
CA ILE A 437 21.44 -46.09 4.43
C ILE A 437 20.41 -45.02 4.80
N LEU A 438 20.55 -43.82 4.24
CA LEU A 438 19.66 -42.72 4.60
C LEU A 438 18.21 -43.02 4.21
N ILE A 439 18.00 -43.56 3.01
CA ILE A 439 16.63 -43.88 2.60
C ILE A 439 16.11 -45.08 3.38
N LYS A 440 16.99 -45.99 3.78
CA LYS A 440 16.55 -47.18 4.51
C LYS A 440 15.96 -46.81 5.87
N THR A 441 16.63 -45.90 6.59
CA THR A 441 16.08 -45.48 7.88
C THR A 441 14.91 -44.53 7.70
N LEU A 442 14.90 -43.74 6.62
CA LEU A 442 13.77 -42.87 6.35
C LEU A 442 12.52 -43.68 6.07
N GLU A 443 12.66 -44.79 5.34
CA GLU A 443 11.52 -45.67 5.08
C GLU A 443 10.98 -46.27 6.37
N ASN A 444 11.87 -46.67 7.28
CA ASN A 444 11.44 -47.26 8.53
C ASN A 444 10.68 -46.29 9.42
N ILE A 445 10.90 -44.98 9.24
CA ILE A 445 10.17 -44.00 10.04
C ILE A 445 8.68 -44.06 9.73
N LEU A 446 8.34 -44.15 8.45
CA LEU A 446 6.93 -44.23 8.05
C LEU A 446 6.31 -45.54 8.51
N VAL A 447 7.07 -46.64 8.46
CA VAL A 447 6.53 -47.94 8.84
C VAL A 447 6.24 -47.99 10.33
N SER A 448 7.16 -47.46 11.15
CA SER A 448 6.99 -47.54 12.59
C SER A 448 5.76 -46.74 13.04
N GLN A 449 5.06 -47.27 14.03
CA GLN A 449 3.82 -46.67 14.53
C GLN A 449 4.00 -45.93 15.84
N GLU A 450 5.15 -46.02 16.48
CA GLU A 450 5.41 -45.32 17.72
C GLU A 450 6.07 -43.96 17.52
N ILE A 451 6.31 -43.57 16.28
CA ILE A 451 6.98 -42.29 15.99
C ILE A 451 6.06 -41.15 16.40
N PRO A 452 6.56 -40.12 17.08
CA PRO A 452 5.74 -38.95 17.38
C PRO A 452 5.31 -38.22 16.12
N GLU A 453 4.24 -37.45 16.24
CA GLU A 453 3.66 -36.78 15.08
C GLU A 453 4.65 -35.81 14.45
N LEU A 454 5.37 -35.05 15.27
CA LEU A 454 6.29 -34.05 14.73
C LEU A 454 7.40 -34.68 13.91
N ILE A 455 7.98 -35.77 14.41
CA ILE A 455 9.03 -36.46 13.67
C ILE A 455 8.48 -37.05 12.37
N LEU A 456 7.29 -37.66 12.44
CA LEU A 456 6.70 -38.25 11.25
C LEU A 456 6.38 -37.17 10.21
N ALA A 457 5.87 -36.02 10.65
CA ALA A 457 5.58 -34.94 9.72
C ALA A 457 6.85 -34.43 9.03
N ARG A 458 7.93 -34.29 9.79
CA ARG A 458 9.19 -33.83 9.19
C ARG A 458 9.73 -34.86 8.21
N ALA A 459 9.63 -36.15 8.55
CA ALA A 459 10.10 -37.20 7.64
C ALA A 459 9.31 -37.19 6.33
N ILE A 460 8.00 -36.99 6.42
CA ILE A 460 7.17 -36.94 5.22
C ILE A 460 7.58 -35.77 4.34
N LEU A 461 7.83 -34.61 4.96
CA LEU A 461 8.20 -33.42 4.20
C LEU A 461 9.58 -33.56 3.57
N THR A 462 10.51 -34.19 4.29
CA THR A 462 11.90 -34.26 3.83
C THR A 462 12.14 -35.38 2.81
N ILE A 463 11.20 -36.31 2.64
CA ILE A 463 11.41 -37.39 1.67
C ILE A 463 11.54 -36.86 0.24
N PRO A 464 10.66 -36.00 -0.27
CA PRO A 464 10.85 -35.50 -1.64
C PRO A 464 12.16 -34.76 -1.83
N ARG A 465 12.65 -34.06 -0.80
CA ARG A 465 13.90 -33.32 -0.95
C ARG A 465 15.07 -34.28 -1.19
N VAL A 466 15.07 -35.44 -0.53
CA VAL A 466 16.12 -36.43 -0.76
C VAL A 466 16.11 -36.89 -2.20
N LEU A 467 14.91 -37.20 -2.73
CA LEU A 467 14.81 -37.68 -4.10
C LEU A 467 15.17 -36.59 -5.10
N ASP A 468 14.73 -35.35 -4.85
CA ASP A 468 14.97 -34.27 -5.80
C ASP A 468 16.45 -33.98 -5.95
N LYS A 469 17.19 -33.91 -4.83
CA LYS A 469 18.61 -33.61 -4.90
C LYS A 469 19.39 -34.73 -5.57
N PHE A 470 19.02 -35.98 -5.30
CA PHE A 470 19.71 -37.14 -5.83
C PHE A 470 18.93 -37.80 -6.97
N ILE A 471 18.32 -36.98 -7.82
CA ILE A 471 17.52 -37.50 -8.94
C ILE A 471 18.38 -38.33 -9.89
N ASP A 472 19.68 -38.05 -9.95
CA ASP A 472 20.57 -38.78 -10.84
C ASP A 472 21.39 -39.85 -10.15
N ALA A 473 21.71 -39.66 -8.86
CA ALA A 473 22.49 -40.66 -8.14
C ALA A 473 21.72 -41.97 -8.00
N LEU A 474 20.43 -41.90 -7.72
CA LEU A 474 19.63 -43.09 -7.55
C LEU A 474 19.33 -43.74 -8.90
N PRO A 475 19.68 -45.01 -9.10
CA PRO A 475 19.40 -45.67 -10.38
C PRO A 475 18.01 -46.26 -10.49
N ASP A 476 17.23 -46.28 -9.41
CA ASP A 476 15.88 -46.83 -9.40
C ASP A 476 14.91 -45.80 -8.85
N ILE A 477 14.99 -44.58 -9.37
CA ILE A 477 14.17 -43.48 -8.87
C ILE A 477 12.69 -43.75 -9.12
N LYS A 478 12.36 -44.27 -10.30
CA LYS A 478 10.95 -44.44 -10.67
C LYS A 478 10.21 -45.38 -9.73
N PRO A 479 10.68 -46.59 -9.43
CA PRO A 479 9.97 -47.40 -8.43
C PRO A 479 9.98 -46.79 -7.04
N LEU A 480 11.05 -46.07 -6.68
CA LEU A 480 11.13 -45.48 -5.35
C LEU A 480 10.09 -44.37 -5.17
N THR A 481 9.92 -43.52 -6.18
CA THR A 481 8.98 -42.41 -6.07
C THR A 481 7.56 -42.91 -5.89
N SER A 482 7.17 -43.94 -6.65
CA SER A 482 5.83 -44.50 -6.51
C SER A 482 5.62 -45.11 -5.14
N ALA A 483 6.63 -45.83 -4.63
CA ALA A 483 6.49 -46.47 -3.33
C ALA A 483 6.38 -45.43 -2.22
N PHE A 484 7.19 -44.37 -2.27
CA PHE A 484 7.18 -43.37 -1.20
C PHE A 484 5.90 -42.55 -1.21
N LEU A 485 5.48 -42.09 -2.40
CA LEU A 485 4.28 -41.28 -2.48
C LEU A 485 3.04 -42.07 -2.04
N ALA A 486 2.93 -43.32 -2.48
CA ALA A 486 1.81 -44.15 -2.06
C ALA A 486 1.84 -44.38 -0.55
N LYS A 487 3.03 -44.61 0.01
CA LYS A 487 3.14 -44.81 1.44
C LYS A 487 2.75 -43.56 2.21
N SER A 488 3.17 -42.39 1.72
CA SER A 488 2.84 -41.14 2.40
C SER A 488 1.33 -40.88 2.39
N LEU A 489 0.69 -41.10 1.24
CA LEU A 489 -0.74 -40.86 1.15
C LEU A 489 -1.53 -41.82 2.03
N ASN A 490 -1.12 -43.09 2.08
CA ASN A 490 -1.82 -44.06 2.90
C ASN A 490 -1.73 -43.70 4.38
N LEU A 491 -0.56 -43.25 4.83
CA LEU A 491 -0.41 -42.85 6.22
C LEU A 491 -1.31 -41.66 6.55
N ALA A 492 -1.41 -40.70 5.64
CA ALA A 492 -2.25 -39.53 5.88
C ALA A 492 -3.72 -39.92 6.01
N LEU A 493 -4.18 -40.85 5.18
CA LEU A 493 -5.57 -41.28 5.24
C LEU A 493 -5.88 -41.97 6.56
N LYS A 494 -5.00 -42.88 6.98
CA LYS A 494 -5.25 -43.64 8.21
C LYS A 494 -5.12 -42.75 9.44
N SER A 495 -4.14 -41.84 9.45
CA SER A 495 -3.92 -41.00 10.61
C SER A 495 -5.11 -40.07 10.84
N ASP A 496 -5.43 -39.83 12.11
CA ASP A 496 -6.54 -38.97 12.50
C ASP A 496 -6.07 -37.58 12.92
N LYS A 497 -4.79 -37.26 12.72
CA LYS A 497 -4.22 -35.99 13.11
C LYS A 497 -4.13 -35.08 11.89
N GLU A 498 -4.69 -33.87 12.01
CA GLU A 498 -4.64 -32.92 10.90
C GLU A 498 -3.21 -32.47 10.60
N LEU A 499 -2.31 -32.56 11.58
CA LEU A 499 -0.92 -32.16 11.34
C LEU A 499 -0.28 -33.04 10.27
N ILE A 500 -0.49 -34.36 10.36
CA ILE A 500 0.10 -35.27 9.38
C ILE A 500 -0.57 -35.09 8.02
N LYS A 501 -1.90 -34.96 8.01
CA LYS A 501 -2.61 -34.80 6.74
C LYS A 501 -2.18 -33.53 6.02
N SER A 502 -2.03 -32.42 6.75
CA SER A 502 -1.56 -31.18 6.15
C SER A 502 -0.14 -31.33 5.65
N ALA A 503 0.71 -32.02 6.41
CA ALA A 503 2.10 -32.21 5.99
C ALA A 503 2.18 -33.00 4.70
N THR A 504 1.36 -34.04 4.55
CA THR A 504 1.38 -34.82 3.32
C THR A 504 0.96 -34.00 2.13
N LEU A 505 -0.04 -33.12 2.29
CA LEU A 505 -0.45 -32.25 1.19
C LEU A 505 0.68 -31.34 0.74
N ILE A 506 1.41 -30.76 1.69
CA ILE A 506 2.58 -29.96 1.33
C ILE A 506 3.64 -30.83 0.69
N ALA A 507 3.80 -32.06 1.19
CA ALA A 507 4.77 -32.98 0.60
C ALA A 507 4.41 -33.31 -0.84
N PHE A 508 3.12 -33.47 -1.14
CA PHE A 508 2.69 -33.75 -2.50
C PHE A 508 3.06 -32.61 -3.44
N THR A 509 3.07 -31.37 -2.95
CA THR A 509 3.50 -30.25 -3.78
C THR A 509 4.96 -30.40 -4.17
N TYR A 510 5.81 -30.84 -3.23
CA TYR A 510 7.23 -31.04 -3.54
C TYR A 510 7.43 -32.14 -4.58
N TYR A 511 6.58 -33.17 -4.56
CA TYR A 511 6.72 -34.24 -5.54
C TYR A 511 6.50 -33.72 -6.96
N CYS A 512 5.48 -32.88 -7.14
CA CYS A 512 5.16 -32.37 -8.48
C CYS A 512 6.22 -31.41 -9.00
N TYR A 513 7.01 -30.79 -8.10
CA TYR A 513 8.01 -29.83 -8.54
C TYR A 513 9.15 -30.52 -9.27
N PHE A 514 9.67 -31.62 -8.71
CA PHE A 514 10.87 -32.24 -9.24
C PHE A 514 10.59 -33.35 -10.24
N ALA A 515 9.43 -33.99 -10.17
CA ALA A 515 9.10 -35.10 -11.05
C ALA A 515 7.71 -34.93 -11.62
N GLU A 516 7.53 -35.41 -12.85
CA GLU A 516 6.22 -35.41 -13.50
C GLU A 516 5.49 -36.69 -13.10
N LEU A 517 4.49 -36.54 -12.23
CA LEU A 517 3.81 -37.71 -11.68
C LEU A 517 3.13 -38.55 -12.75
N ASP A 518 2.74 -37.92 -13.86
CA ASP A 518 2.08 -38.67 -14.94
C ASP A 518 3.00 -39.73 -15.52
N SER A 519 4.27 -39.38 -15.76
CA SER A 519 5.18 -40.32 -16.41
C SER A 519 5.60 -41.44 -15.46
N VAL A 520 5.98 -41.10 -14.22
CA VAL A 520 6.53 -42.10 -13.32
C VAL A 520 5.44 -43.05 -12.84
N LEU A 521 4.30 -42.50 -12.42
CA LEU A 521 3.23 -43.35 -11.89
C LEU A 521 2.51 -44.10 -13.00
N GLY A 522 2.24 -43.44 -14.12
CA GLY A 522 1.46 -44.01 -15.18
C GLY A 522 0.08 -43.41 -15.24
N PRO A 523 -0.69 -43.75 -16.29
CA PRO A 523 -2.02 -43.14 -16.43
C PRO A 523 -2.99 -43.55 -15.33
N GLU A 524 -3.14 -44.85 -15.09
CA GLU A 524 -4.13 -45.30 -14.10
C GLU A 524 -3.70 -45.00 -12.68
N VAL A 525 -2.39 -45.04 -12.40
CA VAL A 525 -1.91 -44.76 -11.05
C VAL A 525 -2.09 -43.29 -10.70
N CYS A 526 -1.85 -42.41 -11.67
CA CYS A 526 -1.99 -40.97 -11.43
C CYS A 526 -3.44 -40.62 -11.08
N SER A 527 -4.40 -41.26 -11.76
CA SER A 527 -5.80 -41.01 -11.44
C SER A 527 -6.13 -41.42 -10.02
N GLU A 528 -5.59 -42.56 -9.57
CA GLU A 528 -5.80 -42.97 -8.18
C GLU A 528 -5.18 -41.98 -7.21
N THR A 529 -4.01 -41.44 -7.55
CA THR A 529 -3.37 -40.45 -6.69
C THR A 529 -4.22 -39.20 -6.56
N GLN A 530 -4.82 -38.74 -7.69
CA GLN A 530 -5.69 -37.58 -7.64
C GLN A 530 -6.90 -37.84 -6.74
N GLU A 531 -7.47 -39.04 -6.83
CA GLU A 531 -8.61 -39.38 -5.97
C GLU A 531 -8.20 -39.41 -4.51
N LYS A 532 -7.00 -39.91 -4.22
CA LYS A 532 -6.54 -39.96 -2.83
C LYS A 532 -6.30 -38.56 -2.27
N VAL A 533 -5.75 -37.65 -3.08
CA VAL A 533 -5.39 -36.33 -2.59
C VAL A 533 -6.64 -35.54 -2.21
N ILE A 534 -7.65 -35.57 -3.07
CA ILE A 534 -8.85 -34.77 -2.82
C ILE A 534 -9.56 -35.24 -1.56
N ARG A 535 -9.54 -36.55 -1.29
CA ARG A 535 -10.10 -37.06 -0.04
C ARG A 535 -9.36 -36.49 1.16
N ILE A 536 -8.03 -36.41 1.07
CA ILE A 536 -7.25 -35.77 2.13
C ILE A 536 -7.61 -34.30 2.22
N ILE A 537 -7.76 -33.63 1.08
CA ILE A 537 -8.09 -32.20 1.07
C ILE A 537 -9.44 -31.97 1.71
N ASN A 538 -10.41 -32.87 1.46
CA ASN A 538 -11.74 -32.70 2.02
C ASN A 538 -11.71 -32.72 3.55
N GLN A 539 -10.94 -33.63 4.14
CA GLN A 539 -10.90 -33.73 5.60
C GLN A 539 -10.20 -32.52 6.21
N VAL A 540 -9.13 -32.05 5.58
CA VAL A 540 -8.37 -30.93 6.13
C VAL A 540 -9.18 -29.64 6.07
N SER A 541 -9.95 -29.45 4.99
CA SER A 541 -10.64 -28.19 4.76
C SER A 541 -11.67 -27.88 5.84
N SER A 542 -12.07 -28.86 6.64
CA SER A 542 -13.06 -28.61 7.69
C SER A 542 -12.53 -27.64 8.74
N ASP A 543 -11.26 -27.75 9.09
CA ASP A 543 -10.65 -26.95 10.14
C ASP A 543 -9.49 -26.09 9.61
N ALA A 544 -9.70 -25.44 8.47
CA ALA A 544 -8.65 -24.63 7.88
C ALA A 544 -8.58 -23.26 8.55
N GLU A 545 -7.66 -22.43 8.07
CA GLU A 545 -7.48 -21.08 8.59
C GLU A 545 -7.19 -20.16 7.41
N GLU A 546 -6.73 -18.94 7.71
CA GLU A 546 -6.43 -17.98 6.64
C GLU A 546 -5.24 -18.41 5.81
N ASP A 547 -4.23 -19.04 6.43
CA ASP A 547 -3.06 -19.50 5.70
C ASP A 547 -3.20 -20.92 5.18
N THR A 548 -3.96 -21.77 5.89
CA THR A 548 -4.17 -23.13 5.42
C THR A 548 -4.94 -23.14 4.10
N ASN A 549 -5.93 -22.26 3.96
CA ASN A 549 -6.72 -22.22 2.74
C ASN A 549 -5.86 -21.85 1.53
N GLY A 550 -4.93 -20.91 1.72
CA GLY A 550 -4.05 -20.53 0.62
C GLY A 550 -3.18 -21.67 0.15
N ALA A 551 -2.62 -22.45 1.09
CA ALA A 551 -1.83 -23.61 0.70
C ALA A 551 -2.71 -24.72 0.15
N LEU A 552 -3.97 -24.80 0.60
CA LEU A 552 -4.87 -25.83 0.12
C LEU A 552 -5.20 -25.63 -1.36
N MET A 553 -5.25 -24.37 -1.81
CA MET A 553 -5.45 -24.11 -3.22
C MET A 553 -4.22 -24.47 -4.03
N GLU A 554 -3.02 -24.29 -3.46
CA GLU A 554 -1.79 -24.58 -4.19
C GLU A 554 -1.69 -26.05 -4.54
N VAL A 555 -1.97 -26.93 -3.58
CA VAL A 555 -1.92 -28.37 -3.86
C VAL A 555 -3.04 -28.76 -4.80
N LEU A 556 -4.20 -28.14 -4.67
CA LEU A 556 -5.32 -28.44 -5.56
C LEU A 556 -4.98 -28.07 -7.00
N SER A 557 -4.20 -26.99 -7.20
CA SER A 557 -3.80 -26.60 -8.54
C SER A 557 -2.96 -27.69 -9.21
N GLN A 558 -2.08 -28.33 -8.43
CA GLN A 558 -1.27 -29.41 -8.99
C GLN A 558 -2.14 -30.58 -9.42
N VAL A 559 -3.17 -30.90 -8.64
CA VAL A 559 -4.06 -32.01 -8.99
C VAL A 559 -4.80 -31.71 -10.29
N ILE A 560 -5.21 -30.45 -10.48
CA ILE A 560 -5.92 -30.08 -11.71
C ILE A 560 -5.04 -30.29 -12.93
N SER A 561 -3.76 -29.90 -12.83
CA SER A 561 -2.85 -30.03 -13.96
C SER A 561 -2.58 -31.47 -14.34
N TYR A 562 -2.87 -32.42 -13.45
CA TYR A 562 -2.66 -33.84 -13.72
C TYR A 562 -3.92 -34.55 -14.19
N ASN A 563 -4.91 -33.79 -14.67
CA ASN A 563 -6.13 -34.41 -15.17
C ASN A 563 -5.85 -35.20 -16.43
N PRO A 564 -6.59 -36.31 -16.65
CA PRO A 564 -6.38 -37.10 -17.88
C PRO A 564 -6.86 -36.35 -19.11
N LYS A 565 -6.59 -36.92 -20.29
CA LYS A 565 -6.96 -36.28 -21.54
C LYS A 565 -8.44 -36.52 -21.84
N GLU A 566 -8.91 -35.92 -22.94
CA GLU A 566 -10.32 -36.04 -23.31
C GLU A 566 -10.77 -37.48 -23.53
N PRO A 567 -10.05 -38.34 -24.28
CA PRO A 567 -10.54 -39.71 -24.46
C PRO A 567 -10.66 -40.49 -23.17
N HIS A 568 -9.83 -40.18 -22.16
CA HIS A 568 -9.83 -40.90 -20.89
C HIS A 568 -10.29 -40.00 -19.75
N SER A 569 -11.06 -38.96 -20.06
CA SER A 569 -11.55 -38.06 -19.03
C SER A 569 -12.54 -38.77 -18.12
N ARG A 570 -12.46 -38.49 -16.82
CA ARG A 570 -13.35 -39.07 -15.82
C ARG A 570 -14.23 -37.97 -15.24
N LYS A 571 -15.55 -38.18 -15.30
CA LYS A 571 -16.49 -37.17 -14.83
C LYS A 571 -16.51 -37.10 -13.31
N GLU A 572 -16.14 -38.18 -12.62
CA GLU A 572 -16.21 -38.19 -11.16
C GLU A 572 -15.21 -37.21 -10.56
N ILE A 573 -13.96 -37.27 -10.99
CA ILE A 573 -12.94 -36.39 -10.41
C ILE A 573 -13.19 -34.94 -10.80
N LEU A 574 -13.71 -34.69 -12.00
CA LEU A 574 -14.01 -33.31 -12.40
C LEU A 574 -15.09 -32.71 -11.51
N GLN A 575 -16.13 -33.48 -11.18
CA GLN A 575 -17.16 -32.99 -10.28
C GLN A 575 -16.59 -32.71 -8.90
N ALA A 576 -15.75 -33.61 -8.39
CA ALA A 576 -15.14 -33.39 -7.08
C ALA A 576 -14.18 -32.20 -7.10
N GLU A 577 -13.39 -32.06 -8.17
CA GLU A 577 -12.44 -30.96 -8.24
C GLU A 577 -13.15 -29.62 -8.24
N PHE A 578 -14.22 -29.49 -9.02
CA PHE A 578 -14.92 -28.21 -9.10
C PHE A 578 -15.68 -27.90 -7.81
N HIS A 579 -16.26 -28.92 -7.17
CA HIS A 579 -16.93 -28.68 -5.90
C HIS A 579 -15.92 -28.34 -4.80
N LEU A 580 -14.71 -28.88 -4.88
CA LEU A 580 -13.72 -28.61 -3.85
C LEU A 580 -13.17 -27.19 -3.95
N VAL A 581 -12.83 -26.75 -5.16
CA VAL A 581 -12.24 -25.42 -5.32
C VAL A 581 -13.23 -24.34 -4.91
N PHE A 582 -14.52 -24.57 -5.18
CA PHE A 582 -15.54 -23.60 -4.76
C PHE A 582 -15.76 -23.66 -3.26
N THR A 583 -15.66 -24.84 -2.66
CA THR A 583 -15.96 -24.98 -1.24
C THR A 583 -14.93 -24.25 -0.38
N ILE A 584 -13.63 -24.49 -0.63
CA ILE A 584 -12.60 -23.84 0.15
C ILE A 584 -12.61 -22.33 -0.10
N SER A 585 -12.73 -21.93 -1.36
CA SER A 585 -12.68 -20.51 -1.69
C SER A 585 -13.85 -19.75 -1.07
N SER A 586 -15.05 -20.33 -1.10
CA SER A 586 -16.21 -19.67 -0.53
C SER A 586 -16.12 -19.57 0.99
N GLU A 587 -15.35 -20.43 1.64
CA GLU A 587 -15.22 -20.36 3.09
C GLU A 587 -14.50 -19.09 3.52
N ASP A 588 -13.50 -18.66 2.75
CA ASP A 588 -12.75 -17.44 3.04
C ASP A 588 -12.71 -16.58 1.78
N PRO A 589 -13.85 -15.98 1.41
CA PRO A 589 -13.87 -15.18 0.18
C PRO A 589 -12.95 -13.97 0.21
N ALA A 590 -12.77 -13.34 1.37
CA ALA A 590 -11.99 -12.11 1.44
C ALA A 590 -10.50 -12.35 1.25
N ASN A 591 -10.04 -13.59 1.38
CA ASN A 591 -8.62 -13.91 1.24
C ASN A 591 -8.20 -13.69 -0.21
N VAL A 592 -7.40 -12.66 -0.45
CA VAL A 592 -6.97 -12.35 -1.82
C VAL A 592 -6.02 -13.43 -2.35
N GLN A 593 -5.23 -14.05 -1.47
CA GLN A 593 -4.34 -15.11 -1.92
C GLN A 593 -5.11 -16.31 -2.41
N VAL A 594 -6.19 -16.67 -1.73
CA VAL A 594 -7.03 -17.78 -2.17
C VAL A 594 -7.69 -17.45 -3.51
N VAL A 595 -8.18 -16.23 -3.66
CA VAL A 595 -8.93 -15.86 -4.86
C VAL A 595 -8.04 -15.94 -6.09
N VAL A 596 -6.83 -15.39 -6.01
CA VAL A 596 -5.94 -15.37 -7.17
C VAL A 596 -5.47 -16.78 -7.51
N GLN A 597 -5.21 -17.61 -6.50
CA GLN A 597 -4.80 -18.98 -6.78
C GLN A 597 -5.96 -19.80 -7.30
N SER A 598 -7.18 -19.57 -6.79
CA SER A 598 -8.35 -20.23 -7.34
C SER A 598 -8.60 -19.81 -8.77
N GLN A 599 -8.20 -18.59 -9.14
CA GLN A 599 -8.30 -18.15 -10.52
C GLN A 599 -7.45 -19.02 -11.44
N GLU A 600 -6.22 -19.34 -11.01
CA GLU A 600 -5.38 -20.24 -11.79
C GLU A 600 -5.99 -21.63 -11.87
N CYS A 601 -6.56 -22.12 -10.76
CA CYS A 601 -7.21 -23.42 -10.77
C CYS A 601 -8.39 -23.44 -11.71
N LEU A 602 -9.20 -22.38 -11.71
CA LEU A 602 -10.35 -22.32 -12.60
C LEU A 602 -9.91 -22.26 -14.06
N GLU A 603 -8.85 -21.52 -14.35
CA GLU A 603 -8.37 -21.40 -15.73
C GLU A 603 -7.91 -22.75 -16.27
N LYS A 604 -7.18 -23.51 -15.45
CA LYS A 604 -6.69 -24.82 -15.90
C LYS A 604 -7.85 -25.77 -16.17
N LEU A 605 -8.86 -25.77 -15.31
CA LEU A 605 -9.98 -26.70 -15.47
C LEU A 605 -10.82 -26.34 -16.67
N LEU A 606 -10.96 -25.05 -16.98
CA LEU A 606 -11.73 -24.59 -18.12
C LEU A 606 -10.90 -24.48 -19.39
N ASP A 607 -9.63 -24.89 -19.36
CA ASP A 607 -8.76 -24.76 -20.53
C ASP A 607 -9.04 -25.81 -21.59
N ASN A 608 -9.71 -26.91 -21.24
CA ASN A 608 -9.96 -28.02 -22.15
C ASN A 608 -11.44 -28.21 -22.42
N ILE A 609 -12.15 -27.10 -22.64
CA ILE A 609 -13.59 -27.14 -22.91
C ILE A 609 -13.79 -27.19 -24.42
N ASN A 610 -14.63 -28.12 -24.87
CA ASN A 610 -14.95 -28.27 -26.28
C ASN A 610 -16.46 -28.28 -26.45
N MET A 611 -16.90 -28.35 -27.71
CA MET A 611 -18.33 -28.37 -28.00
C MET A 611 -18.98 -29.66 -27.54
N ASP A 612 -18.25 -30.79 -27.65
CA ASP A 612 -18.83 -32.09 -27.31
C ASP A 612 -19.15 -32.17 -25.82
N ASN A 613 -18.24 -31.69 -24.97
CA ASN A 613 -18.44 -31.72 -23.53
C ASN A 613 -18.98 -30.41 -22.97
N TYR A 614 -19.45 -29.51 -23.83
CA TYR A 614 -19.97 -28.23 -23.36
C TYR A 614 -21.18 -28.41 -22.46
N LYS A 615 -22.07 -29.34 -22.82
CA LYS A 615 -23.29 -29.56 -22.03
C LYS A 615 -22.96 -30.02 -20.63
N ASN A 616 -21.97 -30.92 -20.49
CA ASN A 616 -21.59 -31.39 -19.17
C ASN A 616 -21.04 -30.27 -18.31
N TYR A 617 -20.24 -29.39 -18.90
CA TYR A 617 -19.67 -28.28 -18.14
C TYR A 617 -20.75 -27.29 -17.71
N ILE A 618 -21.82 -27.16 -18.47
CA ILE A 618 -22.88 -26.20 -18.12
C ILE A 618 -23.52 -26.59 -16.80
N GLU A 619 -23.91 -27.85 -16.65
CA GLU A 619 -24.51 -28.32 -15.40
C GLU A 619 -23.48 -28.46 -14.29
N LEU A 620 -22.20 -28.60 -14.63
CA LEU A 620 -21.16 -28.75 -13.62
C LEU A 620 -20.83 -27.42 -12.95
N CYS A 621 -20.87 -26.33 -13.70
CA CYS A 621 -20.35 -25.04 -13.23
C CYS A 621 -21.45 -24.05 -12.86
N LEU A 622 -22.46 -23.89 -13.71
CA LEU A 622 -23.45 -22.84 -13.50
C LEU A 622 -24.19 -22.95 -12.17
N PRO A 623 -24.66 -24.11 -11.72
CA PRO A 623 -25.28 -24.18 -10.39
C PRO A 623 -24.36 -23.71 -9.27
N SER A 624 -23.06 -24.02 -9.37
CA SER A 624 -22.11 -23.53 -8.38
C SER A 624 -21.94 -22.02 -8.50
N PHE A 625 -21.86 -21.50 -9.73
CA PHE A 625 -21.70 -20.06 -9.92
C PHE A 625 -22.91 -19.29 -9.43
N ILE A 626 -24.11 -19.89 -9.53
CA ILE A 626 -25.30 -19.24 -9.00
C ILE A 626 -25.23 -19.17 -7.48
N ASN A 627 -24.65 -20.18 -6.84
CA ASN A 627 -24.68 -20.27 -5.38
C ASN A 627 -23.99 -19.08 -4.73
N VAL A 628 -22.84 -18.67 -5.27
CA VAL A 628 -22.14 -17.52 -4.69
C VAL A 628 -22.97 -16.25 -4.85
N LEU A 629 -23.72 -16.14 -5.96
CA LEU A 629 -24.61 -15.00 -6.13
C LEU A 629 -25.70 -15.00 -5.07
N ASP A 630 -26.28 -16.16 -4.78
CA ASP A 630 -27.24 -16.25 -3.68
C ASP A 630 -26.58 -16.00 -2.34
N SER A 631 -25.36 -16.51 -2.15
CA SER A 631 -24.65 -16.30 -0.90
C SER A 631 -24.34 -14.82 -0.68
N ASN A 632 -23.92 -14.11 -1.74
CA ASN A 632 -23.65 -12.69 -1.63
C ASN A 632 -24.93 -11.84 -1.67
N ASN A 633 -26.07 -12.43 -2.02
CA ASN A 633 -27.31 -11.68 -2.05
C ASN A 633 -27.71 -11.22 -0.65
N ALA A 634 -27.52 -12.08 0.36
CA ALA A 634 -27.87 -11.71 1.72
C ALA A 634 -27.05 -10.54 2.24
N ASN A 635 -25.88 -10.31 1.64
CA ASN A 635 -25.02 -9.20 2.02
C ASN A 635 -25.31 -7.93 1.24
N ASN A 636 -26.38 -7.92 0.44
CA ASN A 636 -26.75 -6.78 -0.40
C ASN A 636 -25.67 -6.44 -1.41
N TYR A 637 -24.91 -7.46 -1.82
CA TYR A 637 -23.91 -7.34 -2.89
C TYR A 637 -22.87 -6.26 -2.58
N ARG A 638 -22.22 -6.39 -1.42
CA ARG A 638 -21.09 -5.53 -1.12
C ARG A 638 -19.86 -6.02 -1.87
N TYR A 639 -18.75 -5.30 -1.70
CA TYR A 639 -17.51 -5.69 -2.35
C TYR A 639 -16.99 -7.00 -1.78
N SER A 640 -16.52 -7.88 -2.66
CA SER A 640 -15.93 -9.15 -2.28
C SER A 640 -15.05 -9.64 -3.41
N PRO A 641 -13.77 -9.93 -3.16
CA PRO A 641 -12.90 -10.42 -4.23
C PRO A 641 -13.40 -11.70 -4.88
N LEU A 642 -14.05 -12.58 -4.12
CA LEU A 642 -14.68 -13.75 -4.71
C LEU A 642 -15.81 -13.35 -5.65
N LEU A 643 -16.65 -12.39 -5.22
CA LEU A 643 -17.75 -11.96 -6.05
C LEU A 643 -17.26 -11.31 -7.34
N SER A 644 -16.19 -10.53 -7.25
CA SER A 644 -15.58 -9.95 -8.45
C SER A 644 -15.00 -11.04 -9.34
N LEU A 645 -14.39 -12.06 -8.75
CA LEU A 645 -13.72 -13.10 -9.55
C LEU A 645 -14.75 -13.96 -10.28
N VAL A 646 -15.80 -14.39 -9.60
CA VAL A 646 -16.78 -15.29 -10.23
C VAL A 646 -17.48 -14.58 -11.38
N LEU A 647 -17.83 -13.30 -11.19
CA LEU A 647 -18.45 -12.54 -12.28
C LEU A 647 -17.51 -12.40 -13.46
N GLU A 648 -16.22 -12.17 -13.19
CA GLU A 648 -15.24 -12.09 -14.26
C GLU A 648 -15.10 -13.44 -14.97
N PHE A 649 -15.02 -14.53 -14.19
CA PHE A 649 -14.91 -15.85 -14.78
C PHE A 649 -16.24 -16.35 -15.34
N ILE A 650 -17.36 -15.70 -15.03
CA ILE A 650 -18.58 -15.99 -15.74
C ILE A 650 -18.42 -15.62 -17.21
N THR A 651 -17.83 -14.47 -17.49
CA THR A 651 -17.72 -13.98 -18.86
C THR A 651 -16.95 -14.95 -19.74
N VAL A 652 -15.79 -15.40 -19.27
CA VAL A 652 -14.96 -16.29 -20.08
C VAL A 652 -15.69 -17.59 -20.39
N PHE A 653 -16.60 -18.01 -19.51
CA PHE A 653 -17.45 -19.15 -19.83
C PHE A 653 -18.34 -18.84 -21.04
N LEU A 654 -18.93 -17.64 -21.08
CA LEU A 654 -19.65 -17.24 -22.28
C LEU A 654 -18.70 -17.07 -23.45
N LYS A 655 -17.50 -16.54 -23.21
CA LYS A 655 -16.54 -16.36 -24.29
C LYS A 655 -16.07 -17.71 -24.85
N LYS A 656 -15.73 -18.64 -23.98
CA LYS A 656 -15.30 -19.97 -24.42
C LYS A 656 -16.53 -20.74 -24.88
N LYS A 657 -16.63 -20.95 -26.19
CA LYS A 657 -17.81 -21.55 -26.80
C LYS A 657 -17.50 -21.84 -28.27
N PRO A 658 -18.19 -22.83 -28.85
CA PRO A 658 -18.10 -23.01 -30.30
C PRO A 658 -18.64 -21.78 -31.03
N ASN A 659 -18.01 -21.45 -32.15
CA ASN A 659 -18.34 -20.24 -32.89
C ASN A 659 -19.49 -20.43 -33.88
N ASP A 660 -20.27 -21.50 -33.74
CA ASP A 660 -21.38 -21.73 -34.67
C ASP A 660 -22.44 -20.65 -34.53
N GLY A 661 -22.78 -20.27 -33.30
CA GLY A 661 -23.81 -19.29 -33.11
C GLY A 661 -23.95 -18.94 -31.64
N PHE A 662 -25.13 -18.40 -31.29
CA PHE A 662 -25.38 -18.04 -29.91
C PHE A 662 -25.48 -19.28 -29.02
N LEU A 663 -25.21 -19.08 -27.74
CA LEU A 663 -25.15 -20.18 -26.79
C LEU A 663 -26.55 -20.74 -26.52
N PRO A 664 -26.64 -21.99 -26.06
CA PRO A 664 -27.96 -22.59 -25.82
C PRO A 664 -28.70 -21.88 -24.70
N ASP A 665 -30.02 -21.99 -24.74
CA ASP A 665 -30.87 -21.30 -23.78
C ASP A 665 -30.69 -21.81 -22.35
N GLU A 666 -30.05 -22.97 -22.18
CA GLU A 666 -29.81 -23.48 -20.83
C GLU A 666 -28.94 -22.52 -20.02
N ILE A 667 -27.90 -21.97 -20.64
CA ILE A 667 -27.09 -20.95 -19.98
C ILE A 667 -27.93 -19.71 -19.70
N ASN A 668 -28.74 -19.31 -20.68
CA ASN A 668 -29.60 -18.15 -20.50
C ASN A 668 -30.61 -18.39 -19.37
N GLN A 669 -31.22 -19.57 -19.33
CA GLN A 669 -32.19 -19.86 -18.28
C GLN A 669 -31.53 -19.88 -16.91
N TYR A 670 -30.33 -20.43 -16.82
CA TYR A 670 -29.65 -20.55 -15.52
C TYR A 670 -29.19 -19.20 -15.00
N LEU A 671 -28.56 -18.40 -15.86
CA LEU A 671 -27.80 -17.24 -15.41
C LEU A 671 -28.58 -15.95 -15.40
N PHE A 672 -29.63 -15.83 -16.22
CA PHE A 672 -30.28 -14.54 -16.40
C PHE A 672 -30.90 -14.03 -15.10
N GLU A 673 -31.67 -14.88 -14.42
CA GLU A 673 -32.35 -14.43 -13.21
C GLU A 673 -31.40 -14.01 -12.10
N PRO A 674 -30.38 -14.79 -11.72
CA PRO A 674 -29.44 -14.27 -10.71
C PRO A 674 -28.67 -13.05 -11.17
N LEU A 675 -28.35 -12.96 -12.46
CA LEU A 675 -27.61 -11.80 -12.95
C LEU A 675 -28.46 -10.53 -12.88
N ALA A 676 -29.74 -10.64 -13.24
CA ALA A 676 -30.63 -9.48 -13.18
C ALA A 676 -30.78 -8.98 -11.74
N LYS A 677 -30.91 -9.91 -10.79
CA LYS A 677 -30.98 -9.53 -9.39
C LYS A 677 -29.68 -8.89 -8.92
N VAL A 678 -28.55 -9.25 -9.54
CA VAL A 678 -27.27 -8.65 -9.18
C VAL A 678 -27.22 -7.19 -9.64
N LEU A 679 -27.67 -6.94 -10.87
CA LEU A 679 -27.62 -5.57 -11.40
C LEU A 679 -28.49 -4.63 -10.59
N ALA A 680 -29.70 -5.05 -10.24
CA ALA A 680 -30.50 -4.30 -9.29
C ALA A 680 -30.07 -4.63 -7.86
N PHE A 681 -30.69 -3.97 -6.89
CA PHE A 681 -30.49 -4.25 -5.47
C PHE A 681 -29.01 -4.18 -5.06
N SER A 682 -28.19 -3.46 -5.82
CA SER A 682 -26.77 -3.35 -5.54
C SER A 682 -26.31 -1.93 -5.80
N THR A 683 -25.53 -1.36 -4.87
CA THR A 683 -25.05 0.01 -4.99
C THR A 683 -23.56 0.10 -5.28
N GLU A 684 -22.78 -0.93 -4.96
CA GLU A 684 -21.35 -0.89 -5.24
C GLU A 684 -21.11 -0.89 -6.74
N ASP A 685 -20.18 -0.04 -7.18
CA ASP A 685 -19.96 0.17 -8.61
C ASP A 685 -18.98 -0.83 -9.21
N GLU A 686 -17.96 -1.26 -8.45
CA GLU A 686 -16.98 -2.18 -9.00
C GLU A 686 -17.61 -3.51 -9.38
N THR A 687 -18.47 -4.06 -8.51
CA THR A 687 -19.18 -5.28 -8.85
C THR A 687 -20.20 -5.03 -9.96
N LEU A 688 -20.82 -3.85 -9.96
CA LEU A 688 -21.76 -3.51 -11.02
C LEU A 688 -21.07 -3.44 -12.36
N GLN A 689 -19.87 -2.85 -12.40
CA GLN A 689 -19.14 -2.74 -13.67
C GLN A 689 -18.81 -4.11 -14.23
N LEU A 690 -18.41 -5.05 -13.39
CA LEU A 690 -18.15 -6.41 -13.84
C LEU A 690 -19.44 -7.12 -14.24
N ALA A 691 -20.54 -6.82 -13.56
CA ALA A 691 -21.79 -7.52 -13.83
C ALA A 691 -22.38 -7.11 -15.17
N THR A 692 -22.38 -5.81 -15.49
CA THR A 692 -23.05 -5.34 -16.69
C THR A 692 -22.38 -5.88 -17.95
N GLU A 693 -21.05 -5.90 -17.98
CA GLU A 693 -20.35 -6.42 -19.15
C GLU A 693 -20.55 -7.92 -19.28
N ALA A 694 -20.60 -8.63 -18.15
CA ALA A 694 -21.01 -10.03 -18.17
C ALA A 694 -22.44 -10.16 -18.65
N PHE A 695 -23.33 -9.28 -18.18
CA PHE A 695 -24.72 -9.30 -18.62
C PHE A 695 -24.82 -8.93 -20.09
N SER A 696 -24.01 -7.97 -20.54
CA SER A 696 -24.07 -7.53 -21.93
C SER A 696 -23.70 -8.65 -22.89
N TYR A 697 -22.64 -9.40 -22.56
CA TYR A 697 -22.21 -10.47 -23.45
C TYR A 697 -23.24 -11.59 -23.51
N LEU A 698 -23.92 -11.87 -22.40
CA LEU A 698 -24.98 -12.87 -22.41
C LEU A 698 -26.12 -12.44 -23.33
N ILE A 699 -26.49 -11.17 -23.29
CA ILE A 699 -27.53 -10.66 -24.18
C ILE A 699 -27.08 -10.73 -25.63
N PHE A 700 -25.83 -10.34 -25.90
CA PHE A 700 -25.32 -10.31 -27.25
C PHE A 700 -25.02 -11.70 -27.81
N ASN A 701 -25.07 -12.74 -26.98
CA ASN A 701 -24.77 -14.10 -27.42
C ASN A 701 -25.91 -15.06 -27.05
N THR A 702 -27.15 -14.60 -27.21
CA THR A 702 -28.32 -15.40 -26.94
C THR A 702 -29.32 -15.24 -28.08
N ASP A 703 -30.20 -16.23 -28.21
CA ASP A 703 -31.21 -16.19 -29.26
C ASP A 703 -32.21 -15.07 -29.00
N THR A 704 -32.60 -14.37 -30.07
CA THR A 704 -33.55 -13.27 -29.94
C THR A 704 -34.91 -13.79 -29.45
N ARG A 705 -35.39 -14.89 -30.04
CA ARG A 705 -36.70 -15.41 -29.66
C ARG A 705 -36.71 -15.87 -28.21
N ALA A 706 -35.63 -16.51 -27.75
CA ALA A 706 -35.56 -16.95 -26.37
C ALA A 706 -35.56 -15.78 -25.40
N MET A 707 -34.91 -14.67 -25.76
CA MET A 707 -34.82 -13.50 -24.91
C MET A 707 -36.02 -12.57 -25.05
N GLU A 708 -36.95 -12.87 -25.95
CA GLU A 708 -38.08 -11.98 -26.19
C GLU A 708 -38.94 -11.73 -24.96
N PRO A 709 -39.32 -12.73 -24.16
CA PRO A 709 -40.22 -12.46 -23.03
C PRO A 709 -39.65 -11.53 -21.98
N ARG A 710 -38.33 -11.36 -21.93
CA ARG A 710 -37.69 -10.57 -20.88
C ARG A 710 -37.13 -9.24 -21.38
N LEU A 711 -37.62 -8.74 -22.51
CA LEU A 711 -37.27 -7.39 -22.92
C LEU A 711 -37.80 -6.36 -21.93
N MET A 712 -38.97 -6.61 -21.34
CA MET A 712 -39.50 -5.74 -20.31
C MET A 712 -38.62 -5.79 -19.06
N ASP A 713 -38.14 -6.99 -18.69
CA ASP A 713 -37.38 -7.15 -17.47
C ASP A 713 -36.10 -6.34 -17.50
N ILE A 714 -35.37 -6.38 -18.62
CA ILE A 714 -34.11 -5.65 -18.70
C ILE A 714 -34.34 -4.14 -18.71
N MET A 715 -35.54 -3.68 -19.07
CA MET A 715 -35.83 -2.25 -18.99
C MET A 715 -35.75 -1.75 -17.56
N LYS A 716 -36.20 -2.56 -16.60
CA LYS A 716 -36.06 -2.19 -15.19
C LYS A 716 -34.59 -2.04 -14.82
N VAL A 717 -33.74 -2.95 -15.32
CA VAL A 717 -32.30 -2.82 -15.12
C VAL A 717 -31.78 -1.55 -15.79
N LEU A 718 -32.25 -1.28 -17.01
CA LEU A 718 -31.83 -0.08 -17.73
C LEU A 718 -32.19 1.18 -16.95
N GLU A 719 -33.42 1.25 -16.45
CA GLU A 719 -33.82 2.39 -15.62
C GLU A 719 -33.02 2.44 -14.33
N ARG A 720 -32.82 1.29 -13.69
CA ARG A 720 -32.07 1.25 -12.44
C ARG A 720 -30.61 1.65 -12.67
N LEU A 721 -30.02 1.20 -13.78
CA LEU A 721 -28.63 1.56 -14.07
C LEU A 721 -28.50 3.06 -14.28
N LEU A 722 -29.46 3.68 -14.96
CA LEU A 722 -29.44 5.11 -15.20
C LEU A 722 -30.08 5.90 -14.06
N SER A 723 -30.61 5.22 -13.05
CA SER A 723 -31.21 5.92 -11.91
C SER A 723 -30.14 6.58 -11.06
N LEU A 724 -30.57 7.57 -10.27
CA LEU A 724 -29.68 8.30 -9.39
C LEU A 724 -29.22 7.45 -8.20
N GLU A 725 -29.82 6.28 -7.98
CA GLU A 725 -29.44 5.46 -6.83
C GLU A 725 -28.00 4.98 -6.95
N VAL A 726 -27.58 4.59 -8.16
CA VAL A 726 -26.24 4.10 -8.37
C VAL A 726 -25.31 5.28 -8.61
N SER A 727 -24.01 5.06 -8.37
CA SER A 727 -23.02 6.11 -8.56
C SER A 727 -22.78 6.35 -10.05
N ASP A 728 -22.26 7.54 -10.36
CA ASP A 728 -21.94 7.88 -11.74
C ASP A 728 -20.78 7.06 -12.29
N SER A 729 -19.97 6.46 -11.41
CA SER A 729 -18.85 5.66 -11.89
C SER A 729 -19.31 4.41 -12.62
N ALA A 730 -20.51 3.91 -12.30
CA ALA A 730 -21.08 2.78 -13.01
C ALA A 730 -22.02 3.21 -14.14
N ALA A 731 -22.17 4.51 -14.37
CA ALA A 731 -23.12 4.97 -15.37
C ALA A 731 -22.61 4.74 -16.79
N MET A 732 -21.31 4.96 -17.02
CA MET A 732 -20.79 4.87 -18.39
C MET A 732 -20.84 3.45 -18.93
N ASN A 733 -20.94 2.43 -18.07
CA ASN A 733 -20.93 1.05 -18.54
C ASN A 733 -22.20 0.68 -19.29
N VAL A 734 -23.23 1.52 -19.28
CA VAL A 734 -24.47 1.22 -19.98
C VAL A 734 -24.33 1.31 -21.49
N GLY A 735 -23.26 1.96 -21.98
CA GLY A 735 -23.08 2.17 -23.39
C GLY A 735 -23.00 0.90 -24.22
N PRO A 736 -22.02 0.03 -23.91
CA PRO A 736 -21.93 -1.24 -24.65
C PRO A 736 -23.19 -2.08 -24.54
N LEU A 737 -23.83 -2.11 -23.36
CA LEU A 737 -25.03 -2.90 -23.20
C LEU A 737 -26.17 -2.37 -24.06
N VAL A 738 -26.35 -1.05 -24.10
CA VAL A 738 -27.41 -0.49 -24.91
C VAL A 738 -27.10 -0.67 -26.40
N VAL A 739 -25.83 -0.61 -26.78
CA VAL A 739 -25.47 -0.87 -28.17
C VAL A 739 -25.81 -2.30 -28.55
N ALA A 740 -25.49 -3.25 -27.66
CA ALA A 740 -25.79 -4.65 -27.93
C ALA A 740 -27.29 -4.90 -28.01
N ILE A 741 -28.06 -4.29 -27.10
CA ILE A 741 -29.50 -4.53 -27.11
C ILE A 741 -30.15 -3.89 -28.33
N PHE A 742 -29.64 -2.74 -28.78
CA PHE A 742 -30.17 -2.12 -29.99
C PHE A 742 -29.81 -2.94 -31.22
N THR A 743 -28.61 -3.52 -31.25
CA THR A 743 -28.23 -4.38 -32.37
C THR A 743 -29.10 -5.64 -32.41
N ARG A 744 -29.35 -6.25 -31.26
CA ARG A 744 -30.09 -7.50 -31.22
C ARG A 744 -31.60 -7.28 -31.34
N PHE A 745 -32.12 -6.20 -30.76
CA PHE A 745 -33.56 -5.99 -30.66
C PHE A 745 -33.94 -4.62 -31.21
N SER A 746 -33.46 -4.31 -32.42
CA SER A 746 -33.84 -3.06 -33.07
C SER A 746 -35.30 -3.05 -33.52
N LYS A 747 -35.98 -4.21 -33.49
CA LYS A 747 -37.34 -4.30 -33.98
C LYS A 747 -38.38 -3.93 -32.92
N GLU A 748 -38.36 -4.62 -31.78
CA GLU A 748 -39.38 -4.46 -30.75
C GLU A 748 -39.01 -3.43 -29.70
N ILE A 749 -37.89 -2.72 -29.86
CA ILE A 749 -37.51 -1.68 -28.91
C ILE A 749 -38.29 -0.40 -29.11
N GLN A 750 -39.05 -0.28 -30.20
CA GLN A 750 -39.76 0.95 -30.50
C GLN A 750 -40.75 1.36 -29.40
N PRO A 751 -41.58 0.47 -28.85
CA PRO A 751 -42.44 0.90 -27.73
C PRO A 751 -41.67 1.41 -26.52
N LEU A 752 -40.50 0.85 -26.24
CA LEU A 752 -39.69 1.27 -25.10
C LEU A 752 -38.70 2.36 -25.46
N ILE A 753 -38.70 2.83 -26.71
CA ILE A 753 -37.79 3.89 -27.13
C ILE A 753 -38.04 5.15 -26.32
N GLY A 754 -39.30 5.50 -26.13
CA GLY A 754 -39.61 6.70 -25.35
C GLY A 754 -39.10 6.61 -23.93
N ARG A 755 -39.33 5.46 -23.27
CA ARG A 755 -38.88 5.29 -21.90
C ARG A 755 -37.36 5.34 -21.79
N ILE A 756 -36.66 4.65 -22.68
CA ILE A 756 -35.20 4.63 -22.59
C ILE A 756 -34.63 6.01 -22.91
N LEU A 757 -35.23 6.72 -23.87
CA LEU A 757 -34.79 8.09 -24.16
C LEU A 757 -35.02 9.00 -22.97
N GLU A 758 -36.16 8.89 -22.31
CA GLU A 758 -36.43 9.70 -21.13
C GLU A 758 -35.41 9.43 -20.04
N ALA A 759 -35.13 8.15 -19.79
CA ALA A 759 -34.17 7.79 -18.74
C ALA A 759 -32.78 8.34 -19.07
N VAL A 760 -32.34 8.19 -20.32
CA VAL A 760 -30.98 8.59 -20.67
C VAL A 760 -30.86 10.11 -20.64
N VAL A 761 -31.88 10.84 -21.11
CA VAL A 761 -31.78 12.30 -21.09
C VAL A 761 -31.84 12.81 -19.65
N VAL A 762 -32.65 12.17 -18.80
CA VAL A 762 -32.70 12.58 -17.40
C VAL A 762 -31.34 12.38 -16.73
N ARG A 763 -30.73 11.21 -16.96
CA ARG A 763 -29.42 10.95 -16.36
C ARG A 763 -28.36 11.90 -16.91
N LEU A 764 -28.41 12.20 -18.21
CA LEU A 764 -27.43 13.09 -18.81
C LEU A 764 -27.57 14.51 -18.25
N ILE A 765 -28.81 15.00 -18.13
CA ILE A 765 -29.01 16.36 -17.65
C ILE A 765 -28.80 16.46 -16.15
N LYS A 766 -28.86 15.34 -15.42
CA LYS A 766 -28.68 15.40 -13.98
C LYS A 766 -27.23 15.19 -13.55
N THR A 767 -26.38 14.64 -14.42
CA THR A 767 -25.01 14.31 -14.07
C THR A 767 -24.08 15.50 -14.33
N GLN A 768 -23.01 15.56 -13.54
CA GLN A 768 -21.99 16.60 -13.67
C GLN A 768 -20.63 16.08 -14.13
N ASN A 769 -20.36 14.79 -13.95
CA ASN A 769 -19.05 14.25 -14.32
C ASN A 769 -18.85 14.31 -15.83
N ILE A 770 -17.62 14.63 -16.24
CA ILE A 770 -17.32 14.79 -17.66
C ILE A 770 -17.40 13.44 -18.38
N SER A 771 -16.79 12.40 -17.81
CA SER A 771 -16.76 11.11 -18.48
C SER A 771 -18.15 10.49 -18.57
N THR A 772 -18.92 10.57 -17.48
CA THR A 772 -20.27 10.02 -17.47
C THR A 772 -21.13 10.69 -18.52
N GLU A 773 -21.16 12.02 -18.53
CA GLU A 773 -21.97 12.74 -19.49
C GLU A 773 -21.47 12.52 -20.92
N GLN A 774 -20.15 12.34 -21.09
CA GLN A 774 -19.61 12.08 -22.42
C GLN A 774 -20.12 10.73 -22.95
N ASN A 775 -20.07 9.70 -22.11
CA ASN A 775 -20.56 8.39 -22.55
C ASN A 775 -22.06 8.43 -22.79
N LEU A 776 -22.79 9.16 -21.95
CA LEU A 776 -24.24 9.28 -22.17
C LEU A 776 -24.55 10.01 -23.47
N LEU A 777 -23.79 11.06 -23.78
CA LEU A 777 -24.05 11.81 -25.05
C LEU A 777 -23.69 10.90 -26.24
N SER A 778 -22.61 10.13 -26.12
CA SER A 778 -22.27 9.18 -27.18
C SER A 778 -23.42 8.20 -27.40
N VAL A 779 -24.01 7.68 -26.33
CA VAL A 779 -25.18 6.82 -26.47
C VAL A 779 -26.31 7.57 -27.15
N LEU A 780 -26.56 8.81 -26.72
CA LEU A 780 -27.66 9.60 -27.28
C LEU A 780 -27.44 9.86 -28.77
N CYS A 781 -26.21 10.17 -29.18
CA CYS A 781 -25.94 10.37 -30.59
C CYS A 781 -26.06 9.08 -31.38
N PHE A 782 -25.76 7.94 -30.75
CA PHE A 782 -26.03 6.66 -31.41
C PHE A 782 -27.52 6.48 -31.67
N LEU A 783 -28.35 6.79 -30.67
CA LEU A 783 -29.79 6.71 -30.88
C LEU A 783 -30.27 7.70 -31.94
N THR A 784 -29.69 8.90 -31.95
CA THR A 784 -30.05 9.90 -32.94
C THR A 784 -29.69 9.42 -34.35
N CYS A 785 -28.53 8.80 -34.50
CA CYS A 785 -28.17 8.21 -35.79
C CYS A 785 -29.10 7.06 -36.15
N ASN A 786 -29.63 6.35 -35.15
CA ASN A 786 -30.60 5.29 -35.42
C ASN A 786 -31.88 5.87 -36.00
N ASP A 787 -32.44 6.89 -35.37
CA ASP A 787 -33.69 7.51 -35.81
C ASP A 787 -33.79 8.93 -35.28
N PRO A 788 -33.27 9.92 -36.01
CA PRO A 788 -33.27 11.29 -35.47
C PRO A 788 -34.66 11.90 -35.33
N LYS A 789 -35.58 11.58 -36.24
CA LYS A 789 -36.90 12.19 -36.22
C LYS A 789 -37.67 11.80 -34.97
N GLN A 790 -37.64 10.51 -34.61
CA GLN A 790 -38.37 10.06 -33.43
C GLN A 790 -37.78 10.65 -32.17
N THR A 791 -36.45 10.71 -32.07
CA THR A 791 -35.81 11.31 -30.90
C THR A 791 -36.16 12.79 -30.78
N VAL A 792 -36.14 13.52 -31.90
CA VAL A 792 -36.48 14.93 -31.87
C VAL A 792 -37.93 15.12 -31.44
N ASP A 793 -38.84 14.32 -31.99
CA ASP A 793 -40.25 14.42 -31.64
C ASP A 793 -40.48 14.13 -30.16
N PHE A 794 -39.85 13.07 -29.64
CA PHE A 794 -40.01 12.75 -28.23
C PHE A 794 -39.44 13.84 -27.34
N LEU A 795 -38.26 14.37 -27.69
CA LEU A 795 -37.65 15.41 -26.87
C LEU A 795 -38.51 16.67 -26.86
N SER A 796 -39.08 17.03 -28.01
CA SER A 796 -39.98 18.17 -28.05
C SER A 796 -41.24 17.91 -27.22
N SER A 797 -41.78 16.70 -27.31
CA SER A 797 -42.99 16.37 -26.55
C SER A 797 -42.69 16.28 -25.06
N PHE A 798 -41.58 15.66 -24.68
CA PHE A 798 -41.25 15.48 -23.28
C PHE A 798 -40.91 16.80 -22.61
N GLN A 799 -41.23 16.91 -21.33
CA GLN A 799 -41.01 18.10 -20.54
C GLN A 799 -40.25 17.74 -19.26
N ILE A 800 -39.21 18.51 -18.96
CA ILE A 800 -38.43 18.36 -17.74
C ILE A 800 -38.67 19.59 -16.88
N ASP A 801 -39.04 19.36 -15.61
CA ASP A 801 -39.39 20.44 -14.70
C ASP A 801 -40.47 21.31 -15.33
N ASN A 802 -40.15 22.56 -15.63
CA ASN A 802 -41.01 23.43 -16.44
C ASN A 802 -40.15 24.05 -17.53
N THR A 803 -39.92 23.28 -18.60
CA THR A 803 -39.22 23.69 -19.81
C THR A 803 -39.21 22.49 -20.76
N ASP A 804 -38.96 22.77 -22.03
CA ASP A 804 -38.84 21.71 -23.01
C ASP A 804 -37.49 21.01 -22.86
N ALA A 805 -37.51 19.68 -22.77
CA ALA A 805 -36.29 18.92 -22.51
C ALA A 805 -35.28 19.09 -23.64
N LEU A 806 -35.76 19.13 -24.88
CA LEU A 806 -34.87 19.25 -26.03
C LEU A 806 -33.93 20.45 -25.90
N THR A 807 -34.42 21.54 -25.30
CA THR A 807 -33.58 22.72 -25.12
C THR A 807 -32.35 22.40 -24.27
N LEU A 808 -32.56 21.80 -23.09
CA LEU A 808 -31.43 21.50 -22.21
C LEU A 808 -30.52 20.43 -22.81
N VAL A 809 -31.10 19.41 -23.46
CA VAL A 809 -30.24 18.37 -24.02
C VAL A 809 -29.40 18.93 -25.16
N MET A 810 -29.97 19.82 -25.98
CA MET A 810 -29.19 20.46 -27.04
C MET A 810 -28.11 21.36 -26.46
N ARG A 811 -28.45 22.12 -25.41
CA ARG A 811 -27.46 22.99 -24.79
C ARG A 811 -26.30 22.18 -24.24
N LYS A 812 -26.59 21.06 -23.58
CA LYS A 812 -25.54 20.20 -23.07
C LYS A 812 -24.70 19.62 -24.20
N TRP A 813 -25.36 19.22 -25.30
CA TRP A 813 -24.63 18.66 -26.43
C TRP A 813 -23.64 19.67 -27.01
N ILE A 814 -24.10 20.90 -27.25
CA ILE A 814 -23.20 21.91 -27.80
C ILE A 814 -22.12 22.28 -26.79
N GLU A 815 -22.46 22.30 -25.50
CA GLU A 815 -21.47 22.65 -24.49
C GLU A 815 -20.35 21.61 -24.44
N ALA A 816 -20.70 20.33 -24.53
CA ALA A 816 -19.71 19.27 -24.43
C ALA A 816 -19.10 18.88 -25.77
N PHE A 817 -19.57 19.45 -26.88
CA PHE A 817 -18.97 19.15 -28.17
C PHE A 817 -17.50 19.55 -28.18
N GLU A 818 -17.18 20.72 -27.65
CA GLU A 818 -15.80 21.20 -27.65
C GLU A 818 -14.90 20.40 -26.72
N VAL A 819 -15.45 19.52 -25.88
CA VAL A 819 -14.68 18.84 -24.84
C VAL A 819 -14.59 17.34 -25.06
N ILE A 820 -15.25 16.80 -26.09
CA ILE A 820 -15.15 15.36 -26.35
C ILE A 820 -13.77 15.04 -26.91
N ARG A 821 -13.21 13.92 -26.48
CA ARG A 821 -11.87 13.49 -26.91
C ARG A 821 -11.85 12.17 -27.66
N GLY A 822 -12.90 11.37 -27.57
CA GLY A 822 -12.92 10.09 -28.27
C GLY A 822 -13.03 10.30 -29.77
N GLU A 823 -12.00 9.87 -30.51
CA GLU A 823 -12.00 10.08 -31.95
C GLU A 823 -13.18 9.37 -32.62
N LYS A 824 -13.43 8.11 -32.24
CA LYS A 824 -14.65 7.44 -32.69
C LYS A 824 -15.89 8.15 -32.18
N ARG A 825 -15.86 8.59 -30.91
CA ARG A 825 -16.96 9.37 -30.38
C ARG A 825 -17.07 10.72 -31.10
N ILE A 826 -15.95 11.30 -31.49
CA ILE A 826 -15.97 12.55 -32.26
C ILE A 826 -16.67 12.32 -33.60
N LYS A 827 -16.33 11.21 -34.27
CA LYS A 827 -16.97 10.89 -35.54
C LYS A 827 -18.46 10.68 -35.37
N GLU A 828 -18.85 9.94 -34.32
CA GLU A 828 -20.27 9.72 -34.07
C GLU A 828 -20.98 11.05 -33.79
N ASN A 829 -20.34 11.88 -32.97
CA ASN A 829 -20.96 13.18 -32.61
C ASN A 829 -21.04 14.03 -33.88
N ILE A 830 -19.94 14.19 -34.61
CA ILE A 830 -19.95 15.06 -35.81
C ILE A 830 -20.99 14.52 -36.80
N VAL A 831 -21.00 13.21 -37.03
CA VAL A 831 -21.93 12.63 -38.04
C VAL A 831 -23.36 12.89 -37.58
N ALA A 832 -23.63 12.68 -36.28
CA ALA A 832 -25.01 12.86 -35.77
C ALA A 832 -25.42 14.33 -35.96
N LEU A 833 -24.51 15.26 -35.70
CA LEU A 833 -24.81 16.70 -35.85
C LEU A 833 -25.14 16.98 -37.31
N SER A 834 -24.32 16.45 -38.22
CA SER A 834 -24.59 16.66 -39.67
C SER A 834 -25.99 16.14 -39.98
N ASN A 835 -26.32 14.94 -39.49
CA ASN A 835 -27.63 14.33 -39.78
C ASN A 835 -28.74 15.24 -39.28
N LEU A 836 -28.62 15.76 -38.07
CA LEU A 836 -29.73 16.59 -37.50
C LEU A 836 -29.82 17.90 -38.29
N PHE A 837 -28.69 18.47 -38.70
CA PHE A 837 -28.72 19.69 -39.53
C PHE A 837 -29.51 19.39 -40.80
N PHE A 838 -29.19 18.26 -41.42
CA PHE A 838 -29.90 17.85 -42.66
C PHE A 838 -31.41 17.83 -42.38
N LEU A 839 -31.82 17.23 -41.26
CA LEU A 839 -33.26 17.12 -41.00
C LEU A 839 -33.93 18.48 -41.15
N ASN A 840 -33.30 19.54 -40.64
CA ASN A 840 -33.76 20.92 -40.81
C ASN A 840 -35.19 21.10 -40.30
N ASP A 841 -35.51 20.48 -39.18
CA ASP A 841 -36.81 20.65 -38.57
C ASP A 841 -36.97 22.04 -38.00
N LYS A 842 -38.20 22.55 -38.02
CA LYS A 842 -38.48 23.90 -37.52
C LYS A 842 -38.37 23.99 -36.00
N ARG A 843 -38.38 22.86 -35.31
CA ARG A 843 -38.32 22.89 -33.84
C ARG A 843 -37.00 23.47 -33.36
N LEU A 844 -35.89 23.08 -33.98
CA LEU A 844 -34.59 23.60 -33.56
C LEU A 844 -34.44 25.08 -33.92
N GLN A 845 -35.10 25.53 -34.99
CA GLN A 845 -35.01 26.94 -35.36
C GLN A 845 -35.59 27.83 -34.27
N LYS A 846 -36.71 27.43 -33.67
CA LYS A 846 -37.34 28.23 -32.64
C LYS A 846 -36.47 28.33 -31.39
N VAL A 847 -35.88 27.22 -30.96
CA VAL A 847 -35.09 27.20 -29.73
C VAL A 847 -33.74 27.86 -29.98
N VAL A 848 -33.15 28.37 -28.89
CA VAL A 848 -31.87 29.08 -28.94
C VAL A 848 -30.94 28.47 -27.90
N VAL A 849 -29.64 28.67 -28.11
CA VAL A 849 -28.63 28.21 -27.16
C VAL A 849 -27.77 29.39 -26.72
N ASN A 850 -26.82 29.13 -25.83
CA ASN A 850 -26.00 30.17 -25.20
C ASN A 850 -24.52 29.79 -25.27
N GLY A 851 -24.07 29.40 -26.46
CA GLY A 851 -22.69 28.98 -26.61
C GLY A 851 -21.69 30.11 -26.37
N ASN A 852 -21.96 31.28 -26.94
CA ASN A 852 -21.05 32.40 -26.81
C ASN A 852 -21.09 32.99 -25.40
N LEU A 853 -19.94 33.44 -24.93
CA LEU A 853 -19.80 34.04 -23.61
C LEU A 853 -19.46 35.51 -23.75
N ILE A 854 -20.24 36.37 -23.10
CA ILE A 854 -20.00 37.81 -23.12
C ILE A 854 -19.11 38.16 -21.93
N PRO A 855 -17.94 38.75 -22.15
CA PRO A 855 -17.07 39.12 -21.03
C PRO A 855 -17.73 40.16 -20.14
N TYR A 856 -17.41 40.08 -18.84
CA TYR A 856 -17.95 41.01 -17.87
C TYR A 856 -17.01 42.20 -17.71
N GLU A 857 -17.24 43.02 -16.68
CA GLU A 857 -16.47 44.22 -16.45
C GLU A 857 -15.92 44.22 -15.02
N GLY A 858 -14.90 45.04 -14.80
CA GLY A 858 -14.27 45.18 -13.52
C GLY A 858 -12.94 44.47 -13.39
N ASP A 859 -12.64 43.53 -14.28
CA ASP A 859 -11.38 42.79 -14.27
C ASP A 859 -11.15 42.10 -12.92
N LEU A 860 -12.21 41.57 -12.34
CA LEU A 860 -12.16 40.89 -11.05
C LEU A 860 -12.37 39.40 -11.25
N ILE A 861 -11.50 38.60 -10.64
CA ILE A 861 -11.61 37.14 -10.74
C ILE A 861 -12.78 36.69 -9.90
N ILE A 862 -13.69 35.92 -10.51
CA ILE A 862 -14.91 35.45 -9.85
C ILE A 862 -14.72 34.00 -9.47
N THR A 863 -14.91 33.70 -8.19
CA THR A 863 -14.82 32.34 -7.67
C THR A 863 -16.16 31.94 -7.07
N ARG A 864 -16.19 30.76 -6.42
CA ARG A 864 -17.41 30.25 -5.85
C ARG A 864 -17.93 31.08 -4.69
N SER A 865 -17.07 31.87 -4.04
CA SER A 865 -17.50 32.61 -2.86
C SER A 865 -18.52 33.69 -3.23
N MET A 866 -18.31 34.38 -4.34
CA MET A 866 -19.22 35.42 -4.79
C MET A 866 -19.89 35.07 -6.12
N ALA A 867 -19.96 33.78 -6.46
CA ALA A 867 -20.56 33.37 -7.72
C ALA A 867 -22.05 33.66 -7.74
N LYS A 868 -22.72 33.54 -6.60
CA LYS A 868 -24.17 33.72 -6.55
C LYS A 868 -24.56 35.15 -6.93
N LYS A 869 -23.83 36.14 -6.42
CA LYS A 869 -24.14 37.53 -6.74
C LYS A 869 -23.40 38.03 -7.98
N MET A 870 -22.45 37.26 -8.51
CA MET A 870 -21.68 37.63 -9.69
C MET A 870 -21.67 36.44 -10.64
N PRO A 871 -22.80 36.18 -11.30
CA PRO A 871 -22.90 34.99 -12.16
C PRO A 871 -22.51 35.29 -13.60
N ASP A 872 -22.16 34.22 -14.31
CA ASP A 872 -21.75 34.32 -15.70
C ASP A 872 -22.93 34.68 -16.59
N ARG A 873 -22.63 35.31 -17.71
CA ARG A 873 -23.63 35.71 -18.69
C ARG A 873 -23.24 35.17 -20.06
N TYR A 874 -24.24 34.70 -20.81
CA TYR A 874 -24.02 34.17 -22.15
C TYR A 874 -25.08 34.75 -23.10
N VAL A 875 -24.63 35.15 -24.29
CA VAL A 875 -25.56 35.65 -25.29
C VAL A 875 -26.26 34.48 -25.97
N GLN A 876 -27.41 34.78 -26.58
CA GLN A 876 -28.23 33.76 -27.22
C GLN A 876 -27.97 33.77 -28.73
N VAL A 877 -27.56 32.63 -29.27
CA VAL A 877 -27.30 32.49 -30.69
C VAL A 877 -28.00 31.22 -31.18
N PRO A 878 -28.45 31.17 -32.44
CA PRO A 878 -29.10 29.96 -32.95
C PRO A 878 -28.13 28.78 -32.98
N LEU A 879 -28.68 27.58 -32.80
CA LEU A 879 -27.86 26.38 -32.79
C LEU A 879 -27.18 26.13 -34.13
N TYR A 880 -27.86 26.42 -35.24
CA TYR A 880 -27.23 26.23 -36.56
C TYR A 880 -26.00 27.11 -36.70
N THR A 881 -26.11 28.39 -36.34
CA THR A 881 -24.96 29.28 -36.40
C THR A 881 -23.86 28.81 -35.46
N LYS A 882 -24.24 28.36 -34.25
CA LYS A 882 -23.25 27.92 -33.28
C LYS A 882 -22.48 26.71 -33.79
N ILE A 883 -23.19 25.73 -34.35
CA ILE A 883 -22.48 24.54 -34.84
C ILE A 883 -21.63 24.90 -36.05
N ILE A 884 -22.10 25.81 -36.91
CA ILE A 884 -21.30 26.23 -38.05
C ILE A 884 -20.00 26.86 -37.56
N LYS A 885 -20.08 27.75 -36.58
CA LYS A 885 -18.88 28.29 -35.96
C LYS A 885 -18.02 27.18 -35.37
N LEU A 886 -18.65 26.12 -34.83
CA LEU A 886 -17.88 25.03 -34.27
C LEU A 886 -17.05 24.31 -35.34
N PHE A 887 -17.67 23.97 -36.48
CA PHE A 887 -16.87 23.28 -37.50
C PHE A 887 -15.81 24.20 -38.09
N VAL A 888 -16.13 25.48 -38.29
CA VAL A 888 -15.10 26.36 -38.86
C VAL A 888 -13.94 26.55 -37.89
N SER A 889 -14.24 26.61 -36.59
CA SER A 889 -13.17 26.68 -35.59
C SER A 889 -12.35 25.40 -35.57
N GLU A 890 -13.00 24.25 -35.67
CA GLU A 890 -12.27 22.98 -35.69
C GLU A 890 -11.36 22.89 -36.91
N LEU A 891 -11.84 23.32 -38.08
CA LEU A 891 -10.99 23.36 -39.26
C LEU A 891 -9.85 24.36 -39.11
N SER A 892 -10.09 25.47 -38.42
CA SER A 892 -9.00 26.39 -38.11
C SER A 892 -7.94 25.72 -37.25
N PHE A 893 -8.38 24.93 -36.25
CA PHE A 893 -7.43 24.16 -35.46
C PHE A 893 -6.72 23.11 -36.31
N GLN A 894 -7.46 22.44 -37.20
CA GLN A 894 -6.89 21.42 -38.06
C GLN A 894 -5.97 22.05 -39.11
N SER A 964 -9.15 10.19 -40.41
CA SER A 964 -9.39 11.43 -39.68
C SER A 964 -10.78 11.97 -39.96
N VAL A 965 -11.23 12.91 -39.13
CA VAL A 965 -12.57 13.49 -39.28
C VAL A 965 -12.60 14.64 -40.26
N VAL A 966 -11.43 15.13 -40.70
CA VAL A 966 -11.39 16.28 -41.60
C VAL A 966 -12.06 15.96 -42.93
N GLN A 967 -11.81 14.75 -43.46
CA GLN A 967 -12.41 14.37 -44.74
C GLN A 967 -13.94 14.31 -44.64
N LEU A 968 -14.47 13.69 -43.58
CA LEU A 968 -15.91 13.64 -43.42
C LEU A 968 -16.50 15.03 -43.22
N LEU A 969 -15.80 15.89 -42.47
CA LEU A 969 -16.33 17.23 -42.22
C LEU A 969 -16.34 18.08 -43.49
N VAL A 970 -15.30 17.98 -44.31
CA VAL A 970 -15.31 18.73 -45.57
C VAL A 970 -16.32 18.14 -46.54
N ARG A 971 -16.55 16.82 -46.49
CA ARG A 971 -17.62 16.24 -47.29
C ARG A 971 -18.98 16.79 -46.85
N PHE A 972 -19.18 16.94 -45.54
CA PHE A 972 -20.40 17.55 -45.02
C PHE A 972 -20.51 18.99 -45.48
N PHE A 973 -19.40 19.72 -45.51
CA PHE A 973 -19.41 21.09 -46.03
C PHE A 973 -19.86 21.11 -47.49
N LYS A 974 -19.31 20.21 -48.30
CA LYS A 974 -19.67 20.16 -49.72
C LYS A 974 -21.15 19.81 -49.89
N GLU A 975 -21.64 18.87 -49.07
CA GLU A 975 -23.07 18.54 -49.12
C GLU A 975 -23.93 19.73 -48.73
N VAL A 976 -23.48 20.51 -47.73
CA VAL A 976 -24.20 21.71 -47.33
C VAL A 976 -24.25 22.71 -48.48
N ALA A 977 -23.11 22.90 -49.15
CA ALA A 977 -23.06 23.82 -50.28
C ALA A 977 -23.92 23.35 -51.45
N SER A 978 -24.26 22.05 -51.50
CA SER A 978 -25.10 21.54 -52.57
C SER A 978 -26.54 22.01 -52.46
N LYS A 979 -27.02 22.29 -51.25
CA LYS A 979 -28.39 22.74 -51.05
C LYS A 979 -28.53 24.02 -50.24
N ASP A 980 -27.50 24.45 -49.51
CA ASP A 980 -27.49 25.67 -48.69
C ASP A 980 -28.80 25.90 -47.95
N VAL A 981 -29.34 24.83 -47.36
CA VAL A 981 -30.62 24.91 -46.66
C VAL A 981 -30.45 25.68 -45.36
N SER A 982 -31.57 26.08 -44.75
CA SER A 982 -31.59 26.82 -43.48
C SER A 982 -30.81 28.12 -43.57
N GLY A 983 -30.81 28.75 -44.74
CA GLY A 983 -30.12 30.02 -44.92
C GLY A 983 -28.64 29.95 -44.67
N PHE A 984 -27.98 28.93 -45.24
CA PHE A 984 -26.54 28.76 -45.03
C PHE A 984 -25.76 29.95 -45.56
N HIS A 985 -26.23 30.59 -46.64
CA HIS A 985 -25.50 31.70 -47.24
C HIS A 985 -25.40 32.88 -46.27
N CYS A 986 -26.50 33.25 -45.63
CA CYS A 986 -26.48 34.39 -44.72
C CYS A 986 -25.63 34.10 -43.49
N ILE A 987 -25.72 32.87 -42.97
CA ILE A 987 -24.91 32.50 -41.81
C ILE A 987 -23.43 32.55 -42.17
N TYR A 988 -23.07 32.04 -43.35
CA TYR A 988 -21.68 32.12 -43.80
C TYR A 988 -21.24 33.57 -43.98
N GLU A 989 -22.16 34.43 -44.43
CA GLU A 989 -21.84 35.85 -44.54
C GLU A 989 -21.57 36.46 -43.18
N THR A 990 -22.34 36.06 -42.16
CA THR A 990 -22.14 36.58 -40.81
C THR A 990 -20.84 36.08 -40.17
N LEU A 991 -20.17 35.10 -40.77
CA LEU A 991 -18.94 34.59 -40.20
C LEU A 991 -17.81 35.61 -40.31
N SER A 992 -16.79 35.41 -39.50
CA SER A 992 -15.63 36.29 -39.49
C SER A 992 -14.78 36.08 -40.73
N ASP A 993 -13.81 36.98 -40.94
CA ASP A 993 -12.95 36.89 -42.11
C ASP A 993 -12.13 35.61 -42.10
N SER A 994 -11.54 35.27 -40.95
CA SER A 994 -10.79 34.03 -40.84
C SER A 994 -11.70 32.83 -41.02
N GLU A 995 -12.90 32.87 -40.43
CA GLU A 995 -13.85 31.78 -40.61
C GLU A 995 -14.27 31.64 -42.07
N ARG A 996 -14.51 32.77 -42.74
CA ARG A 996 -14.89 32.73 -44.14
C ARG A 996 -13.76 32.15 -45.00
N LYS A 997 -12.52 32.56 -44.74
CA LYS A 997 -11.39 32.01 -45.48
C LYS A 997 -11.24 30.51 -45.25
N VAL A 998 -11.39 30.07 -44.00
CA VAL A 998 -11.28 28.65 -43.68
C VAL A 998 -12.37 27.86 -44.38
N LEU A 999 -13.60 28.37 -44.37
CA LEU A 999 -14.69 27.69 -45.05
C LEU A 999 -14.46 27.63 -46.55
N SER A 1000 -13.96 28.71 -47.14
CA SER A 1000 -13.67 28.72 -48.57
C SER A 1000 -12.52 27.80 -48.93
N GLU A 1001 -11.62 27.53 -47.99
CA GLU A 1001 -10.53 26.58 -48.26
C GLU A 1001 -11.08 25.19 -48.57
N ALA A 1002 -12.08 24.74 -47.80
CA ALA A 1002 -12.69 23.45 -48.07
C ALA A 1002 -13.59 23.51 -49.30
N LEU A 1003 -14.33 24.61 -49.46
CA LEU A 1003 -15.22 24.77 -50.60
C LEU A 1003 -14.48 25.29 -51.82
N SER B 19 1.64 39.71 -20.90
CA SER B 19 0.89 40.02 -19.68
C SER B 19 0.43 41.47 -19.70
N ALA B 20 1.13 42.32 -20.45
CA ALA B 20 0.84 43.74 -20.51
C ALA B 20 -0.14 44.10 -21.62
N LYS B 21 -0.65 43.12 -22.36
CA LYS B 21 -1.59 43.41 -23.44
C LYS B 21 -2.90 43.97 -22.89
N ALA B 22 -3.49 43.30 -21.91
CA ALA B 22 -4.76 43.71 -21.33
C ALA B 22 -4.73 43.60 -19.82
N GLY B 23 -3.58 43.89 -19.21
CA GLY B 23 -3.47 43.86 -17.76
C GLY B 23 -3.42 42.49 -17.15
N LEU B 24 -3.01 41.47 -17.90
CA LEU B 24 -2.87 40.14 -17.33
C LEU B 24 -1.75 40.12 -16.29
N THR B 25 -1.94 39.32 -15.24
CA THR B 25 -1.00 39.32 -14.14
C THR B 25 0.25 38.50 -14.45
N PHE B 26 0.09 37.20 -14.65
CA PHE B 26 1.24 36.34 -14.86
C PHE B 26 1.81 36.54 -16.26
N PRO B 27 3.13 36.49 -16.41
CA PRO B 27 3.77 36.72 -17.70
C PRO B 27 3.64 35.49 -18.59
N VAL B 28 3.98 35.68 -19.86
CA VAL B 28 3.93 34.59 -20.83
C VAL B 28 5.29 33.95 -21.05
N GLY B 29 6.39 34.69 -20.92
CA GLY B 29 7.70 34.14 -21.19
C GLY B 29 8.11 33.05 -20.22
N ARG B 30 7.87 33.27 -18.92
CA ARG B 30 8.29 32.30 -17.92
C ARG B 30 7.53 30.99 -18.04
N VAL B 31 6.21 31.08 -18.16
CA VAL B 31 5.41 29.86 -18.33
C VAL B 31 5.72 29.19 -19.65
N HIS B 32 5.97 29.99 -20.69
CA HIS B 32 6.28 29.42 -22.00
C HIS B 32 7.59 28.63 -21.96
N ARG B 33 8.62 29.18 -21.32
CA ARG B 33 9.88 28.46 -21.23
C ARG B 33 9.77 27.26 -20.29
N LEU B 34 8.95 27.37 -19.23
CA LEU B 34 8.76 26.24 -18.34
C LEU B 34 8.06 25.08 -19.06
N LEU B 35 7.07 25.37 -19.88
CA LEU B 35 6.40 24.30 -20.62
C LEU B 35 7.25 23.80 -21.77
N ARG B 36 8.11 24.67 -22.34
CA ARG B 36 9.01 24.23 -23.40
C ARG B 36 10.10 23.31 -22.86
N ARG B 37 10.53 23.53 -21.62
CA ARG B 37 11.57 22.67 -21.04
C ARG B 37 11.11 21.23 -20.90
N GLY B 38 9.79 20.99 -20.83
CA GLY B 38 9.29 19.63 -20.79
C GLY B 38 9.11 18.99 -22.15
N ASN B 39 9.00 19.79 -23.20
CA ASN B 39 8.86 19.30 -24.58
C ASN B 39 7.67 18.35 -24.69
N TYR B 40 6.54 18.75 -24.10
CA TYR B 40 5.35 17.92 -24.14
C TYR B 40 4.73 17.87 -25.53
N ALA B 41 5.05 18.81 -26.41
CA ALA B 41 4.52 18.82 -27.77
C ALA B 41 5.53 19.47 -28.70
N GLN B 42 5.41 19.13 -29.98
CA GLN B 42 6.30 19.71 -30.98
C GLN B 42 6.08 21.21 -31.13
N ARG B 43 4.81 21.63 -31.15
CA ARG B 43 4.47 23.05 -31.27
C ARG B 43 3.41 23.41 -30.24
N ILE B 44 3.42 24.67 -29.82
CA ILE B 44 2.51 25.18 -28.79
C ILE B 44 1.46 26.04 -29.47
N GLY B 45 0.20 25.83 -29.11
CA GLY B 45 -0.87 26.63 -29.65
C GLY B 45 -0.82 28.07 -29.17
N SER B 46 -1.48 28.94 -29.95
CA SER B 46 -1.49 30.37 -29.61
C SER B 46 -2.20 30.64 -28.30
N GLY B 47 -3.35 29.98 -28.07
CA GLY B 47 -4.11 30.22 -26.86
C GLY B 47 -3.67 29.44 -25.64
N ALA B 48 -2.77 28.46 -25.82
CA ALA B 48 -2.32 27.67 -24.68
C ALA B 48 -1.62 28.50 -23.61
N PRO B 49 -0.66 29.38 -23.93
CA PRO B 49 0.00 30.13 -22.85
C PRO B 49 -0.95 31.04 -22.09
N VAL B 50 -1.78 31.82 -22.80
CA VAL B 50 -2.69 32.72 -22.11
C VAL B 50 -3.71 31.93 -21.28
N TYR B 51 -4.20 30.81 -21.82
CA TYR B 51 -5.14 29.98 -21.07
C TYR B 51 -4.52 29.45 -19.79
N LEU B 52 -3.29 28.93 -19.89
CA LEU B 52 -2.66 28.36 -18.70
C LEU B 52 -2.33 29.44 -17.68
N THR B 53 -1.86 30.61 -18.12
CA THR B 53 -1.66 31.69 -17.18
C THR B 53 -2.95 32.06 -16.47
N ALA B 54 -4.04 32.10 -17.25
CA ALA B 54 -5.36 32.44 -16.68
C ALA B 54 -5.79 31.37 -15.67
N VAL B 55 -5.80 30.09 -16.07
CA VAL B 55 -6.29 29.02 -15.16
C VAL B 55 -5.39 28.98 -13.91
N LEU B 56 -4.07 29.03 -14.10
CA LEU B 56 -3.12 28.92 -12.95
C LEU B 56 -3.40 30.05 -11.95
N GLU B 57 -3.45 31.30 -12.43
CA GLU B 57 -3.65 32.45 -11.50
C GLU B 57 -5.00 32.28 -10.80
N TYR B 58 -6.02 31.83 -11.53
CA TYR B 58 -7.36 31.64 -10.94
C TYR B 58 -7.28 30.64 -9.78
N LEU B 59 -6.66 29.48 -10.02
CA LEU B 59 -6.60 28.44 -8.97
C LEU B 59 -5.77 28.98 -7.80
N ALA B 60 -4.74 29.77 -8.08
CA ALA B 60 -3.90 30.35 -7.01
C ALA B 60 -4.76 31.25 -6.13
N ALA B 61 -5.58 32.10 -6.74
CA ALA B 61 -6.49 32.99 -5.98
C ALA B 61 -7.46 32.13 -5.17
N GLU B 62 -8.02 31.09 -5.78
CA GLU B 62 -8.96 30.18 -5.07
C GLU B 62 -8.32 29.76 -3.75
N ILE B 63 -6.99 29.68 -3.71
CA ILE B 63 -6.29 29.25 -2.49
C ILE B 63 -5.96 30.45 -1.61
N LEU B 64 -5.56 31.57 -2.21
CA LEU B 64 -5.21 32.75 -1.42
C LEU B 64 -6.42 33.30 -0.70
N GLU B 65 -7.56 33.35 -1.40
CA GLU B 65 -8.80 33.89 -0.79
C GLU B 65 -9.27 32.92 0.30
N LEU B 66 -9.14 31.62 0.06
CA LEU B 66 -9.50 30.62 1.11
C LEU B 66 -8.61 30.86 2.33
N ALA B 67 -7.30 30.97 2.10
CA ALA B 67 -6.36 31.23 3.21
C ALA B 67 -6.78 32.52 3.92
N GLY B 68 -7.15 33.54 3.14
CA GLY B 68 -7.55 34.83 3.74
C GLY B 68 -8.74 34.68 4.66
N ASN B 69 -9.79 34.01 4.19
CA ASN B 69 -11.02 33.84 5.00
C ASN B 69 -10.67 33.01 6.25
N ALA B 70 -9.76 32.05 6.08
CA ALA B 70 -9.29 31.25 7.25
C ALA B 70 -8.56 32.20 8.19
N ALA B 71 -7.83 33.16 7.64
CA ALA B 71 -7.16 34.19 8.49
C ALA B 71 -8.24 35.01 9.18
N ARG B 72 -9.26 35.46 8.42
CA ARG B 72 -10.38 36.20 9.04
C ARG B 72 -11.04 35.26 10.06
N ASP B 73 -11.16 33.97 9.71
CA ASP B 73 -11.71 32.98 10.69
C ASP B 73 -10.80 32.97 11.91
N ASN B 74 -9.49 33.06 11.69
CA ASN B 74 -8.52 33.10 12.82
C ASN B 74 -8.69 34.44 13.55
N LYS B 75 -9.49 35.35 12.98
CA LYS B 75 -9.69 36.68 13.59
C LYS B 75 -8.37 37.46 13.52
N LYS B 76 -7.48 37.05 12.62
CA LYS B 76 -6.17 37.73 12.45
C LYS B 76 -5.95 38.03 10.97
N THR B 77 -5.73 39.29 10.62
CA THR B 77 -5.53 39.67 9.19
C THR B 77 -4.30 38.95 8.65
N ARG B 78 -3.39 38.56 9.53
CA ARG B 78 -2.14 37.87 9.10
C ARG B 78 -2.48 36.54 8.42
N ILE B 79 -1.51 35.93 7.75
CA ILE B 79 -1.69 34.65 7.07
C ILE B 79 -0.50 33.75 7.38
N ILE B 80 -0.79 32.57 7.91
CA ILE B 80 0.23 31.56 8.18
C ILE B 80 -0.29 30.24 7.61
N PRO B 81 0.62 29.29 7.34
CA PRO B 81 0.17 28.04 6.71
C PRO B 81 -0.85 27.25 7.50
N ARG B 82 -0.99 27.49 8.80
CA ARG B 82 -2.03 26.79 9.56
C ARG B 82 -3.43 27.16 9.07
N HIS B 83 -3.66 28.44 8.80
CA HIS B 83 -4.93 28.86 8.22
C HIS B 83 -5.14 28.24 6.84
N LEU B 84 -4.05 28.15 6.07
CA LEU B 84 -4.15 27.51 4.76
C LEU B 84 -4.54 26.04 4.89
N GLN B 85 -3.97 25.35 5.88
CA GLN B 85 -4.31 23.95 6.12
C GLN B 85 -5.77 23.81 6.53
N LEU B 86 -6.25 24.70 7.41
CA LEU B 86 -7.66 24.67 7.78
C LEU B 86 -8.55 24.89 6.57
N ALA B 87 -8.19 25.85 5.72
CA ALA B 87 -8.99 26.15 4.54
C ALA B 87 -9.01 24.98 3.55
N ILE B 88 -7.85 24.36 3.32
CA ILE B 88 -7.80 23.27 2.34
C ILE B 88 -8.55 22.05 2.88
N ARG B 89 -8.45 21.79 4.18
CA ARG B 89 -9.18 20.65 4.75
C ARG B 89 -10.68 20.90 4.75
N ASN B 90 -11.09 22.15 4.99
CA ASN B 90 -12.51 22.47 4.98
C ASN B 90 -13.13 22.25 3.60
N ASP B 91 -12.42 22.63 2.54
CA ASP B 91 -12.92 22.50 1.18
C ASP B 91 -12.69 21.07 0.70
N ASP B 92 -13.78 20.30 0.63
CA ASP B 92 -13.66 18.89 0.24
C ASP B 92 -13.21 18.76 -1.21
N GLU B 93 -13.77 19.56 -2.11
CA GLU B 93 -13.36 19.49 -3.52
C GLU B 93 -11.91 19.90 -3.69
N LEU B 94 -11.47 20.91 -2.94
CA LEU B 94 -10.06 21.28 -2.97
C LEU B 94 -9.19 20.17 -2.39
N ASN B 95 -9.69 19.46 -1.38
CA ASN B 95 -8.98 18.30 -0.86
C ASN B 95 -8.79 17.24 -1.93
N LYS B 96 -9.86 16.95 -2.68
CA LYS B 96 -9.76 15.96 -3.75
C LYS B 96 -8.81 16.42 -4.84
N LEU B 97 -8.86 17.70 -5.19
CA LEU B 97 -8.00 18.23 -6.25
C LEU B 97 -6.53 18.18 -5.84
N LEU B 98 -6.22 18.57 -4.60
CA LEU B 98 -4.84 18.64 -4.13
C LEU B 98 -4.37 17.38 -3.44
N GLY B 99 -5.23 16.37 -3.31
CA GLY B 99 -4.85 15.13 -2.66
C GLY B 99 -4.65 15.27 -1.17
N TYR C 40 7.80 34.30 -10.18
CA TYR C 40 6.38 34.21 -9.87
C TYR C 40 6.08 34.84 -8.52
N SER C 41 6.58 36.06 -8.30
CA SER C 41 6.46 36.73 -7.01
C SER C 41 5.61 38.00 -7.10
N SER C 42 5.99 38.95 -7.95
CA SER C 42 5.24 40.20 -8.03
C SER C 42 3.79 39.96 -8.41
N TYR C 43 3.55 38.97 -9.28
CA TYR C 43 2.20 38.67 -9.73
C TYR C 43 1.32 38.19 -8.58
N ILE C 44 1.83 37.26 -7.77
CA ILE C 44 1.04 36.74 -6.67
C ILE C 44 0.86 37.79 -5.58
N TYR C 45 1.90 38.59 -5.30
CA TYR C 45 1.71 39.68 -4.33
C TYR C 45 0.69 40.70 -4.82
N LYS C 46 0.65 40.98 -6.12
CA LYS C 46 -0.29 41.98 -6.60
C LYS C 46 -1.72 41.45 -6.63
N VAL C 47 -1.92 40.20 -7.03
CA VAL C 47 -3.27 39.64 -6.92
C VAL C 47 -3.67 39.61 -5.45
N LEU C 48 -2.73 39.33 -4.56
CA LEU C 48 -2.99 39.38 -3.12
C LEU C 48 -3.48 40.76 -2.70
N LYS C 49 -2.80 41.83 -3.14
CA LYS C 49 -3.16 43.14 -2.61
C LYS C 49 -4.44 43.65 -3.26
N GLN C 50 -4.82 43.11 -4.42
CA GLN C 50 -6.09 43.57 -4.99
C GLN C 50 -7.28 42.79 -4.44
N THR C 51 -7.18 41.47 -4.24
CA THR C 51 -8.36 40.74 -3.77
C THR C 51 -8.65 41.04 -2.31
N HIS C 52 -7.61 41.19 -1.50
CA HIS C 52 -7.76 41.42 -0.06
C HIS C 52 -7.06 42.72 0.32
N PRO C 53 -7.77 43.74 0.78
CA PRO C 53 -7.11 45.01 1.14
C PRO C 53 -6.25 44.87 2.39
N ASP C 54 -6.76 44.19 3.40
CA ASP C 54 -6.06 44.00 4.68
C ASP C 54 -5.65 42.55 4.80
N THR C 55 -4.34 42.30 4.95
CA THR C 55 -3.83 40.95 5.06
C THR C 55 -2.44 40.98 5.66
N GLY C 56 -2.04 39.87 6.26
CA GLY C 56 -0.68 39.69 6.77
C GLY C 56 0.07 38.66 5.98
N ILE C 57 1.40 38.78 5.90
CA ILE C 57 2.18 38.04 4.93
C ILE C 57 3.52 37.64 5.54
N SER C 58 3.93 36.39 5.27
CA SER C 58 5.27 35.90 5.57
C SER C 58 5.79 35.14 4.36
N GLN C 59 7.13 35.06 4.25
CA GLN C 59 7.75 34.51 3.05
C GLN C 59 7.39 33.04 2.84
N LYS C 60 7.32 32.27 3.93
CA LYS C 60 6.99 30.85 3.81
C LYS C 60 5.58 30.65 3.26
N SER C 61 4.67 31.59 3.47
CA SER C 61 3.31 31.46 2.95
C SER C 61 3.31 31.33 1.42
N MET C 62 3.77 32.36 0.71
CA MET C 62 3.79 32.16 -0.74
C MET C 62 4.93 31.25 -1.18
N SER C 63 5.87 30.88 -0.30
CA SER C 63 6.78 29.80 -0.66
C SER C 63 6.01 28.50 -0.89
N ILE C 64 5.16 28.12 0.07
CA ILE C 64 4.34 26.92 -0.12
C ILE C 64 3.28 27.16 -1.19
N LEU C 65 2.80 28.39 -1.36
CA LEU C 65 1.88 28.67 -2.45
C LEU C 65 2.53 28.41 -3.81
N ASN C 66 3.74 28.96 -3.99
CA ASN C 66 4.47 28.68 -5.25
C ASN C 66 4.44 27.16 -5.44
N SER C 67 4.73 26.41 -4.37
CA SER C 67 4.81 24.92 -4.49
C SER C 67 3.50 24.37 -5.07
N PHE C 68 2.35 24.76 -4.51
CA PHE C 68 1.05 24.17 -4.97
C PHE C 68 0.84 24.48 -6.44
N VAL C 69 1.08 25.75 -6.84
CA VAL C 69 0.80 26.14 -8.24
C VAL C 69 1.75 25.38 -9.17
N ASN C 70 3.00 25.19 -8.74
CA ASN C 70 4.01 24.46 -9.57
C ASN C 70 3.53 23.02 -9.72
N ASP C 71 3.03 22.43 -8.64
CA ASP C 71 2.49 21.04 -8.69
C ASP C 71 1.36 20.99 -9.70
N ILE C 72 0.45 21.98 -9.65
CA ILE C 72 -0.70 21.97 -10.59
C ILE C 72 -0.16 22.05 -12.02
N PHE C 73 0.81 22.94 -12.27
CA PHE C 73 1.38 23.14 -13.63
C PHE C 73 1.99 21.82 -14.12
N GLU C 74 2.68 21.12 -13.22
CA GLU C 74 3.31 19.82 -13.59
C GLU C 74 2.18 18.81 -13.81
N ARG C 75 1.30 18.64 -12.82
CA ARG C 75 0.18 17.74 -13.07
C ARG C 75 -0.46 18.04 -14.41
N ILE C 76 -0.87 19.31 -14.62
CA ILE C 76 -1.59 19.67 -15.83
C ILE C 76 -0.74 19.40 -17.06
N ALA C 77 0.58 19.55 -16.94
CA ALA C 77 1.47 19.17 -18.03
C ALA C 77 1.37 17.68 -18.31
N THR C 78 1.25 16.88 -17.25
CA THR C 78 1.14 15.41 -17.41
C THR C 78 -0.16 15.09 -18.17
N GLU C 79 -1.31 15.47 -17.60
CA GLU C 79 -2.61 15.11 -18.24
C GLU C 79 -2.65 15.67 -19.66
N ALA C 80 -2.27 16.94 -19.83
CA ALA C 80 -2.34 17.55 -21.18
C ALA C 80 -1.52 16.70 -22.14
N SER C 81 -0.26 16.43 -21.80
CA SER C 81 0.62 15.66 -22.71
C SER C 81 0.00 14.30 -23.01
N LYS C 82 -0.50 13.60 -21.99
CA LYS C 82 -1.03 12.23 -22.23
C LYS C 82 -2.21 12.31 -23.20
N LEU C 83 -3.14 13.25 -22.98
CA LEU C 83 -4.33 13.29 -23.86
C LEU C 83 -3.88 13.66 -25.28
N ALA C 84 -2.90 14.56 -25.39
CA ALA C 84 -2.34 14.92 -26.71
C ALA C 84 -1.86 13.64 -27.40
N ALA C 85 -1.00 12.87 -26.73
CA ALA C 85 -0.53 11.61 -27.31
C ALA C 85 -1.70 10.69 -27.65
N TYR C 86 -2.72 10.66 -26.78
CA TYR C 86 -3.87 9.79 -27.01
C TYR C 86 -4.65 10.20 -28.25
N ASN C 87 -4.84 11.50 -28.46
CA ASN C 87 -5.54 11.98 -29.65
C ASN C 87 -4.61 12.13 -30.85
N LYS C 88 -3.32 11.86 -30.68
CA LYS C 88 -2.36 11.81 -31.79
C LYS C 88 -2.25 13.16 -32.49
N LYS C 89 -1.98 14.20 -31.70
CA LYS C 89 -1.73 15.54 -32.21
C LYS C 89 -0.41 16.03 -31.64
N SER C 90 0.52 16.38 -32.52
CA SER C 90 1.82 16.87 -32.09
C SER C 90 1.77 18.29 -31.57
N THR C 91 0.65 18.99 -31.74
CA THR C 91 0.50 20.37 -31.30
C THR C 91 -0.52 20.43 -30.18
N ILE C 92 -0.12 21.01 -29.05
CA ILE C 92 -1.04 21.25 -27.94
C ILE C 92 -1.72 22.60 -28.18
N SER C 93 -3.04 22.60 -28.11
CA SER C 93 -3.84 23.78 -28.43
C SER C 93 -4.95 23.90 -27.39
N ALA C 94 -5.95 24.72 -27.71
CA ALA C 94 -7.01 25.00 -26.75
C ALA C 94 -7.73 23.72 -26.31
N ARG C 95 -8.27 22.96 -27.27
CA ARG C 95 -9.11 21.82 -26.92
C ARG C 95 -8.41 20.88 -25.94
N GLU C 96 -7.10 20.73 -26.08
CA GLU C 96 -6.35 19.87 -25.16
C GLU C 96 -6.46 20.37 -23.71
N ILE C 97 -6.30 21.69 -23.51
CA ILE C 97 -6.29 22.18 -22.14
C ILE C 97 -7.71 22.35 -21.60
N GLN C 98 -8.70 22.66 -22.46
CA GLN C 98 -10.09 22.51 -22.03
C GLN C 98 -10.36 21.12 -21.51
N THR C 99 -9.98 20.11 -22.29
CA THR C 99 -10.21 18.70 -21.84
C THR C 99 -9.45 18.47 -20.54
N ALA C 100 -8.17 18.84 -20.50
CA ALA C 100 -7.33 18.57 -19.30
C ALA C 100 -7.96 19.21 -18.06
N VAL C 101 -8.25 20.51 -18.13
CA VAL C 101 -8.77 21.22 -16.93
C VAL C 101 -10.09 20.54 -16.52
N ARG C 102 -10.94 20.24 -17.51
CA ARG C 102 -12.26 19.65 -17.21
C ARG C 102 -12.08 18.34 -16.46
N LEU C 103 -11.18 17.47 -16.92
CA LEU C 103 -11.00 16.14 -16.29
C LEU C 103 -10.33 16.27 -14.92
N ILE C 104 -9.43 17.24 -14.74
CA ILE C 104 -8.69 17.30 -13.43
C ILE C 104 -9.57 17.97 -12.37
N LEU C 105 -9.88 19.25 -12.55
CA LEU C 105 -10.67 20.02 -11.59
C LEU C 105 -12.15 19.72 -11.75
N PRO C 106 -12.83 19.22 -10.73
CA PRO C 106 -14.29 19.03 -10.81
C PRO C 106 -15.06 20.19 -10.21
N GLY C 107 -16.39 20.17 -10.36
CA GLY C 107 -17.24 21.08 -9.64
C GLY C 107 -17.35 22.46 -10.26
N GLU C 108 -17.82 23.40 -9.44
CA GLU C 108 -18.11 24.75 -9.91
C GLU C 108 -16.84 25.49 -10.31
N LEU C 109 -15.74 25.25 -9.58
CA LEU C 109 -14.48 25.90 -9.91
C LEU C 109 -14.01 25.52 -11.31
N ALA C 110 -14.41 24.35 -11.81
CA ALA C 110 -14.05 23.95 -13.16
C ALA C 110 -14.71 24.87 -14.20
N LYS C 111 -16.02 25.08 -14.09
CA LYS C 111 -16.66 25.95 -15.06
C LYS C 111 -16.26 27.40 -14.88
N HIS C 112 -15.99 27.83 -13.64
CA HIS C 112 -15.44 29.16 -13.45
C HIS C 112 -14.09 29.30 -14.16
N ALA C 113 -13.24 28.27 -14.03
CA ALA C 113 -11.92 28.32 -14.66
C ALA C 113 -12.02 28.40 -16.17
N VAL C 114 -12.86 27.56 -16.78
CA VAL C 114 -12.98 27.62 -18.23
C VAL C 114 -13.59 28.95 -18.66
N SER C 115 -14.52 29.50 -17.86
CA SER C 115 -15.12 30.80 -18.19
C SER C 115 -14.06 31.90 -18.22
N GLU C 116 -13.23 31.97 -17.17
CA GLU C 116 -12.25 33.05 -17.14
C GLU C 116 -11.15 32.83 -18.17
N GLY C 117 -10.78 31.57 -18.42
CA GLY C 117 -9.83 31.30 -19.49
C GLY C 117 -10.37 31.73 -20.84
N THR C 118 -11.65 31.48 -21.10
CA THR C 118 -12.25 31.89 -22.37
C THR C 118 -12.29 33.40 -22.49
N ARG C 119 -12.73 34.10 -21.44
CA ARG C 119 -12.74 35.56 -21.54
C ARG C 119 -11.33 36.11 -21.68
N ALA C 120 -10.34 35.43 -21.09
CA ALA C 120 -8.95 35.86 -21.26
C ALA C 120 -8.47 35.67 -22.69
N VAL C 121 -8.81 34.55 -23.33
CA VAL C 121 -8.34 34.32 -24.68
C VAL C 121 -9.03 35.25 -25.66
N THR C 122 -10.34 35.50 -25.49
CA THR C 122 -11.00 36.47 -26.36
C THR C 122 -10.48 37.88 -26.13
N LYS C 123 -10.21 38.25 -24.87
CA LYS C 123 -9.65 39.58 -24.62
C LYS C 123 -8.19 39.68 -25.05
N TYR C 124 -7.56 38.55 -25.40
CA TYR C 124 -6.20 38.56 -25.92
C TYR C 124 -6.10 38.22 -27.40
N SER C 125 -7.07 37.50 -27.96
CA SER C 125 -7.04 37.21 -29.39
C SER C 125 -7.18 38.48 -30.22
N SER C 126 -8.05 39.39 -29.81
CA SER C 126 -8.27 40.64 -30.52
C SER C 126 -7.10 41.61 -30.29
N GLU D 9 -18.68 -3.08 35.70
CA GLU D 9 -17.46 -2.37 35.35
C GLU D 9 -16.77 -3.11 34.21
N VAL D 10 -16.49 -2.38 33.14
CA VAL D 10 -15.84 -2.93 31.95
C VAL D 10 -14.46 -2.30 31.83
N PRO D 11 -13.38 -3.09 31.84
CA PRO D 11 -12.04 -2.49 31.68
C PRO D 11 -11.90 -1.81 30.32
N THR D 12 -11.15 -0.71 30.31
CA THR D 12 -10.89 0.05 29.10
C THR D 12 -9.40 0.20 28.90
N PHE D 13 -8.98 0.15 27.64
CA PHE D 13 -7.58 0.27 27.26
C PHE D 13 -7.41 1.37 26.23
N LYS D 14 -6.44 2.25 26.45
CA LYS D 14 -6.17 3.33 25.51
C LYS D 14 -5.35 2.78 24.34
N LEU D 15 -5.86 2.96 23.13
CA LEU D 15 -5.22 2.48 21.92
C LEU D 15 -4.92 3.67 21.02
N VAL D 16 -3.68 3.77 20.56
CA VAL D 16 -3.24 4.83 19.66
C VAL D 16 -2.98 4.22 18.29
N LEU D 17 -3.50 4.87 17.26
CA LEU D 17 -3.36 4.42 15.88
C LEU D 17 -2.48 5.41 15.13
N VAL D 18 -1.36 4.92 14.59
CA VAL D 18 -0.40 5.76 13.89
C VAL D 18 -0.06 5.12 12.56
N GLY D 19 0.44 5.94 11.65
CA GLY D 19 0.84 5.47 10.33
C GLY D 19 1.05 6.64 9.40
N ASP D 20 1.66 6.33 8.26
CA ASP D 20 1.89 7.35 7.24
C ASP D 20 0.57 7.87 6.71
N GLY D 21 0.55 9.16 6.35
CA GLY D 21 -0.66 9.75 5.82
C GLY D 21 -1.09 9.07 4.53
N GLY D 22 -2.40 8.92 4.37
CA GLY D 22 -2.94 8.27 3.18
C GLY D 22 -2.96 6.76 3.23
N THR D 23 -2.77 6.16 4.41
CA THR D 23 -2.70 4.70 4.52
C THR D 23 -4.02 4.05 4.91
N GLY D 24 -5.02 4.83 5.32
CA GLY D 24 -6.31 4.27 5.64
C GLY D 24 -6.52 3.89 7.08
N LYS D 25 -6.28 4.83 8.00
CA LYS D 25 -6.51 4.59 9.42
C LYS D 25 -7.93 4.99 9.83
N THR D 26 -8.32 6.23 9.49
CA THR D 26 -9.64 6.70 9.86
C THR D 26 -10.73 5.87 9.18
N THR D 27 -10.52 5.45 7.94
CA THR D 27 -11.50 4.59 7.29
C THR D 27 -11.59 3.24 7.99
N PHE D 28 -10.46 2.73 8.48
CA PHE D 28 -10.48 1.45 9.19
C PHE D 28 -11.26 1.56 10.49
N VAL D 29 -10.99 2.60 11.28
CA VAL D 29 -11.72 2.75 12.54
C VAL D 29 -13.19 3.05 12.28
N LYS D 30 -13.50 3.79 11.22
CA LYS D 30 -14.90 4.05 10.88
C LYS D 30 -15.62 2.78 10.47
N ARG D 31 -14.96 1.93 9.70
CA ARG D 31 -15.55 0.65 9.31
C ARG D 31 -15.80 -0.22 10.53
N HIS D 32 -14.84 -0.25 11.47
CA HIS D 32 -15.07 -1.00 12.70
C HIS D 32 -16.20 -0.41 13.52
N LEU D 33 -16.37 0.91 13.48
CA LEU D 33 -17.43 1.55 14.26
C LEU D 33 -18.80 1.27 13.68
N THR D 34 -18.94 1.40 12.35
CA THR D 34 -20.24 1.28 11.70
C THR D 34 -20.34 0.03 10.83
N GLY D 35 -19.43 -0.14 9.87
CA GLY D 35 -19.47 -1.27 8.97
C GLY D 35 -19.60 -0.88 7.52
N GLU D 36 -19.29 0.38 7.22
CA GLU D 36 -19.39 0.92 5.87
C GLU D 36 -18.03 1.45 5.45
N PHE D 37 -17.57 1.05 4.27
CA PHE D 37 -16.23 1.36 3.80
C PHE D 37 -16.24 2.72 3.11
N GLU D 38 -15.44 3.66 3.64
CA GLU D 38 -15.40 5.01 3.11
C GLU D 38 -14.49 5.07 1.88
N LYS D 39 -14.91 5.82 0.88
CA LYS D 39 -14.22 5.88 -0.41
C LYS D 39 -13.32 7.10 -0.56
N LYS D 40 -13.88 8.31 -0.48
CA LYS D 40 -13.07 9.50 -0.73
C LYS D 40 -12.13 9.76 0.43
N TYR D 41 -10.96 10.31 0.12
CA TYR D 41 -9.91 10.52 1.12
C TYR D 41 -10.08 11.88 1.78
N ILE D 42 -10.24 11.88 3.10
CA ILE D 42 -10.26 13.10 3.90
C ILE D 42 -9.14 12.98 4.92
N ALA D 43 -8.15 13.86 4.82
CA ALA D 43 -6.99 13.78 5.70
C ALA D 43 -7.38 14.12 7.13
N THR D 44 -7.09 13.21 8.05
CA THR D 44 -7.38 13.46 9.46
C THR D 44 -6.45 14.54 10.01
N ILE D 45 -6.98 15.39 10.89
CA ILE D 45 -6.23 16.45 11.52
C ILE D 45 -6.35 16.32 13.02
N GLY D 46 -5.23 16.49 13.73
CA GLY D 46 -5.25 16.31 15.16
C GLY D 46 -5.46 14.85 15.53
N VAL D 47 -6.29 14.64 16.55
CA VAL D 47 -6.62 13.30 17.01
C VAL D 47 -8.12 13.22 17.30
N GLU D 48 -8.73 12.12 16.89
CA GLU D 48 -10.14 11.85 17.17
C GLU D 48 -10.24 10.58 18.00
N VAL D 49 -11.03 10.64 19.07
CA VAL D 49 -11.21 9.51 19.96
C VAL D 49 -12.52 8.81 19.60
N HIS D 50 -12.44 7.53 19.25
CA HIS D 50 -13.61 6.73 18.92
C HIS D 50 -13.67 5.53 19.85
N PRO D 51 -14.53 5.55 20.87
CA PRO D 51 -14.65 4.38 21.75
C PRO D 51 -15.11 3.16 20.97
N LEU D 52 -14.54 2.01 21.33
CA LEU D 52 -14.83 0.76 20.66
C LEU D 52 -15.15 -0.31 21.70
N SER D 53 -16.16 -1.13 21.40
CA SER D 53 -16.58 -2.21 22.27
C SER D 53 -16.66 -3.50 21.47
N PHE D 54 -16.21 -4.60 22.07
CA PHE D 54 -16.23 -5.91 21.44
C PHE D 54 -16.96 -6.89 22.34
N TYR D 55 -17.99 -7.53 21.80
CA TYR D 55 -18.78 -8.49 22.56
C TYR D 55 -18.11 -9.85 22.50
N THR D 56 -17.31 -10.16 23.51
CA THR D 56 -16.58 -11.42 23.61
C THR D 56 -16.94 -12.11 24.92
N ASN D 57 -16.38 -13.31 25.10
CA ASN D 57 -16.52 -14.01 26.36
C ASN D 57 -15.47 -13.50 27.35
N PHE D 58 -15.44 -14.10 28.54
CA PHE D 58 -14.53 -13.70 29.61
C PHE D 58 -14.66 -12.22 29.93
N GLY D 59 -15.88 -11.69 29.90
CA GLY D 59 -16.12 -10.29 30.11
C GLY D 59 -16.23 -9.51 28.81
N GLU D 60 -16.07 -8.20 28.93
CA GLU D 60 -16.19 -7.28 27.80
C GLU D 60 -14.89 -6.49 27.64
N ILE D 61 -14.49 -6.29 26.40
CA ILE D 61 -13.27 -5.55 26.07
C ILE D 61 -13.69 -4.23 25.43
N LYS D 62 -13.24 -3.12 26.02
CA LYS D 62 -13.54 -1.79 25.52
C LYS D 62 -12.24 -1.10 25.10
N PHE D 63 -12.23 -0.56 23.89
CA PHE D 63 -11.06 0.12 23.35
C PHE D 63 -11.36 1.60 23.15
N ASP D 64 -10.35 2.43 23.41
CA ASP D 64 -10.41 3.87 23.18
C ASP D 64 -9.40 4.17 22.08
N VAL D 65 -9.84 4.08 20.83
CA VAL D 65 -8.94 4.25 19.69
C VAL D 65 -8.59 5.72 19.56
N TRP D 66 -7.30 6.03 19.64
CA TRP D 66 -6.80 7.39 19.46
C TRP D 66 -6.23 7.52 18.05
N ASP D 67 -7.12 7.77 17.09
CA ASP D 67 -6.70 7.99 15.72
C ASP D 67 -5.82 9.24 15.65
N THR D 68 -4.68 9.11 14.97
CA THR D 68 -3.72 10.20 14.86
C THR D 68 -3.54 10.60 13.41
N ALA D 69 -3.27 11.89 13.20
CA ALA D 69 -3.04 12.39 11.85
C ALA D 69 -1.76 11.81 11.28
N GLY D 70 -1.84 11.31 10.05
CA GLY D 70 -0.70 10.70 9.40
C GLY D 70 0.24 11.67 8.71
N LEU D 71 -0.11 12.96 8.66
CA LEU D 71 0.71 13.97 8.01
C LEU D 71 1.30 14.88 9.07
N GLU D 72 2.62 15.12 8.96
CA GLU D 72 3.30 15.95 9.96
C GLU D 72 2.77 17.37 9.97
N LYS D 73 2.25 17.86 8.84
CA LYS D 73 1.72 19.21 8.80
C LYS D 73 0.43 19.37 9.59
N PHE D 74 -0.22 18.26 9.94
CA PHE D 74 -1.43 18.30 10.76
C PHE D 74 -1.25 17.70 12.14
N GLY D 75 -0.16 16.97 12.39
CA GLY D 75 0.05 16.33 13.66
C GLY D 75 0.61 17.25 14.72
N GLY D 76 -0.12 18.32 15.04
CA GLY D 76 0.30 19.21 16.11
C GLY D 76 0.32 18.52 17.46
N LEU D 77 1.46 18.57 18.14
CA LEU D 77 1.65 17.90 19.42
C LEU D 77 1.34 16.40 19.31
N ARG D 78 1.74 15.81 18.18
CA ARG D 78 1.43 14.41 17.92
C ARG D 78 2.09 13.49 18.94
N ASP D 79 3.35 13.76 19.28
CA ASP D 79 4.07 12.89 20.22
C ASP D 79 3.46 12.92 21.61
N GLY D 80 2.67 13.94 21.93
CA GLY D 80 2.07 14.08 23.24
C GLY D 80 0.78 13.33 23.43
N TYR D 81 0.43 12.41 22.53
CA TYR D 81 -0.81 11.65 22.62
C TYR D 81 -0.60 10.22 23.09
N TYR D 82 0.63 9.72 23.08
CA TYR D 82 0.93 8.38 23.55
C TYR D 82 1.35 8.35 25.02
N ILE D 83 0.92 9.34 25.80
CA ILE D 83 1.39 9.47 27.18
C ILE D 83 0.98 8.26 28.00
N ASN D 84 -0.27 7.84 27.89
CA ASN D 84 -0.81 6.74 28.68
C ASN D 84 -1.30 5.60 27.79
N ALA D 85 -0.68 5.42 26.63
CA ALA D 85 -1.08 4.36 25.73
C ALA D 85 -0.72 3.00 26.31
N GLN D 86 -1.63 2.04 26.15
CA GLN D 86 -1.39 0.66 26.57
C GLN D 86 -1.22 -0.30 25.40
N CYS D 87 -1.63 0.10 24.20
CA CYS D 87 -1.47 -0.73 23.01
C CYS D 87 -1.51 0.19 21.80
N ALA D 88 -0.70 -0.13 20.79
CA ALA D 88 -0.57 0.71 19.61
C ALA D 88 -0.67 -0.14 18.35
N ILE D 89 -1.16 0.48 17.29
CA ILE D 89 -1.30 -0.16 15.98
C ILE D 89 -0.57 0.71 14.97
N ILE D 90 0.44 0.15 14.31
CA ILE D 90 1.17 0.83 13.25
C ILE D 90 0.74 0.19 11.94
N MET D 91 0.03 0.95 11.10
CA MET D 91 -0.50 0.43 9.86
C MET D 91 0.10 1.21 8.69
N PHE D 92 0.46 0.49 7.63
CA PHE D 92 1.14 1.09 6.49
C PHE D 92 0.53 0.58 5.19
N ASP D 93 0.55 1.43 4.18
CA ASP D 93 0.05 1.05 2.87
C ASP D 93 1.00 0.07 2.20
N VAL D 94 0.44 -0.98 1.59
CA VAL D 94 1.25 -1.92 0.82
C VAL D 94 1.38 -1.51 -0.64
N THR D 95 0.64 -0.50 -1.08
CA THR D 95 0.77 -0.02 -2.45
C THR D 95 1.93 0.93 -2.62
N SER D 96 2.51 1.41 -1.52
CA SER D 96 3.64 2.33 -1.55
C SER D 96 4.68 1.87 -0.55
N ARG D 97 5.94 1.78 -1.00
CA ARG D 97 7.03 1.37 -0.11
C ARG D 97 7.44 2.46 0.85
N ILE D 98 7.03 3.71 0.58
CA ILE D 98 7.43 4.82 1.45
C ILE D 98 6.82 4.66 2.84
N THR D 99 5.60 4.14 2.92
CA THR D 99 4.97 3.92 4.22
C THR D 99 5.74 2.87 5.02
N TYR D 100 6.15 1.78 4.37
CA TYR D 100 6.93 0.78 5.07
C TYR D 100 8.28 1.34 5.51
N LYS D 101 8.89 2.18 4.66
CA LYS D 101 10.16 2.79 5.04
C LYS D 101 9.98 3.73 6.23
N ASN D 102 8.83 4.40 6.33
CA ASN D 102 8.56 5.28 7.45
C ASN D 102 8.14 4.53 8.72
N VAL D 103 7.70 3.28 8.58
CA VAL D 103 7.26 2.50 9.74
C VAL D 103 8.31 2.47 10.86
N PRO D 104 9.60 2.24 10.60
CA PRO D 104 10.56 2.24 11.71
C PRO D 104 10.57 3.53 12.51
N ASN D 105 10.37 4.68 11.86
CA ASN D 105 10.28 5.93 12.61
C ASN D 105 9.09 5.92 13.56
N TRP D 106 7.94 5.44 13.08
CA TRP D 106 6.76 5.34 13.92
C TRP D 106 7.02 4.44 15.12
N HIS D 107 7.65 3.28 14.88
CA HIS D 107 7.95 2.37 15.98
C HIS D 107 8.93 2.99 16.97
N ARG D 108 9.92 3.71 16.47
CA ARG D 108 10.89 4.35 17.35
C ARG D 108 10.23 5.39 18.24
N ASP D 109 9.38 6.24 17.66
CA ASP D 109 8.67 7.23 18.47
C ASP D 109 7.75 6.57 19.49
N LEU D 110 7.02 5.53 19.07
CA LEU D 110 6.13 4.85 20.00
C LEU D 110 6.90 4.22 21.16
N VAL D 111 8.04 3.60 20.86
CA VAL D 111 8.87 3.01 21.91
C VAL D 111 9.41 4.09 22.83
N ARG D 112 9.82 5.22 22.26
CA ARG D 112 10.37 6.30 23.07
C ARG D 112 9.34 6.85 24.05
N VAL D 113 8.12 7.10 23.58
CA VAL D 113 7.10 7.66 24.46
C VAL D 113 6.68 6.65 25.52
N CYS D 114 6.41 5.41 25.10
CA CYS D 114 6.04 4.33 26.01
C CYS D 114 6.88 3.10 25.67
N GLU D 115 7.45 2.47 26.70
CA GLU D 115 8.55 1.55 26.49
C GLU D 115 8.12 0.29 25.75
N ASN D 116 7.29 -0.53 26.39
CA ASN D 116 7.08 -1.90 25.92
C ASN D 116 5.60 -2.28 25.93
N ILE D 117 4.76 -1.40 25.37
CA ILE D 117 3.36 -1.77 25.16
C ILE D 117 3.30 -2.72 23.97
N PRO D 118 2.31 -3.61 23.88
CA PRO D 118 2.22 -4.49 22.70
C PRO D 118 1.90 -3.69 21.45
N ILE D 119 2.69 -3.92 20.40
CA ILE D 119 2.55 -3.23 19.12
C ILE D 119 2.22 -4.27 18.06
N VAL D 120 1.19 -4.00 17.26
CA VAL D 120 0.81 -4.85 16.14
C VAL D 120 0.92 -4.03 14.86
N LEU D 121 1.61 -4.59 13.87
CA LEU D 121 1.84 -3.91 12.59
C LEU D 121 0.91 -4.50 11.55
N CYS D 122 0.14 -3.64 10.89
CA CYS D 122 -0.88 -4.06 9.94
C CYS D 122 -0.56 -3.55 8.55
N GLY D 123 -0.62 -4.44 7.56
CA GLY D 123 -0.48 -4.05 6.17
C GLY D 123 -1.82 -3.81 5.50
N ASN D 124 -2.21 -2.55 5.38
CA ASN D 124 -3.53 -2.21 4.84
C ASN D 124 -3.52 -2.28 3.32
N LYS D 125 -4.74 -2.21 2.75
CA LYS D 125 -4.93 -2.13 1.31
C LYS D 125 -4.39 -3.38 0.59
N VAL D 126 -4.69 -4.55 1.17
CA VAL D 126 -4.28 -5.81 0.55
C VAL D 126 -5.26 -6.26 -0.53
N ASP D 127 -6.47 -5.69 -0.57
CA ASP D 127 -7.44 -6.08 -1.58
C ASP D 127 -7.05 -5.61 -2.98
N VAL D 128 -6.11 -4.67 -3.08
CA VAL D 128 -5.66 -4.22 -4.39
C VAL D 128 -4.95 -5.37 -5.10
N LYS D 129 -4.99 -5.34 -6.45
CA LYS D 129 -4.47 -6.46 -7.22
C LYS D 129 -2.97 -6.63 -7.06
N GLU D 130 -2.23 -5.52 -7.02
CA GLU D 130 -0.77 -5.56 -6.96
C GLU D 130 -0.28 -4.78 -5.76
N ARG D 131 0.73 -5.33 -5.08
CA ARG D 131 1.36 -4.68 -3.93
C ARG D 131 2.83 -4.49 -4.24
N LYS D 132 3.32 -3.25 -4.11
CA LYS D 132 4.72 -2.96 -4.37
C LYS D 132 5.63 -3.58 -3.33
N VAL D 133 5.12 -3.89 -2.15
CA VAL D 133 5.87 -4.57 -1.10
C VAL D 133 5.17 -5.88 -0.77
N LYS D 134 5.91 -6.97 -0.80
CA LYS D 134 5.38 -8.31 -0.56
C LYS D 134 5.72 -8.74 0.86
N ALA D 135 5.30 -9.97 1.19
CA ALA D 135 5.55 -10.52 2.51
C ALA D 135 7.02 -10.83 2.76
N LYS D 136 7.87 -10.78 1.74
CA LYS D 136 9.29 -11.06 1.88
C LYS D 136 10.09 -9.82 2.24
N THR D 137 9.45 -8.66 2.39
CA THR D 137 10.17 -7.42 2.69
C THR D 137 9.66 -6.85 4.01
N ILE D 138 9.55 -7.70 5.03
CA ILE D 138 9.05 -7.30 6.33
C ILE D 138 10.14 -7.54 7.37
N THR D 139 11.40 -7.37 6.96
CA THR D 139 12.53 -7.71 7.81
C THR D 139 12.53 -6.97 9.14
N PHE D 140 11.91 -5.78 9.18
CA PHE D 140 11.96 -4.98 10.40
C PHE D 140 11.24 -5.66 11.55
N HIS D 141 10.05 -6.21 11.30
CA HIS D 141 9.21 -6.68 12.40
C HIS D 141 9.71 -8.00 12.98
N ARG D 142 10.36 -8.84 12.18
CA ARG D 142 10.79 -10.14 12.68
C ARG D 142 11.90 -10.03 13.72
N LYS D 143 12.65 -8.94 13.74
CA LYS D 143 13.73 -8.74 14.71
C LYS D 143 13.29 -7.92 15.91
N LYS D 144 12.04 -7.48 15.97
CA LYS D 144 11.54 -6.69 17.10
C LYS D 144 10.38 -7.38 17.81
N ASN D 145 10.28 -8.70 17.67
CA ASN D 145 9.23 -9.54 18.26
C ASN D 145 7.85 -8.90 18.15
N LEU D 146 7.57 -8.26 17.01
CA LEU D 146 6.27 -7.69 16.73
C LEU D 146 5.39 -8.71 16.00
N GLN D 147 4.13 -8.33 15.81
CA GLN D 147 3.17 -9.22 15.16
C GLN D 147 2.67 -8.58 13.88
N TYR D 148 2.84 -9.27 12.77
CA TYR D 148 2.45 -8.78 11.44
C TYR D 148 1.09 -9.36 11.07
N TYR D 149 0.13 -8.49 10.80
CA TYR D 149 -1.20 -8.91 10.41
C TYR D 149 -1.58 -8.19 9.11
N ASP D 150 -2.10 -8.95 8.16
CA ASP D 150 -2.49 -8.43 6.85
C ASP D 150 -4.00 -8.19 6.86
N ILE D 151 -4.40 -6.93 6.71
CA ILE D 151 -5.81 -6.54 6.78
C ILE D 151 -6.14 -5.68 5.56
N SER D 152 -7.44 -5.55 5.31
CA SER D 152 -7.96 -4.70 4.25
C SER D 152 -9.17 -3.93 4.78
N ALA D 153 -9.44 -2.79 4.14
CA ALA D 153 -10.58 -1.97 4.53
C ALA D 153 -11.78 -2.14 3.59
N LYS D 154 -11.53 -2.26 2.29
CA LYS D 154 -12.63 -2.48 1.35
C LYS D 154 -13.31 -3.80 1.64
N SER D 155 -12.53 -4.84 1.91
CA SER D 155 -13.04 -6.12 2.37
C SER D 155 -12.79 -6.27 3.86
N ASN D 156 -13.35 -7.33 4.44
CA ASN D 156 -13.21 -7.62 5.86
C ASN D 156 -12.14 -8.68 6.13
N TYR D 157 -11.08 -8.70 5.33
CA TYR D 157 -10.02 -9.69 5.50
C TYR D 157 -9.22 -9.36 6.76
N ASN D 158 -9.38 -10.17 7.80
CA ASN D 158 -8.64 -10.03 9.05
C ASN D 158 -8.85 -8.66 9.69
N PHE D 159 -10.01 -8.06 9.48
CA PHE D 159 -10.28 -6.73 10.02
C PHE D 159 -10.54 -6.72 11.51
N GLU D 160 -10.98 -7.84 12.10
CA GLU D 160 -11.12 -7.96 13.54
C GLU D 160 -9.92 -8.60 14.21
N LYS D 161 -8.99 -9.15 13.44
CA LYS D 161 -7.89 -9.92 14.00
C LYS D 161 -6.92 -9.09 14.86
N PRO D 162 -6.42 -7.94 14.42
CA PRO D 162 -5.46 -7.21 15.28
C PRO D 162 -6.04 -6.81 16.62
N PHE D 163 -7.31 -6.41 16.65
CA PHE D 163 -7.95 -6.09 17.93
C PHE D 163 -8.03 -7.33 18.81
N LEU D 164 -8.33 -8.49 18.21
CA LEU D 164 -8.37 -9.74 18.97
C LEU D 164 -7.01 -10.05 19.59
N TRP D 165 -5.94 -9.91 18.81
CA TRP D 165 -4.60 -10.18 19.33
C TRP D 165 -4.23 -9.21 20.44
N LEU D 166 -4.54 -7.92 20.26
CA LEU D 166 -4.24 -6.93 21.29
C LEU D 166 -5.02 -7.21 22.56
N ALA D 167 -6.29 -7.57 22.45
CA ALA D 167 -7.08 -7.91 23.63
C ALA D 167 -6.53 -9.15 24.32
N ARG D 168 -6.12 -10.15 23.54
CA ARG D 168 -5.54 -11.35 24.13
C ARG D 168 -4.28 -11.03 24.91
N LYS D 169 -3.41 -10.18 24.35
CA LYS D 169 -2.19 -9.83 25.05
C LYS D 169 -2.47 -8.98 26.29
N LEU D 170 -3.40 -8.02 26.19
CA LEU D 170 -3.66 -7.13 27.31
C LEU D 170 -4.33 -7.86 28.47
N ALA D 171 -5.32 -8.70 28.18
CA ALA D 171 -6.03 -9.41 29.22
C ALA D 171 -5.27 -10.64 29.73
N GLY D 172 -4.18 -11.01 29.07
CA GLY D 172 -3.46 -12.21 29.46
C GLY D 172 -4.28 -13.48 29.31
N ASN D 173 -5.12 -13.54 28.28
CA ASN D 173 -6.05 -14.64 28.06
C ASN D 173 -5.85 -15.16 26.65
N PRO D 174 -4.88 -16.05 26.44
CA PRO D 174 -4.64 -16.58 25.08
C PRO D 174 -5.82 -17.36 24.53
N GLN D 175 -6.75 -17.81 25.37
CA GLN D 175 -7.94 -18.52 24.92
C GLN D 175 -9.15 -17.60 24.82
N LEU D 176 -8.93 -16.34 24.46
CA LEU D 176 -10.02 -15.38 24.29
C LEU D 176 -10.32 -15.22 22.80
N GLU D 177 -11.59 -15.36 22.44
CA GLU D 177 -12.02 -15.23 21.06
C GLU D 177 -13.16 -14.23 20.98
N PHE D 178 -13.34 -13.65 19.79
CA PHE D 178 -14.39 -12.67 19.55
C PHE D 178 -15.67 -13.36 19.11
N VAL D 179 -16.79 -12.72 19.40
CA VAL D 179 -18.10 -13.23 19.01
C VAL D 179 -19.11 -12.09 18.91
MG MG E . -7.14 9.89 7.82
PG GTP F . -4.36 10.33 7.18
O1G GTP F . -3.26 9.65 7.95
O2G GTP F . -3.96 10.64 5.76
O3G GTP F . -4.93 11.53 7.89
O3B GTP F . -5.56 9.25 7.07
PB GTP F . -5.61 7.77 6.48
O1B GTP F . -5.29 7.84 5.02
O2B GTP F . -4.82 6.88 7.36
O3A GTP F . -7.17 7.44 6.64
PA GTP F . -8.48 8.14 6.03
O1A GTP F . -9.69 7.44 6.54
O2A GTP F . -8.37 9.62 6.25
O5' GTP F . -8.30 7.83 4.47
C5' GTP F . -8.14 6.44 4.08
C4' GTP F . -8.18 6.32 2.58
O4' GTP F . -7.56 5.06 2.21
C3' GTP F . -9.59 6.25 1.98
O3' GTP F . -9.58 6.72 0.63
C2' GTP F . -9.86 4.75 2.04
O2' GTP F . -10.91 4.32 1.18
C1' GTP F . -8.50 4.20 1.62
N9 GTP F . -8.24 2.84 2.09
C8 GTP F . -7.76 2.48 3.32
N7 GTP F . -7.62 1.19 3.47
C5 GTP F . -8.05 0.66 2.25
C6 GTP F . -8.11 -0.69 1.81
O6 GTP F . -7.81 -1.72 2.44
N1 GTP F . -8.59 -0.78 0.50
C2 GTP F . -8.95 0.30 -0.28
N2 GTP F . -9.38 0.01 -1.51
N3 GTP F . -8.89 1.56 0.13
C4 GTP F . -8.42 1.67 1.39
#